data_2NVU
#
_entry.id   2NVU
#
_cell.length_a   156.494
_cell.length_b   156.494
_cell.length_c   190.485
_cell.angle_alpha   90.000
_cell.angle_beta   90.000
_cell.angle_gamma   120.000
#
_symmetry.space_group_name_H-M   'P 32 2 1'
#
loop_
_entity.id
_entity.type
_entity.pdbx_description
1 polymer 'NEDD8-activating enzyme E1 regulatory subunit'
2 polymer 'Maltose binding protein/NEDD8-activating enzyme E1 catalytic subunit chimera'
3 polymer 'NEDD8-conjugating enzyme Ubc12'
4 polymer NEDD8
5 non-polymer 'MAGNESIUM ION'
6 non-polymer 'ZINC ION'
7 non-polymer "ADENOSINE-5'-TRIPHOSPHATE"
8 water water
#
loop_
_entity_poly.entity_id
_entity_poly.type
_entity_poly.pdbx_seq_one_letter_code
_entity_poly.pdbx_strand_id
1 'polypeptide(L)'
;GSMAQLGKLLKEQKYDRQLRLWGDHGQEALESAHVCLINATATGTEILKNLVLPGIGSFTIIDGNQVSGEDAGNNFFLQR
SSIGKNRAEAAMEFLQELNSDVSGSFVEESPENLLDNDPSFFCRFTVVVATQLPESTSLRLADVLWNSQIPLLICRTYGL
VGYMRIIIKEHPVIESHPDNALEDLRLDKPFPELREHFQSYDLDHMEKKDHSHTPWIVIIAKYLAQWYSETNGRIPKTYK
EKEDFRDLIRQGILKNENGAPEDEENFEEAIKNVNTALNTTQIPSSIEDIFNDDRCINITKQTPSFWILARALKEFVAKE
GQGNLPVRGTIPDMIADSGKYIKLQNVYREKAKKDAAAVGNHVAKLLQSIGQAPESISEKELKLLCSNSAFLRVVRCRSL
AEEYGLDTINKDEIISSMDNPDNEIVLYLMLRAVDRFHKQQGRYPGVSNYQVEEDIGKLKSCLTGFLQEYGLSVMVKDDY
VHEFCRYGAAEPHTIAAFLGGAAAQEVIKIITKQFVIFNNTYIYSGMSQTSATFQL
;
A
2 'polypeptide(L)'
;MKLMKIEEGKLVIWINGDKGYNGLAEVGKKFEKDTGIKVTVEHPDKLEEKFPQVAATGDGPDIIFWAHDRFGGYAQSGLL
AEITPDKAFQDKLYPFTWDAVRYNGKLIAYPIAVEALSLIYNKDLLPNPPKTWEEIPALDKELKAKGKSALMFNLQEPYF
TWPLIAADGGYAFKYENGKYDIKDVGVDNAGAKAGLTFLVDLIKNKHMNADTDYSIAEAAFNKGETAMTINGPWAWSNID
TSKVNYGVTVLPTFKGQPSKPFVGVLSAGINAASPNKELAKEFLENYLLTDEGLEAVNKDKPLGAVALKSYEEELAKDPR
IAATMENAQKGEIMPNIPQMSAFWYAVRTAVINAASGRQTVDAALAAAQTNAAADWEGRWNHVKKFLERSGPFTHPDFEP
STESLQFLLDTCKVLVIGAGGLGCELLKNLALSGFRQIHVIDMDTIDVSNLNRQFLFRPKDIGRPKAEVAAEFLNDRVPN
CNVVPHFNKIQDFNDTFYRQFHIIVCGLDSIIARRWINGMLISLLNYEDGVLDPSSIVPLIDGGTEGFKGNARVILPGMT
ACIECTLELYPPQVNFPMCTIASMPRLPEHCIEYVRMLQWPKEQPFGEGVPLDGDDPEHIQWIFQKSLERASQYNIRGVT
YRLTQGVVKRIIPAVASTNAVIAAVCATEVFKIATSAYIPLNNYLVFNDVDGLYTYTFEAERKENCPACSQLPQNIQFSP
SAKLQEVLDYLTNSASLQMKSPAITATLEGKNRTLYLQSVTSIEERTRPNLSKTLKELGLVDGQELAVADVTTPQTVLFK
LHFTS
;
B
3 'polypeptide(L)'
;GSMIKLFSLKQQKKEEEKGSSKKASAAQLRIQKDINELNLPKTCDISFSDPDDLLNFKLVICPDEGFYKSGKFVFSFKVG
QGYPHDPPKVKCETMVYHPNIDLEGNVALNILREDWKPVLTINSIIYGLQYLFLEPNPEDPLNKEAAEVLQNNRRLFEQN
VQRSMRGGYIGSTYFERCLK
;
C
4 'polypeptide(L)'
;GSGGSMLIKVKTLTGKEIEIDIEPTDKVERIKERVEEKEGIPPQQQRLIYSGKQMNDEKTAADYKILGGSVLHLVLALRG
G
;
I,J
#
# COMPACT_ATOMS: atom_id res chain seq x y z
N GLY A 7 -26.34 6.56 -16.11
CA GLY A 7 -25.38 6.13 -15.04
C GLY A 7 -24.77 7.32 -14.30
N LYS A 8 -25.62 8.05 -13.58
CA LYS A 8 -25.18 9.21 -12.83
C LYS A 8 -24.92 8.83 -11.37
N LEU A 9 -25.80 7.98 -10.84
CA LEU A 9 -25.70 7.50 -9.47
C LEU A 9 -24.51 6.52 -9.43
N LEU A 10 -23.89 6.31 -10.58
CA LEU A 10 -22.76 5.42 -10.69
C LEU A 10 -21.48 6.26 -10.64
N LYS A 11 -21.54 7.46 -11.21
CA LYS A 11 -20.41 8.39 -11.24
C LYS A 11 -20.03 8.78 -9.83
N GLU A 12 -21.05 9.10 -9.04
CA GLU A 12 -20.91 9.50 -7.66
C GLU A 12 -20.39 8.35 -6.78
N GLN A 13 -20.51 7.11 -7.27
CA GLN A 13 -20.03 5.96 -6.53
C GLN A 13 -18.54 5.76 -6.74
N LYS A 14 -18.08 5.94 -7.98
CA LYS A 14 -16.66 5.74 -8.24
C LYS A 14 -15.80 6.96 -8.00
N TYR A 15 -16.42 8.09 -7.69
CA TYR A 15 -15.69 9.32 -7.44
C TYR A 15 -15.83 9.76 -5.99
N ASP A 16 -16.47 8.92 -5.17
CA ASP A 16 -16.72 9.25 -3.77
C ASP A 16 -15.52 9.81 -2.99
N ARG A 17 -14.41 9.09 -3.00
CA ARG A 17 -13.24 9.51 -2.27
C ARG A 17 -12.70 10.88 -2.65
N GLN A 18 -12.97 11.37 -3.87
CA GLN A 18 -12.44 12.69 -4.23
C GLN A 18 -13.45 13.81 -4.08
N LEU A 19 -14.72 13.44 -4.10
CA LEU A 19 -15.77 14.42 -3.93
C LEU A 19 -15.66 14.87 -2.48
N ARG A 20 -15.13 13.98 -1.65
CA ARG A 20 -14.96 14.29 -0.25
C ARG A 20 -13.88 15.33 -0.09
N LEU A 21 -13.14 15.62 -1.16
CA LEU A 21 -12.05 16.59 -1.13
C LEU A 21 -12.35 17.93 -1.82
N TRP A 22 -12.93 17.89 -3.01
CA TRP A 22 -13.22 19.15 -3.71
C TRP A 22 -14.70 19.33 -4.02
N GLY A 23 -15.48 18.34 -3.59
CA GLY A 23 -16.92 18.39 -3.75
C GLY A 23 -17.50 18.32 -5.14
N ASP A 24 -18.83 18.24 -5.19
CA ASP A 24 -19.56 18.18 -6.44
C ASP A 24 -19.26 19.36 -7.36
N HIS A 25 -19.15 20.58 -6.81
CA HIS A 25 -18.85 21.72 -7.67
C HIS A 25 -17.48 21.57 -8.27
N GLY A 26 -16.51 21.20 -7.45
CA GLY A 26 -15.17 21.00 -7.98
C GLY A 26 -15.18 19.92 -9.04
N GLN A 27 -15.90 18.82 -8.80
CA GLN A 27 -15.95 17.73 -9.75
C GLN A 27 -16.54 18.20 -11.05
N GLU A 28 -17.44 19.16 -10.97
CA GLU A 28 -18.07 19.68 -12.16
C GLU A 28 -17.10 20.56 -12.92
N ALA A 29 -16.38 21.42 -12.21
CA ALA A 29 -15.42 22.28 -12.88
C ALA A 29 -14.48 21.35 -13.69
N LEU A 30 -14.09 20.27 -13.04
CA LEU A 30 -13.18 19.30 -13.60
C LEU A 30 -13.73 18.67 -14.87
N GLU A 31 -15.00 18.31 -14.84
CA GLU A 31 -15.61 17.64 -15.99
C GLU A 31 -15.98 18.58 -17.15
N SER A 32 -15.78 19.86 -16.95
CA SER A 32 -16.09 20.86 -17.96
C SER A 32 -14.81 21.33 -18.59
N ALA A 33 -13.69 20.78 -18.14
CA ALA A 33 -12.38 21.19 -18.63
C ALA A 33 -11.82 20.39 -19.77
N HIS A 34 -10.90 21.05 -20.48
CA HIS A 34 -10.21 20.48 -21.61
C HIS A 34 -8.76 20.87 -21.48
N VAL A 35 -7.90 19.91 -21.16
CA VAL A 35 -6.47 20.21 -21.00
C VAL A 35 -5.67 19.70 -22.20
N CYS A 36 -4.53 20.33 -22.41
CA CYS A 36 -3.65 19.99 -23.51
C CYS A 36 -2.27 19.55 -23.03
N LEU A 37 -1.90 18.33 -23.38
CA LEU A 37 -0.58 17.81 -23.00
C LEU A 37 0.31 17.87 -24.23
N ILE A 38 1.44 18.53 -24.11
CA ILE A 38 2.36 18.62 -25.24
C ILE A 38 3.49 17.65 -24.96
N ASN A 39 3.73 16.75 -25.90
CA ASN A 39 4.79 15.75 -25.78
C ASN A 39 4.41 14.64 -24.81
N ALA A 40 4.29 13.43 -25.32
CA ALA A 40 3.90 12.30 -24.49
C ALA A 40 5.06 11.39 -24.13
N THR A 41 5.82 11.77 -23.14
CA THR A 41 6.91 10.94 -22.69
C THR A 41 6.41 10.51 -21.31
N ALA A 42 7.18 9.71 -20.58
CA ALA A 42 6.75 9.25 -19.27
C ALA A 42 6.14 10.40 -18.45
N THR A 43 6.86 11.51 -18.34
CA THR A 43 6.33 12.64 -17.60
C THR A 43 4.94 13.03 -18.02
N GLY A 44 4.78 13.37 -19.29
CA GLY A 44 3.48 13.79 -19.77
C GLY A 44 2.40 12.73 -19.58
N THR A 45 2.73 11.51 -19.93
CA THR A 45 1.75 10.45 -19.80
C THR A 45 1.38 10.19 -18.34
N GLU A 46 2.32 10.41 -17.42
CA GLU A 46 2.05 10.19 -15.99
C GLU A 46 1.09 11.29 -15.56
N ILE A 47 1.46 12.52 -15.84
CA ILE A 47 0.64 13.69 -15.54
C ILE A 47 -0.79 13.51 -16.05
N LEU A 48 -0.93 13.10 -17.28
CA LEU A 48 -2.24 12.94 -17.90
C LEU A 48 -3.06 11.87 -17.22
N LYS A 49 -2.42 10.79 -16.82
CA LYS A 49 -3.11 9.67 -16.15
C LYS A 49 -3.76 10.10 -14.85
N ASN A 50 -3.09 11.00 -14.13
CA ASN A 50 -3.61 11.50 -12.87
C ASN A 50 -4.73 12.51 -13.07
N LEU A 51 -5.01 12.85 -14.32
CA LEU A 51 -6.11 13.76 -14.64
C LEU A 51 -7.25 12.96 -15.22
N VAL A 52 -6.92 11.96 -16.02
CA VAL A 52 -7.94 11.13 -16.62
C VAL A 52 -8.72 10.38 -15.55
N LEU A 53 -8.05 9.68 -14.64
CA LEU A 53 -8.74 8.94 -13.59
C LEU A 53 -9.73 9.81 -12.79
N PRO A 54 -9.29 10.97 -12.25
CA PRO A 54 -10.23 11.80 -11.49
C PRO A 54 -11.42 12.25 -12.32
N GLY A 55 -11.30 12.12 -13.65
CA GLY A 55 -12.38 12.47 -14.56
C GLY A 55 -12.37 13.83 -15.22
N ILE A 56 -11.24 14.26 -15.75
CA ILE A 56 -11.23 15.55 -16.43
C ILE A 56 -12.13 15.36 -17.67
N GLY A 57 -12.78 16.43 -18.13
CA GLY A 57 -13.67 16.32 -19.28
C GLY A 57 -13.03 15.78 -20.56
N SER A 58 -11.86 16.33 -20.90
CA SER A 58 -11.15 15.91 -22.08
C SER A 58 -9.72 16.40 -22.13
N PHE A 59 -8.91 15.72 -22.94
CA PHE A 59 -7.52 16.09 -23.09
C PHE A 59 -7.14 15.96 -24.56
N THR A 60 -6.02 16.55 -24.92
CA THR A 60 -5.51 16.48 -26.26
C THR A 60 -4.01 16.41 -26.15
N ILE A 61 -3.41 15.43 -26.82
CA ILE A 61 -1.96 15.26 -26.78
C ILE A 61 -1.39 15.74 -28.11
N ILE A 62 -0.36 16.59 -28.04
CA ILE A 62 0.29 17.13 -29.22
C ILE A 62 1.71 16.58 -29.28
N ASP A 63 1.93 15.59 -30.14
CA ASP A 63 3.26 15.02 -30.24
C ASP A 63 3.58 14.64 -31.67
N GLY A 64 4.63 15.25 -32.21
CA GLY A 64 5.05 14.96 -33.57
C GLY A 64 6.10 13.86 -33.63
N ASN A 65 6.72 13.57 -32.51
CA ASN A 65 7.76 12.56 -32.41
C ASN A 65 7.29 11.12 -32.58
N GLN A 66 8.24 10.23 -32.76
CA GLN A 66 7.92 8.82 -32.90
C GLN A 66 8.34 8.00 -31.70
N VAL A 67 7.55 6.97 -31.40
CA VAL A 67 7.85 6.11 -30.27
C VAL A 67 9.18 5.38 -30.46
N SER A 68 10.16 5.75 -29.65
CA SER A 68 11.49 5.15 -29.71
C SER A 68 11.58 3.91 -28.81
N GLY A 69 12.73 3.24 -28.82
CA GLY A 69 12.91 2.06 -27.99
C GLY A 69 12.84 2.46 -26.53
N GLU A 70 13.53 3.55 -26.20
CA GLU A 70 13.55 4.10 -24.86
C GLU A 70 12.13 4.44 -24.42
N ASP A 71 11.45 5.26 -25.20
CA ASP A 71 10.09 5.66 -24.87
C ASP A 71 9.26 4.45 -24.47
N ALA A 72 9.29 3.41 -25.26
CA ALA A 72 8.51 2.22 -24.98
C ALA A 72 8.88 1.55 -23.66
N GLY A 73 10.09 1.83 -23.19
CA GLY A 73 10.57 1.22 -21.97
C GLY A 73 10.25 1.89 -20.66
N ASN A 74 10.17 3.22 -20.64
CA ASN A 74 9.87 3.92 -19.39
C ASN A 74 8.46 4.48 -19.44
N ASN A 75 7.56 3.84 -20.17
CA ASN A 75 6.20 4.37 -20.27
C ASN A 75 5.16 3.28 -20.12
N PHE A 76 4.22 3.51 -19.20
CA PHE A 76 3.20 2.54 -18.91
C PHE A 76 2.09 2.63 -19.93
N PHE A 77 2.21 3.61 -20.82
CA PHE A 77 1.19 3.81 -21.85
C PHE A 77 1.66 3.66 -23.31
N LEU A 78 2.82 3.04 -23.51
CA LEU A 78 3.35 2.78 -24.83
C LEU A 78 3.70 1.32 -24.89
N GLN A 79 3.07 0.56 -25.78
CA GLN A 79 3.36 -0.87 -25.89
C GLN A 79 4.58 -1.06 -26.81
N ARG A 80 5.10 -2.28 -26.87
CA ARG A 80 6.26 -2.60 -27.70
C ARG A 80 6.01 -2.31 -29.18
N SER A 81 4.84 -2.69 -29.67
CA SER A 81 4.48 -2.47 -31.06
C SER A 81 4.32 -0.99 -31.43
N SER A 82 4.09 -0.14 -30.44
CA SER A 82 3.94 1.27 -30.74
C SER A 82 5.29 1.87 -31.19
N ILE A 83 6.37 1.08 -31.12
CA ILE A 83 7.67 1.60 -31.54
C ILE A 83 7.62 1.88 -33.04
N GLY A 84 8.09 3.06 -33.44
CA GLY A 84 8.06 3.39 -34.86
C GLY A 84 6.87 4.29 -35.21
N LYS A 85 5.71 4.02 -34.60
CA LYS A 85 4.50 4.80 -34.85
C LYS A 85 4.52 6.15 -34.10
N ASN A 86 3.49 6.98 -34.32
CA ASN A 86 3.42 8.31 -33.69
C ASN A 86 3.10 8.26 -32.19
N ARG A 87 3.92 8.96 -31.41
CA ARG A 87 3.80 8.96 -29.94
C ARG A 87 2.45 9.42 -29.40
N ALA A 88 1.98 10.56 -29.89
CA ALA A 88 0.70 11.06 -29.45
C ALA A 88 -0.39 10.03 -29.70
N GLU A 89 -0.38 9.41 -30.89
CA GLU A 89 -1.40 8.44 -31.23
C GLU A 89 -1.33 7.16 -30.42
N ALA A 90 -0.12 6.75 -30.08
CA ALA A 90 0.05 5.52 -29.31
C ALA A 90 -0.44 5.70 -27.86
N ALA A 91 0.03 6.77 -27.21
CA ALA A 91 -0.36 7.06 -25.82
C ALA A 91 -1.87 7.20 -25.67
N MET A 92 -2.42 8.18 -26.37
CA MET A 92 -3.86 8.46 -26.38
C MET A 92 -4.67 7.15 -26.28
N GLU A 93 -4.23 6.12 -26.97
CA GLU A 93 -4.99 4.87 -26.92
C GLU A 93 -5.07 4.21 -25.53
N PHE A 94 -3.96 4.20 -24.80
CA PHE A 94 -3.96 3.59 -23.48
C PHE A 94 -4.50 4.49 -22.39
N LEU A 95 -4.28 5.81 -22.52
CA LEU A 95 -4.78 6.74 -21.54
C LEU A 95 -6.30 6.80 -21.61
N GLN A 96 -6.86 6.33 -22.71
CA GLN A 96 -8.29 6.38 -22.86
C GLN A 96 -8.99 5.22 -22.17
N GLU A 97 -8.28 4.14 -21.91
CA GLU A 97 -8.89 3.00 -21.26
C GLU A 97 -9.03 3.24 -19.76
N LEU A 98 -8.35 4.26 -19.26
CA LEU A 98 -8.43 4.59 -17.85
C LEU A 98 -9.78 5.10 -17.37
N ASN A 99 -10.53 5.79 -18.23
CA ASN A 99 -11.82 6.36 -17.83
C ASN A 99 -12.68 6.71 -19.06
N SER A 100 -13.68 5.88 -19.32
CA SER A 100 -14.52 6.09 -20.48
C SER A 100 -15.35 7.36 -20.44
N ASP A 101 -15.34 8.07 -19.33
CA ASP A 101 -16.10 9.29 -19.21
C ASP A 101 -15.23 10.47 -19.61
N VAL A 102 -14.08 10.19 -20.22
CA VAL A 102 -13.15 11.23 -20.65
C VAL A 102 -12.97 11.19 -22.16
N SER A 103 -12.97 12.36 -22.80
CA SER A 103 -12.80 12.40 -24.25
C SER A 103 -11.39 12.71 -24.69
N GLY A 104 -10.72 11.70 -25.23
CA GLY A 104 -9.37 11.93 -25.70
C GLY A 104 -9.28 12.15 -27.20
N SER A 105 -8.30 12.95 -27.60
CA SER A 105 -8.03 13.28 -29.00
C SER A 105 -6.55 13.68 -29.13
N PHE A 106 -6.02 13.65 -30.34
CA PHE A 106 -4.60 13.99 -30.53
C PHE A 106 -4.28 14.66 -31.87
N VAL A 107 -3.11 15.28 -31.96
CA VAL A 107 -2.67 15.88 -33.22
C VAL A 107 -1.18 15.60 -33.39
N GLU A 108 -0.84 14.95 -34.49
CA GLU A 108 0.54 14.58 -34.74
C GLU A 108 1.35 15.72 -35.33
N GLU A 109 1.55 16.79 -34.58
CA GLU A 109 2.37 17.89 -35.07
C GLU A 109 3.11 18.45 -33.88
N SER A 110 4.20 19.15 -34.12
CA SER A 110 4.96 19.73 -33.02
C SER A 110 4.32 21.07 -32.64
N PRO A 111 4.66 21.60 -31.46
CA PRO A 111 4.07 22.88 -31.05
C PRO A 111 4.45 23.90 -32.11
N GLU A 112 5.69 23.78 -32.57
CA GLU A 112 6.24 24.66 -33.58
C GLU A 112 5.33 24.83 -34.79
N ASN A 113 5.04 23.73 -35.48
CA ASN A 113 4.17 23.79 -36.65
C ASN A 113 2.89 24.51 -36.35
N LEU A 114 2.24 24.12 -35.26
CA LEU A 114 0.98 24.74 -34.85
C LEU A 114 1.15 26.25 -34.65
N LEU A 115 2.25 26.66 -33.99
CA LEU A 115 2.44 28.09 -33.77
C LEU A 115 2.70 28.82 -35.08
N ASP A 116 2.93 28.06 -36.14
CA ASP A 116 3.16 28.65 -37.44
C ASP A 116 1.84 28.75 -38.18
N ASN A 117 1.21 27.60 -38.40
CA ASN A 117 -0.06 27.59 -39.12
C ASN A 117 -1.19 28.26 -38.35
N ASP A 118 -1.59 27.70 -37.21
CA ASP A 118 -2.68 28.30 -36.42
C ASP A 118 -2.07 29.06 -35.24
N PRO A 119 -1.97 30.40 -35.35
CA PRO A 119 -1.39 31.23 -34.30
C PRO A 119 -2.22 31.28 -33.01
N SER A 120 -3.43 30.72 -33.04
CA SER A 120 -4.29 30.71 -31.86
C SER A 120 -4.92 29.34 -31.63
N PHE A 121 -4.12 28.30 -31.88
CA PHE A 121 -4.56 26.92 -31.74
C PHE A 121 -4.82 26.54 -30.28
N PHE A 122 -3.98 27.05 -29.40
CA PHE A 122 -4.08 26.74 -27.99
C PHE A 122 -5.12 27.55 -27.22
N CYS A 123 -6.14 28.05 -27.89
CA CYS A 123 -7.15 28.83 -27.16
C CYS A 123 -8.33 27.99 -26.70
N ARG A 124 -8.47 26.80 -27.28
CA ARG A 124 -9.57 25.92 -26.95
C ARG A 124 -9.35 25.12 -25.66
N PHE A 125 -8.26 25.40 -24.94
CA PHE A 125 -8.00 24.65 -23.71
C PHE A 125 -8.06 25.47 -22.43
N THR A 126 -8.38 24.77 -21.34
CA THR A 126 -8.48 25.37 -20.00
C THR A 126 -7.07 25.61 -19.45
N VAL A 127 -6.21 24.63 -19.65
CA VAL A 127 -4.83 24.70 -19.20
C VAL A 127 -3.99 23.95 -20.21
N VAL A 128 -2.76 24.41 -20.41
CA VAL A 128 -1.86 23.74 -21.33
C VAL A 128 -0.67 23.20 -20.54
N VAL A 129 -0.43 21.91 -20.68
CA VAL A 129 0.66 21.22 -20.01
C VAL A 129 1.75 20.87 -21.04
N ALA A 130 2.96 21.38 -20.81
CA ALA A 130 4.08 21.13 -21.72
C ALA A 130 5.22 20.38 -21.03
N THR A 131 5.66 19.27 -21.62
CA THR A 131 6.74 18.49 -21.06
C THR A 131 7.93 18.34 -21.98
N GLN A 132 9.11 18.24 -21.37
CA GLN A 132 10.36 18.06 -22.10
C GLN A 132 10.52 18.98 -23.30
N LEU A 133 10.52 20.30 -23.09
CA LEU A 133 10.69 21.24 -24.19
C LEU A 133 12.02 21.97 -24.13
N PRO A 134 12.61 22.29 -25.31
CA PRO A 134 13.89 23.00 -25.41
C PRO A 134 13.59 24.45 -25.02
N GLU A 135 14.58 25.18 -24.53
CA GLU A 135 14.27 26.55 -24.13
C GLU A 135 13.84 27.44 -25.29
N SER A 136 13.84 26.87 -26.49
CA SER A 136 13.40 27.60 -27.68
C SER A 136 11.88 27.44 -27.83
N THR A 137 11.42 26.20 -27.98
CA THR A 137 9.99 25.94 -28.10
C THR A 137 9.33 26.49 -26.85
N SER A 138 10.02 26.38 -25.73
CA SER A 138 9.50 26.87 -24.47
C SER A 138 9.23 28.35 -24.50
N LEU A 139 10.30 29.14 -24.52
CA LEU A 139 10.19 30.59 -24.53
C LEU A 139 9.17 31.06 -25.57
N ARG A 140 9.18 30.45 -26.74
CA ARG A 140 8.23 30.84 -27.79
C ARG A 140 6.82 30.54 -27.33
N LEU A 141 6.58 29.30 -26.91
CA LEU A 141 5.24 28.89 -26.45
C LEU A 141 4.70 29.73 -25.28
N ALA A 142 5.56 30.05 -24.32
CA ALA A 142 5.13 30.82 -23.17
C ALA A 142 4.60 32.17 -23.61
N ASP A 143 5.27 32.76 -24.62
CA ASP A 143 4.89 34.06 -25.16
C ASP A 143 3.46 34.10 -25.68
N VAL A 144 3.16 33.22 -26.63
CA VAL A 144 1.84 33.11 -27.21
C VAL A 144 0.77 33.01 -26.12
N LEU A 145 0.84 31.93 -25.35
CA LEU A 145 -0.12 31.63 -24.28
C LEU A 145 -0.24 32.72 -23.24
N TRP A 146 0.88 33.34 -22.90
CA TRP A 146 0.83 34.41 -21.91
C TRP A 146 -0.08 35.49 -22.45
N ASN A 147 0.15 35.87 -23.70
CA ASN A 147 -0.66 36.90 -24.34
C ASN A 147 -2.12 36.53 -24.55
N SER A 148 -2.41 35.24 -24.66
CA SER A 148 -3.80 34.83 -24.85
C SER A 148 -4.43 34.61 -23.49
N GLN A 149 -3.69 34.93 -22.43
CA GLN A 149 -4.19 34.76 -21.07
C GLN A 149 -4.49 33.28 -20.82
N ILE A 150 -3.60 32.41 -21.25
CA ILE A 150 -3.82 30.99 -21.07
C ILE A 150 -2.83 30.28 -20.13
N PRO A 151 -3.37 29.54 -19.15
CA PRO A 151 -2.65 28.77 -18.13
C PRO A 151 -1.61 27.83 -18.69
N LEU A 152 -0.36 28.06 -18.31
CA LEU A 152 0.74 27.23 -18.78
C LEU A 152 1.55 26.62 -17.65
N LEU A 153 1.77 25.30 -17.73
CA LEU A 153 2.54 24.55 -16.75
C LEU A 153 3.61 23.78 -17.51
N ILE A 154 4.87 24.13 -17.28
CA ILE A 154 6.01 23.51 -17.95
C ILE A 154 6.65 22.49 -17.03
N CYS A 155 6.76 21.25 -17.50
CA CYS A 155 7.33 20.16 -16.71
C CYS A 155 8.52 19.47 -17.36
N ARG A 156 9.60 19.35 -16.60
CA ARG A 156 10.85 18.74 -17.07
C ARG A 156 11.36 17.61 -16.13
N THR A 157 11.86 16.54 -16.73
CA THR A 157 12.39 15.42 -15.95
C THR A 157 13.80 15.12 -16.46
N TYR A 158 14.81 15.71 -15.83
CA TYR A 158 16.20 15.50 -16.25
C TYR A 158 16.98 14.60 -15.29
N GLY A 159 17.09 13.33 -15.66
CA GLY A 159 17.79 12.38 -14.83
C GLY A 159 17.05 12.17 -13.53
N LEU A 160 17.60 12.68 -12.43
CA LEU A 160 16.92 12.55 -11.15
C LEU A 160 16.39 13.90 -10.72
N VAL A 161 16.19 14.81 -11.68
CA VAL A 161 15.66 16.12 -11.34
C VAL A 161 14.27 16.32 -11.90
N GLY A 162 13.44 17.04 -11.16
CA GLY A 162 12.09 17.32 -11.58
C GLY A 162 12.00 18.83 -11.59
N TYR A 163 11.43 19.38 -12.66
CA TYR A 163 11.30 20.83 -12.82
C TYR A 163 9.86 21.13 -13.11
N MET A 164 9.37 22.24 -12.58
CA MET A 164 7.97 22.62 -12.79
C MET A 164 7.84 24.14 -12.74
N ARG A 165 7.34 24.72 -13.83
CA ARG A 165 7.13 26.17 -13.94
C ARG A 165 5.67 26.43 -14.20
N ILE A 166 5.05 27.21 -13.32
CA ILE A 166 3.63 27.54 -13.47
C ILE A 166 3.55 29.00 -13.94
N ILE A 167 2.82 29.23 -15.02
CA ILE A 167 2.69 30.58 -15.56
C ILE A 167 1.26 30.99 -15.79
N ILE A 168 0.76 31.81 -14.86
CA ILE A 168 -0.59 32.32 -14.91
C ILE A 168 -0.44 33.76 -14.49
N LYS A 169 -0.98 34.67 -15.28
CA LYS A 169 -0.87 36.10 -14.97
C LYS A 169 -1.50 36.37 -13.62
N GLU A 170 -2.73 35.88 -13.42
CA GLU A 170 -3.42 36.10 -12.16
C GLU A 170 -4.40 34.98 -11.81
N HIS A 171 -4.22 34.42 -10.62
CA HIS A 171 -5.06 33.35 -10.12
C HIS A 171 -5.64 33.69 -8.75
N PRO A 172 -6.93 34.05 -8.73
CA PRO A 172 -7.64 34.40 -7.50
C PRO A 172 -8.49 33.23 -7.03
N VAL A 173 -8.32 32.86 -5.76
CA VAL A 173 -9.06 31.73 -5.23
C VAL A 173 -9.75 32.08 -3.91
N ILE A 174 -11.00 31.62 -3.80
CA ILE A 174 -11.83 31.84 -2.62
C ILE A 174 -11.70 30.68 -1.66
N GLU A 175 -12.18 29.52 -2.12
CA GLU A 175 -12.17 28.29 -1.35
C GLU A 175 -10.75 27.73 -1.32
N SER A 176 -9.89 28.33 -0.50
CA SER A 176 -8.50 27.90 -0.41
C SER A 176 -8.23 26.68 0.48
N HIS A 177 -9.27 26.19 1.13
CA HIS A 177 -9.15 25.01 1.99
C HIS A 177 -7.95 25.11 2.93
N PRO A 178 -7.97 26.03 3.91
CA PRO A 178 -6.80 26.07 4.79
C PRO A 178 -6.73 24.82 5.68
N ASP A 179 -5.53 24.31 5.92
CA ASP A 179 -5.34 23.11 6.75
C ASP A 179 -5.72 23.42 8.18
N ASN A 180 -5.31 24.59 8.65
CA ASN A 180 -5.60 25.03 10.01
C ASN A 180 -5.81 26.52 10.03
N ALA A 181 -6.67 26.98 10.94
CA ALA A 181 -6.92 28.42 11.06
C ALA A 181 -7.50 28.74 12.44
N LEU A 182 -7.36 30.00 12.84
CA LEU A 182 -7.87 30.48 14.13
C LEU A 182 -9.38 30.61 14.00
N GLU A 183 -10.11 30.31 15.07
CA GLU A 183 -11.56 30.40 15.04
C GLU A 183 -11.99 31.86 15.03
N ASP A 184 -13.24 32.10 14.64
CA ASP A 184 -13.78 33.46 14.62
C ASP A 184 -14.86 33.54 15.70
N LEU A 185 -14.40 33.42 16.93
CA LEU A 185 -15.29 33.48 18.09
C LEU A 185 -15.86 34.83 18.49
N ARG A 186 -15.18 35.90 18.07
CA ARG A 186 -15.61 37.28 18.36
C ARG A 186 -15.81 37.63 19.84
N LEU A 187 -15.02 37.06 20.74
CA LEU A 187 -15.19 37.37 22.14
C LEU A 187 -14.62 38.75 22.45
N ASP A 188 -13.65 39.17 21.65
CA ASP A 188 -13.00 40.48 21.83
C ASP A 188 -13.80 41.64 21.24
N LYS A 189 -14.76 41.33 20.38
CA LYS A 189 -15.61 42.33 19.75
C LYS A 189 -16.96 41.67 19.50
N PRO A 190 -17.68 41.35 20.59
CA PRO A 190 -18.99 40.71 20.54
C PRO A 190 -19.99 41.49 19.72
N PHE A 191 -20.97 40.79 19.17
CA PHE A 191 -22.01 41.46 18.41
C PHE A 191 -23.30 41.31 19.23
N PRO A 192 -24.25 42.22 19.05
CA PRO A 192 -25.53 42.24 19.76
C PRO A 192 -26.07 40.92 20.27
N GLU A 193 -26.48 40.05 19.36
CA GLU A 193 -27.06 38.75 19.71
C GLU A 193 -26.14 37.87 20.56
N LEU A 194 -24.84 38.00 20.31
CA LEU A 194 -23.83 37.22 21.01
C LEU A 194 -23.79 37.63 22.48
N ARG A 195 -23.71 38.95 22.73
CA ARG A 195 -23.65 39.46 24.09
C ARG A 195 -24.94 39.13 24.84
N GLU A 196 -26.08 39.21 24.15
CA GLU A 196 -27.35 38.89 24.78
C GLU A 196 -27.32 37.45 25.21
N HIS A 197 -26.73 36.61 24.37
CA HIS A 197 -26.67 35.17 24.66
C HIS A 197 -25.90 34.89 25.94
N PHE A 198 -24.69 35.43 26.05
CA PHE A 198 -23.86 35.22 27.24
C PHE A 198 -24.58 35.73 28.48
N GLN A 199 -25.20 36.90 28.34
CA GLN A 199 -25.93 37.49 29.43
C GLN A 199 -26.99 36.53 29.98
N SER A 200 -27.64 35.76 29.12
CA SER A 200 -28.67 34.83 29.59
C SER A 200 -28.13 33.76 30.53
N TYR A 201 -26.81 33.67 30.66
CA TYR A 201 -26.21 32.67 31.54
C TYR A 201 -25.87 33.21 32.92
N ASP A 202 -26.32 32.51 33.95
CA ASP A 202 -26.04 32.88 35.33
C ASP A 202 -25.17 31.76 35.90
N LEU A 203 -23.86 31.90 35.77
CA LEU A 203 -22.92 30.88 36.23
C LEU A 203 -22.94 30.49 37.71
N ASP A 204 -23.78 31.16 38.51
CA ASP A 204 -23.86 30.86 39.93
C ASP A 204 -25.12 30.11 40.28
N HIS A 205 -26.22 30.47 39.64
CA HIS A 205 -27.49 29.82 39.93
C HIS A 205 -27.82 28.61 39.07
N MET A 206 -26.78 27.89 38.65
CA MET A 206 -26.99 26.70 37.84
C MET A 206 -26.68 25.46 38.63
N GLU A 207 -27.53 24.45 38.50
CA GLU A 207 -27.32 23.21 39.22
C GLU A 207 -25.99 22.60 38.75
N LYS A 208 -25.44 21.70 39.55
CA LYS A 208 -24.17 21.08 39.23
C LYS A 208 -24.02 20.66 37.76
N LYS A 209 -24.99 19.93 37.23
CA LYS A 209 -24.89 19.48 35.84
C LYS A 209 -24.83 20.59 34.79
N ASP A 210 -25.79 21.49 34.80
CA ASP A 210 -25.80 22.57 33.82
C ASP A 210 -24.51 23.38 33.87
N HIS A 211 -23.90 23.42 35.05
CA HIS A 211 -22.67 24.14 35.23
C HIS A 211 -21.55 23.34 34.57
N SER A 212 -21.71 22.01 34.59
CA SER A 212 -20.72 21.09 34.02
C SER A 212 -20.86 20.88 32.51
N HIS A 213 -22.01 21.24 31.95
CA HIS A 213 -22.26 21.08 30.53
C HIS A 213 -22.46 22.42 29.84
N THR A 214 -21.58 23.37 30.16
CA THR A 214 -21.69 24.69 29.58
C THR A 214 -20.54 24.96 28.65
N PRO A 215 -20.83 25.35 27.41
CA PRO A 215 -19.82 25.66 26.41
C PRO A 215 -18.67 26.47 26.97
N TRP A 216 -17.43 26.01 26.76
CA TRP A 216 -16.30 26.75 27.28
C TRP A 216 -16.28 28.15 26.73
N ILE A 217 -16.86 28.35 25.55
CA ILE A 217 -16.89 29.66 24.93
C ILE A 217 -17.73 30.59 25.78
N VAL A 218 -18.75 30.04 26.43
CA VAL A 218 -19.60 30.85 27.28
C VAL A 218 -18.80 31.18 28.53
N ILE A 219 -18.29 30.14 29.18
CA ILE A 219 -17.48 30.33 30.37
C ILE A 219 -16.50 31.49 30.21
N ILE A 220 -15.69 31.45 29.16
CA ILE A 220 -14.71 32.52 28.91
C ILE A 220 -15.36 33.89 28.68
N ALA A 221 -16.51 33.91 28.02
CA ALA A 221 -17.20 35.17 27.77
C ALA A 221 -17.57 35.83 29.08
N LYS A 222 -18.04 35.03 30.04
CA LYS A 222 -18.43 35.51 31.34
C LYS A 222 -17.24 36.09 32.09
N TYR A 223 -16.37 35.22 32.59
CA TYR A 223 -15.24 35.70 33.34
C TYR A 223 -14.56 36.86 32.64
N LEU A 224 -14.58 36.86 31.32
CA LEU A 224 -13.95 37.94 30.58
C LEU A 224 -14.63 39.27 30.96
N ALA A 225 -15.90 39.19 31.34
CA ALA A 225 -16.66 40.38 31.71
C ALA A 225 -16.30 40.85 33.11
N GLN A 226 -15.98 39.89 33.98
CA GLN A 226 -15.63 40.17 35.35
C GLN A 226 -14.27 40.87 35.41
N TRP A 227 -13.36 40.44 34.55
CA TRP A 227 -12.01 41.01 34.50
C TRP A 227 -12.04 42.38 33.81
N TYR A 228 -13.10 42.63 33.06
CA TYR A 228 -13.25 43.90 32.35
C TYR A 228 -13.64 44.95 33.39
N SER A 229 -14.08 44.47 34.56
CA SER A 229 -14.47 45.33 35.66
C SER A 229 -13.27 45.66 36.54
N GLU A 230 -12.74 44.63 37.18
CA GLU A 230 -11.61 44.80 38.09
C GLU A 230 -10.33 45.37 37.45
N THR A 231 -10.43 45.97 36.26
CA THR A 231 -9.28 46.56 35.59
C THR A 231 -9.70 47.82 34.86
N ASN A 232 -10.97 48.17 35.06
CA ASN A 232 -11.57 49.37 34.47
C ASN A 232 -11.50 49.46 32.95
N GLY A 233 -12.01 48.42 32.27
CA GLY A 233 -12.03 48.40 30.82
C GLY A 233 -10.96 47.61 30.09
N ARG A 234 -10.20 46.80 30.82
CA ARG A 234 -9.13 46.01 30.20
C ARG A 234 -9.51 44.58 29.82
N ILE A 235 -8.61 43.96 29.05
CA ILE A 235 -8.77 42.59 28.59
C ILE A 235 -7.38 42.00 28.58
N PRO A 236 -7.19 40.83 29.21
CA PRO A 236 -5.87 40.21 29.26
C PRO A 236 -5.06 40.40 27.97
N LYS A 237 -3.75 40.58 28.09
CA LYS A 237 -2.90 40.79 26.92
C LYS A 237 -1.51 40.17 27.04
N THR A 238 -0.94 40.21 28.25
CA THR A 238 0.38 39.64 28.51
C THR A 238 0.22 38.21 28.97
N TYR A 239 1.28 37.42 28.84
CA TYR A 239 1.23 36.03 29.25
C TYR A 239 1.02 35.96 30.76
N LYS A 240 1.49 36.99 31.45
CA LYS A 240 1.34 37.07 32.89
C LYS A 240 -0.14 37.28 33.19
N GLU A 241 -0.78 38.19 32.45
CA GLU A 241 -2.19 38.48 32.62
C GLU A 241 -3.06 37.32 32.19
N LYS A 242 -2.73 36.73 31.03
CA LYS A 242 -3.47 35.58 30.51
C LYS A 242 -3.46 34.47 31.55
N GLU A 243 -2.32 34.31 32.20
CA GLU A 243 -2.16 33.27 33.21
C GLU A 243 -3.01 33.60 34.44
N ASP A 244 -3.10 34.89 34.78
CA ASP A 244 -3.90 35.27 35.93
C ASP A 244 -5.31 34.84 35.58
N PHE A 245 -5.78 35.34 34.45
CA PHE A 245 -7.11 35.03 33.97
C PHE A 245 -7.42 33.54 33.96
N ARG A 246 -6.44 32.72 33.57
CA ARG A 246 -6.64 31.28 33.54
C ARG A 246 -7.07 30.84 34.93
N ASP A 247 -6.38 31.36 35.94
CA ASP A 247 -6.66 31.04 37.34
C ASP A 247 -8.01 31.53 37.82
N LEU A 248 -8.41 32.73 37.40
CA LEU A 248 -9.70 33.26 37.78
C LEU A 248 -10.78 32.23 37.46
N ILE A 249 -10.62 31.60 36.30
CA ILE A 249 -11.52 30.57 35.81
C ILE A 249 -11.35 29.28 36.59
N ARG A 250 -10.09 28.85 36.74
CA ARG A 250 -9.79 27.62 37.44
C ARG A 250 -10.43 27.59 38.83
N GLN A 251 -10.88 28.74 39.29
CA GLN A 251 -11.50 28.85 40.60
C GLN A 251 -13.02 28.82 40.56
N GLY A 252 -13.59 28.98 39.37
CA GLY A 252 -15.04 28.94 39.23
C GLY A 252 -15.54 27.52 39.28
N ILE A 253 -14.62 26.58 39.17
CA ILE A 253 -14.94 25.17 39.20
C ILE A 253 -15.60 24.78 40.52
N LEU A 254 -16.85 24.33 40.46
CA LEU A 254 -17.58 23.93 41.65
C LEU A 254 -16.84 22.89 42.47
N LYS A 255 -16.85 23.04 43.81
CA LYS A 255 -16.16 22.10 44.69
C LYS A 255 -17.10 21.16 45.43
N ASN A 256 -16.54 20.04 45.90
CA ASN A 256 -17.30 19.02 46.60
C ASN A 256 -17.36 19.19 48.13
N GLU A 257 -17.77 18.11 48.80
CA GLU A 257 -17.92 18.04 50.25
C GLU A 257 -16.60 18.22 51.00
N ASN A 258 -15.54 17.57 50.53
CA ASN A 258 -14.22 17.68 51.15
C ASN A 258 -13.68 19.09 50.97
N GLY A 259 -14.00 19.69 49.83
CA GLY A 259 -13.54 21.02 49.51
C GLY A 259 -12.66 20.85 48.29
N ALA A 260 -12.59 19.61 47.83
CA ALA A 260 -11.80 19.24 46.66
C ALA A 260 -12.50 19.64 45.37
N PRO A 261 -11.72 20.07 44.36
CA PRO A 261 -12.29 20.49 43.07
C PRO A 261 -12.95 19.35 42.31
N GLU A 262 -14.15 19.61 41.81
CA GLU A 262 -14.91 18.64 41.02
C GLU A 262 -14.29 18.64 39.63
N ASP A 263 -14.22 17.47 39.00
CA ASP A 263 -13.64 17.44 37.66
C ASP A 263 -14.66 17.94 36.64
N GLU A 264 -14.31 19.06 36.00
CA GLU A 264 -15.18 19.65 34.99
C GLU A 264 -14.40 19.99 33.74
N GLU A 265 -14.41 19.07 32.78
CA GLU A 265 -13.71 19.25 31.52
C GLU A 265 -14.28 20.49 30.84
N ASN A 266 -15.40 20.92 31.40
CA ASN A 266 -16.12 22.10 30.96
C ASN A 266 -15.11 23.26 31.04
N PHE A 267 -14.68 23.56 32.26
CA PHE A 267 -13.74 24.64 32.54
C PHE A 267 -12.32 24.39 32.08
N GLU A 268 -11.89 23.13 32.07
CA GLU A 268 -10.54 22.83 31.65
C GLU A 268 -10.29 23.27 30.21
N GLU A 269 -11.31 23.13 29.36
CA GLU A 269 -11.17 23.55 27.96
C GLU A 269 -11.07 25.07 27.90
N ALA A 270 -11.75 25.74 28.84
CA ALA A 270 -11.72 27.19 28.92
C ALA A 270 -10.28 27.58 29.22
N ILE A 271 -9.71 26.93 30.23
CA ILE A 271 -8.35 27.21 30.60
C ILE A 271 -7.46 27.11 29.38
N LYS A 272 -7.55 25.98 28.68
CA LYS A 272 -6.73 25.73 27.49
C LYS A 272 -6.98 26.62 26.29
N ASN A 273 -8.23 26.95 26.02
CA ASN A 273 -8.51 27.79 24.88
C ASN A 273 -8.34 29.28 25.12
N VAL A 274 -7.93 29.63 26.33
CA VAL A 274 -7.71 31.04 26.64
C VAL A 274 -6.54 31.50 25.79
N ASN A 275 -5.62 30.59 25.55
CA ASN A 275 -4.42 30.87 24.77
C ASN A 275 -4.70 31.37 23.36
N THR A 276 -5.97 31.29 22.93
CA THR A 276 -6.36 31.73 21.59
C THR A 276 -7.66 32.53 21.59
N ALA A 277 -8.57 32.16 22.49
CA ALA A 277 -9.87 32.81 22.59
C ALA A 277 -9.78 34.32 22.66
N LEU A 278 -8.78 34.83 23.37
CA LEU A 278 -8.60 36.28 23.53
C LEU A 278 -7.90 36.98 22.38
N ASN A 279 -7.56 36.23 21.34
CA ASN A 279 -6.92 36.82 20.17
C ASN A 279 -7.83 37.92 19.67
N THR A 280 -7.24 38.99 19.13
CA THR A 280 -8.01 40.13 18.63
C THR A 280 -8.53 39.96 17.21
N THR A 281 -9.86 39.94 17.07
CA THR A 281 -10.47 39.83 15.75
C THR A 281 -9.90 40.91 14.87
N GLN A 282 -9.38 40.53 13.71
CA GLN A 282 -8.81 41.52 12.80
C GLN A 282 -8.63 40.99 11.40
N ILE A 283 -8.45 41.90 10.46
CA ILE A 283 -8.26 41.55 9.06
C ILE A 283 -6.86 41.02 8.82
N PRO A 284 -6.75 39.91 8.08
CA PRO A 284 -5.42 39.35 7.80
C PRO A 284 -4.71 40.31 6.87
N SER A 285 -3.40 40.44 7.02
CA SER A 285 -2.65 41.35 6.18
C SER A 285 -2.88 41.01 4.70
N SER A 286 -2.87 39.72 4.39
CA SER A 286 -3.07 39.26 3.02
C SER A 286 -4.39 39.77 2.44
N ILE A 287 -5.47 39.69 3.22
CA ILE A 287 -6.76 40.16 2.75
C ILE A 287 -6.68 41.64 2.49
N GLU A 288 -5.79 42.32 3.22
CA GLU A 288 -5.58 43.75 3.06
C GLU A 288 -5.16 44.03 1.63
N ASP A 289 -4.05 43.41 1.25
CA ASP A 289 -3.49 43.57 -0.07
C ASP A 289 -4.53 43.46 -1.17
N ILE A 290 -5.45 42.52 -1.06
CA ILE A 290 -6.48 42.35 -2.08
C ILE A 290 -7.35 43.61 -2.16
N PHE A 291 -7.68 44.17 -1.00
CA PHE A 291 -8.49 45.37 -0.88
C PHE A 291 -7.84 46.62 -1.47
N ASN A 292 -6.66 46.93 -0.98
CA ASN A 292 -5.92 48.10 -1.43
C ASN A 292 -5.30 47.92 -2.79
N ASP A 293 -5.80 46.96 -3.55
CA ASP A 293 -5.24 46.66 -4.85
C ASP A 293 -6.01 47.29 -6.03
N ASP A 294 -5.28 47.84 -7.00
CA ASP A 294 -5.91 48.47 -8.18
C ASP A 294 -7.10 47.71 -8.73
N ARG A 295 -6.96 46.39 -8.83
CA ARG A 295 -8.02 45.56 -9.37
C ARG A 295 -9.30 45.65 -8.54
N CYS A 296 -9.16 46.00 -7.27
CA CYS A 296 -10.30 46.12 -6.35
C CYS A 296 -10.67 47.59 -6.15
N ILE A 297 -9.65 48.47 -6.16
CA ILE A 297 -9.85 49.90 -5.97
C ILE A 297 -10.65 50.54 -7.11
N ASN A 298 -10.43 50.08 -8.33
CA ASN A 298 -11.11 50.62 -9.50
C ASN A 298 -11.79 49.52 -10.32
N ILE A 299 -13.12 49.52 -10.31
CA ILE A 299 -13.87 48.52 -11.06
C ILE A 299 -14.12 48.94 -12.51
N THR A 300 -14.72 48.04 -13.27
CA THR A 300 -15.04 48.25 -14.69
C THR A 300 -16.04 47.19 -15.11
N LYS A 301 -16.59 47.33 -16.30
CA LYS A 301 -17.54 46.34 -16.79
C LYS A 301 -16.76 45.07 -17.10
N GLN A 302 -15.43 45.16 -17.01
CA GLN A 302 -14.54 44.04 -17.29
C GLN A 302 -14.16 43.27 -16.03
N THR A 303 -14.16 43.98 -14.90
CA THR A 303 -13.81 43.39 -13.61
C THR A 303 -14.54 42.08 -13.35
N PRO A 304 -13.79 40.95 -13.34
CA PRO A 304 -14.33 39.61 -13.11
C PRO A 304 -14.91 39.39 -11.71
N SER A 305 -15.77 38.37 -11.62
CA SER A 305 -16.45 38.02 -10.37
C SER A 305 -15.66 38.22 -9.10
N PHE A 306 -14.57 37.47 -8.94
CA PHE A 306 -13.76 37.56 -7.73
C PHE A 306 -13.61 38.97 -7.23
N TRP A 307 -13.07 39.84 -8.09
CA TRP A 307 -12.83 41.23 -7.75
C TRP A 307 -14.07 42.07 -7.41
N ILE A 308 -15.20 41.74 -8.01
CA ILE A 308 -16.42 42.47 -7.68
C ILE A 308 -16.75 42.04 -6.24
N LEU A 309 -16.67 40.73 -6.01
CA LEU A 309 -16.93 40.14 -4.71
C LEU A 309 -15.98 40.68 -3.65
N ALA A 310 -14.71 40.83 -4.01
CA ALA A 310 -13.73 41.34 -3.07
C ALA A 310 -14.13 42.76 -2.69
N ARG A 311 -14.58 43.53 -3.68
CA ARG A 311 -14.99 44.91 -3.48
C ARG A 311 -16.14 44.96 -2.48
N ALA A 312 -17.13 44.08 -2.66
CA ALA A 312 -18.26 44.04 -1.76
C ALA A 312 -17.75 43.95 -0.32
N LEU A 313 -17.03 42.87 -0.02
CA LEU A 313 -16.48 42.68 1.32
C LEU A 313 -15.84 43.97 1.82
N LYS A 314 -15.03 44.59 0.96
CA LYS A 314 -14.34 45.82 1.28
C LYS A 314 -15.28 46.92 1.76
N GLU A 315 -16.46 47.03 1.13
CA GLU A 315 -17.42 48.04 1.55
C GLU A 315 -18.03 47.59 2.86
N PHE A 316 -18.52 46.36 2.86
CA PHE A 316 -19.11 45.77 4.05
C PHE A 316 -18.24 46.10 5.27
N VAL A 317 -16.94 45.87 5.13
CA VAL A 317 -16.01 46.14 6.22
C VAL A 317 -16.19 47.55 6.77
N ALA A 318 -16.16 48.54 5.88
CA ALA A 318 -16.27 49.95 6.24
C ALA A 318 -17.67 50.39 6.70
N LYS A 319 -18.68 49.55 6.43
CA LYS A 319 -20.04 49.88 6.83
C LYS A 319 -20.52 49.01 7.99
N GLU A 320 -21.28 47.96 7.68
CA GLU A 320 -21.82 47.06 8.70
C GLU A 320 -20.72 46.32 9.46
N GLY A 321 -19.73 45.84 8.73
CA GLY A 321 -18.66 45.10 9.36
C GLY A 321 -18.03 45.87 10.49
N GLN A 322 -18.12 47.18 10.42
CA GLN A 322 -17.53 48.03 11.44
C GLN A 322 -16.04 47.77 11.57
N GLY A 323 -15.37 47.72 10.42
CA GLY A 323 -13.93 47.51 10.38
C GLY A 323 -13.45 46.07 10.40
N ASN A 324 -14.38 45.12 10.45
CA ASN A 324 -14.03 43.71 10.47
C ASN A 324 -14.81 42.88 9.46
N LEU A 325 -14.24 41.75 9.04
CA LEU A 325 -14.89 40.87 8.06
C LEU A 325 -16.11 40.16 8.64
N PRO A 326 -17.02 39.68 7.78
CA PRO A 326 -18.22 38.99 8.23
C PRO A 326 -17.97 37.78 9.13
N VAL A 327 -18.86 37.56 10.08
CA VAL A 327 -18.72 36.45 11.00
C VAL A 327 -18.75 35.13 10.23
N ARG A 328 -17.70 34.34 10.42
CA ARG A 328 -17.58 33.06 9.72
C ARG A 328 -18.85 32.23 9.87
N GLY A 329 -19.33 32.09 11.11
CA GLY A 329 -20.54 31.32 11.35
C GLY A 329 -20.37 29.96 11.99
N THR A 330 -19.14 29.50 12.08
CA THR A 330 -18.90 28.18 12.65
C THR A 330 -18.09 28.24 13.94
N ILE A 331 -18.27 27.24 14.79
CA ILE A 331 -17.54 27.15 16.04
C ILE A 331 -17.05 25.73 16.11
N PRO A 332 -16.00 25.48 16.92
CA PRO A 332 -15.50 24.10 17.04
C PRO A 332 -16.33 23.27 18.01
N ASP A 333 -16.00 22.00 18.14
CA ASP A 333 -16.74 21.13 19.04
C ASP A 333 -16.23 21.39 20.45
N MET A 334 -17.05 21.12 21.45
CA MET A 334 -16.68 21.29 22.84
C MET A 334 -17.60 20.48 23.72
N ILE A 335 -17.22 20.32 24.98
CA ILE A 335 -18.03 19.55 25.91
C ILE A 335 -19.18 20.38 26.44
N ALA A 336 -20.38 20.03 26.04
CA ALA A 336 -21.58 20.73 26.48
C ALA A 336 -22.73 19.79 26.19
N ASP A 337 -23.91 20.12 26.68
CA ASP A 337 -25.06 19.28 26.38
C ASP A 337 -25.68 19.86 25.11
N SER A 338 -26.36 19.00 24.37
CA SER A 338 -26.95 19.36 23.11
C SER A 338 -27.55 20.76 23.00
N GLY A 339 -28.61 21.05 23.76
CA GLY A 339 -29.26 22.34 23.68
C GLY A 339 -28.35 23.54 23.92
N LYS A 340 -27.48 23.45 24.90
CA LYS A 340 -26.57 24.54 25.18
C LYS A 340 -25.71 24.81 23.95
N TYR A 341 -25.17 23.73 23.39
CA TYR A 341 -24.31 23.83 22.21
C TYR A 341 -25.07 24.34 20.99
N ILE A 342 -26.17 23.66 20.67
CA ILE A 342 -26.96 24.06 19.52
C ILE A 342 -27.39 25.51 19.57
N LYS A 343 -27.75 25.95 20.77
CA LYS A 343 -28.20 27.32 20.99
C LYS A 343 -27.06 28.29 20.74
N LEU A 344 -25.90 27.99 21.28
CA LEU A 344 -24.75 28.85 21.09
C LEU A 344 -24.35 28.85 19.62
N GLN A 345 -24.34 27.67 19.02
CA GLN A 345 -23.98 27.53 17.63
C GLN A 345 -24.92 28.29 16.72
N ASN A 346 -26.22 28.23 17.01
CA ASN A 346 -27.19 28.93 16.17
C ASN A 346 -26.94 30.43 16.11
N VAL A 347 -26.53 31.01 17.22
CA VAL A 347 -26.30 32.44 17.22
C VAL A 347 -25.28 32.79 16.15
N TYR A 348 -24.23 31.99 16.04
CA TYR A 348 -23.22 32.28 15.04
C TYR A 348 -23.75 32.02 13.63
N ARG A 349 -24.60 31.02 13.47
CA ARG A 349 -25.13 30.72 12.16
C ARG A 349 -25.94 31.88 11.64
N GLU A 350 -26.99 32.24 12.38
CA GLU A 350 -27.86 33.36 12.02
C GLU A 350 -27.03 34.61 11.76
N LYS A 351 -26.11 34.89 12.67
CA LYS A 351 -25.26 36.05 12.50
C LYS A 351 -24.60 36.00 11.12
N ALA A 352 -24.03 34.85 10.78
CA ALA A 352 -23.39 34.67 9.49
C ALA A 352 -24.36 34.96 8.36
N LYS A 353 -25.50 34.25 8.34
CA LYS A 353 -26.51 34.45 7.31
C LYS A 353 -26.73 35.94 7.08
N LYS A 354 -26.91 36.66 8.18
CA LYS A 354 -27.14 38.10 8.16
C LYS A 354 -26.05 38.85 7.41
N ASP A 355 -24.81 38.80 7.90
CA ASP A 355 -23.71 39.47 7.23
C ASP A 355 -23.64 39.07 5.77
N ALA A 356 -24.07 37.83 5.49
CA ALA A 356 -24.05 37.33 4.13
C ALA A 356 -24.97 38.19 3.30
N ALA A 357 -26.17 38.46 3.84
CA ALA A 357 -27.15 39.28 3.16
C ALA A 357 -26.55 40.66 2.95
N ALA A 358 -26.07 41.26 4.03
CA ALA A 358 -25.47 42.58 3.95
C ALA A 358 -24.50 42.58 2.77
N VAL A 359 -23.49 41.72 2.84
CA VAL A 359 -22.51 41.61 1.80
C VAL A 359 -23.17 41.47 0.43
N GLY A 360 -24.26 40.72 0.37
CA GLY A 360 -24.95 40.52 -0.88
C GLY A 360 -25.48 41.83 -1.47
N ASN A 361 -26.12 42.63 -0.62
CA ASN A 361 -26.70 43.90 -1.05
C ASN A 361 -25.68 44.92 -1.50
N HIS A 362 -24.40 44.58 -1.42
CA HIS A 362 -23.37 45.52 -1.84
C HIS A 362 -22.78 45.06 -3.15
N VAL A 363 -23.11 43.84 -3.57
CA VAL A 363 -22.62 43.33 -4.85
C VAL A 363 -23.66 43.71 -5.90
N ALA A 364 -24.94 43.59 -5.52
CA ALA A 364 -26.05 43.96 -6.41
C ALA A 364 -25.91 45.46 -6.64
N LYS A 365 -25.38 46.13 -5.60
CA LYS A 365 -25.12 47.56 -5.62
C LYS A 365 -24.03 47.82 -6.66
N LEU A 366 -23.10 46.86 -6.79
CA LEU A 366 -22.02 47.02 -7.76
C LEU A 366 -22.40 46.49 -9.15
N LEU A 367 -23.15 45.40 -9.24
CA LEU A 367 -23.50 44.95 -10.59
C LEU A 367 -24.41 45.98 -11.29
N GLN A 368 -25.22 46.70 -10.52
CA GLN A 368 -26.12 47.71 -11.07
C GLN A 368 -25.41 49.04 -11.26
N SER A 369 -24.12 49.06 -10.94
CA SER A 369 -23.32 50.27 -11.10
C SER A 369 -22.26 49.96 -12.16
N ILE A 370 -22.23 48.70 -12.57
CA ILE A 370 -21.27 48.24 -13.58
C ILE A 370 -22.06 47.81 -14.83
N GLY A 371 -23.35 47.59 -14.64
CA GLY A 371 -24.18 47.19 -15.75
C GLY A 371 -24.42 45.71 -15.79
N GLN A 372 -23.60 44.95 -15.08
CA GLN A 372 -23.77 43.51 -15.07
C GLN A 372 -25.10 43.15 -14.39
N ALA A 373 -25.62 41.97 -14.70
CA ALA A 373 -26.87 41.52 -14.10
C ALA A 373 -26.65 41.18 -12.63
N PRO A 374 -27.35 41.87 -11.71
CA PRO A 374 -27.22 41.63 -10.26
C PRO A 374 -27.42 40.18 -9.83
N GLU A 375 -27.71 39.31 -10.80
CA GLU A 375 -27.96 37.90 -10.53
C GLU A 375 -26.89 36.92 -11.04
N SER A 376 -25.88 37.42 -11.75
CA SER A 376 -24.81 36.56 -12.28
C SER A 376 -24.14 35.80 -11.15
N ILE A 377 -23.93 36.49 -10.04
CA ILE A 377 -23.32 35.91 -8.85
C ILE A 377 -24.44 35.28 -8.03
N SER A 378 -24.47 33.95 -8.00
CA SER A 378 -25.51 33.26 -7.25
C SER A 378 -25.25 33.35 -5.76
N GLU A 379 -26.24 32.94 -4.97
CA GLU A 379 -26.13 32.99 -3.51
C GLU A 379 -25.27 31.86 -2.96
N LYS A 380 -25.45 30.64 -3.48
CA LYS A 380 -24.64 29.50 -3.03
C LYS A 380 -23.16 29.88 -3.17
N GLU A 381 -22.92 30.83 -4.06
CA GLU A 381 -21.61 31.34 -4.38
C GLU A 381 -21.26 32.48 -3.43
N LEU A 382 -22.26 33.23 -3.00
CA LEU A 382 -21.97 34.33 -2.10
C LEU A 382 -21.57 33.72 -0.76
N LYS A 383 -22.27 32.66 -0.35
CA LYS A 383 -22.02 31.99 0.90
C LYS A 383 -20.54 31.63 1.12
N LEU A 384 -19.91 31.08 0.09
CA LEU A 384 -18.51 30.71 0.19
C LEU A 384 -17.63 31.93 0.38
N LEU A 385 -17.95 32.99 -0.35
CA LEU A 385 -17.17 34.21 -0.25
C LEU A 385 -17.12 34.67 1.20
N CYS A 386 -18.25 34.55 1.88
CA CYS A 386 -18.32 34.97 3.26
C CYS A 386 -17.61 34.00 4.16
N SER A 387 -17.89 32.71 4.02
CA SER A 387 -17.24 31.70 4.85
C SER A 387 -15.75 31.76 4.68
N ASN A 388 -15.29 32.18 3.53
CA ASN A 388 -13.86 32.21 3.25
C ASN A 388 -13.21 33.60 3.16
N SER A 389 -13.93 34.63 3.58
CA SER A 389 -13.38 35.98 3.50
C SER A 389 -12.01 36.08 4.13
N ALA A 390 -11.80 35.41 5.25
CA ALA A 390 -10.48 35.45 5.88
C ALA A 390 -9.44 34.65 5.11
N PHE A 391 -9.90 33.74 4.26
CA PHE A 391 -8.96 32.89 3.54
C PHE A 391 -8.70 33.17 2.08
N LEU A 392 -9.22 34.28 1.54
CA LEU A 392 -8.98 34.60 0.14
C LEU A 392 -7.47 34.63 -0.17
N ARG A 393 -7.10 34.26 -1.39
CA ARG A 393 -5.69 34.24 -1.82
C ARG A 393 -5.60 34.61 -3.29
N VAL A 394 -4.55 35.34 -3.65
CA VAL A 394 -4.35 35.72 -5.03
C VAL A 394 -2.89 35.41 -5.38
N VAL A 395 -2.70 34.68 -6.47
CA VAL A 395 -1.38 34.29 -6.91
C VAL A 395 -1.08 34.91 -8.28
N ARG A 396 0.13 35.43 -8.45
CA ARG A 396 0.52 36.04 -9.72
C ARG A 396 1.92 35.60 -10.11
N CYS A 397 2.04 34.93 -11.25
CA CYS A 397 3.33 34.45 -11.73
C CYS A 397 3.97 35.43 -12.72
N ARG A 398 5.27 35.63 -12.61
CA ARG A 398 5.97 36.49 -13.55
C ARG A 398 5.98 35.67 -14.84
N SER A 399 6.08 36.32 -15.99
CA SER A 399 6.08 35.59 -17.27
C SER A 399 7.42 34.93 -17.51
N LEU A 400 7.41 33.82 -18.23
CA LEU A 400 8.65 33.10 -18.52
C LEU A 400 9.71 34.09 -19.03
N ALA A 401 9.26 35.04 -19.84
CA ALA A 401 10.10 36.08 -20.43
C ALA A 401 10.87 36.87 -19.37
N GLU A 402 10.16 37.43 -18.40
CA GLU A 402 10.80 38.20 -17.35
C GLU A 402 11.85 37.37 -16.62
N GLU A 403 11.74 36.05 -16.71
CA GLU A 403 12.70 35.17 -16.05
C GLU A 403 13.98 35.07 -16.86
N TYR A 404 13.79 34.87 -18.16
CA TYR A 404 14.90 34.74 -19.07
C TYR A 404 15.52 36.10 -19.46
N GLY A 405 14.70 37.15 -19.46
CA GLY A 405 15.17 38.48 -19.80
C GLY A 405 16.41 38.85 -18.99
N LEU A 406 17.41 39.45 -19.65
CA LEU A 406 18.67 39.82 -18.99
C LEU A 406 18.63 40.89 -17.92
N ASP A 407 17.57 41.68 -17.90
CA ASP A 407 17.43 42.77 -16.94
C ASP A 407 16.29 42.60 -15.94
N THR A 408 15.57 41.49 -16.05
CA THR A 408 14.47 41.19 -15.13
C THR A 408 14.73 39.94 -14.32
N ILE A 409 15.70 39.14 -14.75
CA ILE A 409 16.03 37.91 -14.04
C ILE A 409 16.15 38.20 -12.56
N ASN A 410 15.48 37.40 -11.76
CA ASN A 410 15.55 37.59 -10.33
C ASN A 410 16.87 37.02 -9.86
N LYS A 411 17.80 37.88 -9.50
CA LYS A 411 19.11 37.43 -9.04
C LYS A 411 19.21 37.55 -7.52
N ASP A 412 18.37 38.41 -6.96
CA ASP A 412 18.36 38.61 -5.52
C ASP A 412 18.10 37.27 -4.83
N GLU A 413 17.31 36.42 -5.48
CA GLU A 413 16.97 35.11 -4.93
C GLU A 413 18.00 34.05 -5.27
N ILE A 414 18.25 33.85 -6.56
CA ILE A 414 19.22 32.85 -6.97
C ILE A 414 20.53 32.97 -6.19
N ILE A 415 21.00 34.20 -5.99
CA ILE A 415 22.25 34.41 -5.28
C ILE A 415 22.14 34.03 -3.81
N SER A 416 21.17 34.61 -3.11
CA SER A 416 21.00 34.31 -1.70
C SER A 416 20.83 32.80 -1.47
N SER A 417 20.11 32.13 -2.37
CA SER A 417 19.89 30.70 -2.25
C SER A 417 21.19 29.92 -2.29
N MET A 418 22.09 30.31 -3.18
CA MET A 418 23.38 29.64 -3.32
C MET A 418 24.33 29.67 -2.13
N ASP A 419 23.93 30.30 -1.04
CA ASP A 419 24.78 30.36 0.14
C ASP A 419 25.09 28.92 0.56
N ASN A 420 24.15 28.03 0.24
CA ASN A 420 24.32 26.62 0.52
C ASN A 420 24.64 25.98 -0.83
N PRO A 421 25.87 25.48 -0.99
CA PRO A 421 26.28 24.86 -2.25
C PRO A 421 25.37 23.73 -2.73
N ASP A 422 24.47 23.28 -1.85
CA ASP A 422 23.57 22.17 -2.20
C ASP A 422 22.10 22.51 -2.34
N ASN A 423 21.75 23.78 -2.12
CA ASN A 423 20.36 24.19 -2.26
C ASN A 423 19.90 23.79 -3.65
N GLU A 424 18.74 23.17 -3.76
CA GLU A 424 18.24 22.72 -5.05
C GLU A 424 18.32 23.75 -6.18
N ILE A 425 18.38 25.04 -5.83
CA ILE A 425 18.50 26.08 -6.85
C ILE A 425 19.66 25.80 -7.84
N VAL A 426 20.74 25.24 -7.32
CA VAL A 426 21.89 24.90 -8.14
C VAL A 426 21.43 23.94 -9.24
N LEU A 427 20.38 23.19 -8.95
CA LEU A 427 19.82 22.24 -9.92
C LEU A 427 19.12 22.98 -11.05
N TYR A 428 18.70 24.20 -10.77
CA TYR A 428 18.04 25.01 -11.79
C TYR A 428 19.15 25.57 -12.66
N LEU A 429 20.14 26.17 -12.00
CA LEU A 429 21.29 26.74 -12.70
C LEU A 429 21.81 25.68 -13.67
N MET A 430 21.93 24.45 -13.21
CA MET A 430 22.42 23.39 -14.07
C MET A 430 21.50 23.06 -15.23
N LEU A 431 20.20 23.32 -15.09
CA LEU A 431 19.26 23.03 -16.16
C LEU A 431 19.37 24.08 -17.25
N ARG A 432 19.49 25.34 -16.82
CA ARG A 432 19.65 26.41 -17.78
C ARG A 432 20.89 26.08 -18.62
N ALA A 433 21.99 25.76 -17.94
CA ALA A 433 23.23 25.41 -18.61
C ALA A 433 23.08 24.20 -19.51
N VAL A 434 22.35 23.20 -19.05
CA VAL A 434 22.17 22.04 -19.90
C VAL A 434 21.49 22.49 -21.19
N ASP A 435 20.47 23.34 -21.06
CA ASP A 435 19.74 23.86 -22.21
C ASP A 435 20.65 24.65 -23.14
N ARG A 436 21.59 25.39 -22.56
CA ARG A 436 22.55 26.19 -23.32
C ARG A 436 23.35 25.24 -24.19
N PHE A 437 24.01 24.29 -23.54
CA PHE A 437 24.81 23.28 -24.23
C PHE A 437 24.00 22.71 -25.42
N HIS A 438 22.75 22.33 -25.18
CA HIS A 438 21.91 21.77 -26.23
C HIS A 438 21.63 22.79 -27.32
N LYS A 439 21.78 24.06 -27.00
CA LYS A 439 21.56 25.11 -27.97
C LYS A 439 22.75 25.05 -28.94
N GLN A 440 23.95 25.13 -28.38
CA GLN A 440 25.19 25.09 -29.14
C GLN A 440 25.37 23.78 -29.89
N GLN A 441 25.48 22.67 -29.18
CA GLN A 441 25.58 21.38 -29.86
C GLN A 441 24.13 20.93 -29.93
N GLY A 442 23.67 20.48 -31.09
CA GLY A 442 22.28 20.08 -31.19
C GLY A 442 21.94 18.82 -30.43
N ARG A 443 22.51 18.66 -29.25
CA ARG A 443 22.25 17.48 -28.44
C ARG A 443 22.40 17.79 -26.96
N TYR A 444 22.16 16.78 -26.14
CA TYR A 444 22.30 16.92 -24.68
C TYR A 444 23.59 16.23 -24.20
N PRO A 445 24.15 16.70 -23.06
CA PRO A 445 25.37 16.11 -22.53
C PRO A 445 25.29 14.63 -22.18
N GLY A 446 26.42 13.96 -22.34
CA GLY A 446 26.56 12.54 -22.01
C GLY A 446 25.51 11.53 -22.42
N VAL A 447 24.68 11.83 -23.41
CA VAL A 447 23.68 10.87 -23.82
C VAL A 447 24.28 9.48 -24.03
N SER A 448 25.45 9.44 -24.66
CA SER A 448 26.14 8.18 -24.89
C SER A 448 27.24 8.08 -23.85
N ASN A 449 27.65 6.87 -23.53
CA ASN A 449 28.67 6.70 -22.52
C ASN A 449 29.97 7.32 -23.01
N TYR A 450 30.26 7.17 -24.30
CA TYR A 450 31.49 7.70 -24.87
C TYR A 450 31.59 9.24 -24.92
N GLN A 451 30.54 9.94 -24.53
CA GLN A 451 30.55 11.41 -24.57
C GLN A 451 30.80 12.06 -23.21
N VAL A 452 30.40 11.36 -22.16
CA VAL A 452 30.53 11.85 -20.79
C VAL A 452 31.84 12.61 -20.50
N GLU A 453 32.97 11.92 -20.61
CA GLU A 453 34.29 12.53 -20.36
C GLU A 453 34.34 13.94 -20.94
N GLU A 454 34.34 13.97 -22.28
CA GLU A 454 34.40 15.19 -23.07
C GLU A 454 33.44 16.30 -22.63
N ASP A 455 32.16 15.96 -22.60
CA ASP A 455 31.14 16.93 -22.27
C ASP A 455 31.23 17.47 -20.85
N ILE A 456 31.92 16.77 -19.96
CA ILE A 456 32.05 17.26 -18.60
C ILE A 456 32.65 18.67 -18.66
N GLY A 457 33.62 18.84 -19.55
CA GLY A 457 34.27 20.13 -19.71
C GLY A 457 33.47 21.11 -20.55
N LYS A 458 32.89 20.61 -21.64
CA LYS A 458 32.09 21.45 -22.52
C LYS A 458 30.98 22.13 -21.72
N LEU A 459 30.34 21.33 -20.87
CA LEU A 459 29.24 21.81 -20.04
C LEU A 459 29.70 22.84 -19.02
N LYS A 460 30.81 22.56 -18.36
CA LYS A 460 31.35 23.49 -17.38
C LYS A 460 31.44 24.89 -18.01
N SER A 461 31.71 24.90 -19.32
CA SER A 461 31.84 26.14 -20.07
C SER A 461 30.51 26.87 -20.18
N CYS A 462 29.51 26.17 -20.70
CA CYS A 462 28.18 26.74 -20.87
C CYS A 462 27.68 27.28 -19.53
N LEU A 463 28.00 26.58 -18.45
CA LEU A 463 27.58 27.01 -17.12
C LEU A 463 28.08 28.42 -16.89
N THR A 464 29.38 28.60 -17.12
CA THR A 464 30.03 29.90 -16.95
C THR A 464 29.48 30.91 -17.95
N GLY A 465 29.36 30.49 -19.20
CA GLY A 465 28.84 31.37 -20.24
C GLY A 465 27.49 31.92 -19.80
N PHE A 466 26.74 31.08 -19.10
CA PHE A 466 25.42 31.44 -18.59
C PHE A 466 25.56 32.30 -17.33
N LEU A 467 26.31 31.79 -16.35
CA LEU A 467 26.51 32.51 -15.09
C LEU A 467 27.04 33.90 -15.35
N GLN A 468 27.91 34.02 -16.33
CA GLN A 468 28.50 35.30 -16.68
C GLN A 468 27.51 36.20 -17.38
N GLU A 469 26.78 35.65 -18.36
CA GLU A 469 25.83 36.45 -19.09
C GLU A 469 24.84 37.22 -18.19
N TYR A 470 24.49 36.66 -17.04
CA TYR A 470 23.58 37.39 -16.15
C TYR A 470 24.34 37.95 -14.94
N GLY A 471 25.65 37.74 -14.93
CA GLY A 471 26.48 38.23 -13.85
C GLY A 471 26.11 37.61 -12.53
N LEU A 472 26.43 36.33 -12.38
CA LEU A 472 26.14 35.59 -11.17
C LEU A 472 27.42 35.11 -10.52
N SER A 473 27.78 35.77 -9.42
CA SER A 473 28.98 35.50 -8.65
C SER A 473 29.09 34.11 -7.99
N VAL A 474 28.03 33.34 -8.12
CA VAL A 474 27.93 32.00 -7.53
C VAL A 474 28.92 30.91 -7.94
N MET A 475 29.30 30.08 -6.96
CA MET A 475 30.20 28.96 -7.20
C MET A 475 29.34 27.69 -7.21
N VAL A 476 29.63 26.78 -8.14
CA VAL A 476 28.88 25.55 -8.28
C VAL A 476 29.85 24.38 -8.13
N LYS A 477 29.60 23.49 -7.18
CA LYS A 477 30.49 22.35 -6.99
C LYS A 477 30.57 21.61 -8.31
N ASP A 478 31.79 21.29 -8.73
CA ASP A 478 31.98 20.59 -9.99
C ASP A 478 31.21 19.28 -10.06
N ASP A 479 30.93 18.71 -8.89
CA ASP A 479 30.20 17.46 -8.82
C ASP A 479 28.90 17.50 -9.60
N TYR A 480 28.15 18.59 -9.45
CA TYR A 480 26.90 18.72 -10.16
C TYR A 480 27.11 18.64 -11.68
N VAL A 481 28.20 19.21 -12.18
CA VAL A 481 28.44 19.15 -13.61
C VAL A 481 28.61 17.72 -14.08
N HIS A 482 29.45 16.95 -13.40
CA HIS A 482 29.67 15.55 -13.77
C HIS A 482 28.35 14.76 -13.67
N GLU A 483 27.66 14.88 -12.53
CA GLU A 483 26.40 14.19 -12.30
C GLU A 483 25.38 14.42 -13.40
N PHE A 484 25.28 15.66 -13.90
CA PHE A 484 24.33 15.96 -14.96
C PHE A 484 24.67 15.30 -16.31
N CYS A 485 25.96 15.22 -16.64
CA CYS A 485 26.37 14.60 -17.89
C CYS A 485 26.07 13.13 -17.71
N ARG A 486 26.37 12.65 -16.51
CA ARG A 486 26.14 11.27 -16.14
C ARG A 486 24.68 10.89 -16.43
N TYR A 487 23.74 11.80 -16.17
CA TYR A 487 22.32 11.53 -16.42
C TYR A 487 22.04 11.15 -17.87
N GLY A 488 22.73 11.80 -18.81
CA GLY A 488 22.52 11.52 -20.22
C GLY A 488 21.11 11.89 -20.62
N ALA A 489 20.59 12.95 -20.01
CA ALA A 489 19.23 13.44 -20.26
C ALA A 489 18.22 12.31 -20.16
N ALA A 490 18.49 11.37 -19.26
CA ALA A 490 17.60 10.23 -19.04
C ALA A 490 16.32 10.67 -18.34
N GLU A 491 15.24 9.96 -18.61
CA GLU A 491 13.97 10.26 -17.99
C GLU A 491 13.48 9.00 -17.26
N PRO A 492 13.99 8.78 -16.03
CA PRO A 492 13.67 7.63 -15.16
C PRO A 492 12.21 7.65 -14.78
N HIS A 493 11.54 6.52 -14.92
CA HIS A 493 10.12 6.49 -14.65
C HIS A 493 9.67 6.97 -13.28
N THR A 494 10.37 6.56 -12.23
CA THR A 494 9.97 6.97 -10.89
C THR A 494 10.05 8.47 -10.71
N ILE A 495 10.94 9.15 -11.43
CA ILE A 495 10.99 10.60 -11.30
C ILE A 495 9.90 11.27 -12.10
N ALA A 496 9.50 10.65 -13.21
CA ALA A 496 8.46 11.19 -14.06
C ALA A 496 7.13 11.01 -13.38
N ALA A 497 7.06 9.94 -12.60
CA ALA A 497 5.86 9.59 -11.86
C ALA A 497 5.67 10.53 -10.69
N PHE A 498 6.74 10.97 -10.07
CA PHE A 498 6.63 11.88 -8.94
C PHE A 498 6.05 13.17 -9.47
N LEU A 499 6.61 13.65 -10.58
CA LEU A 499 6.13 14.89 -11.20
C LEU A 499 4.69 14.76 -11.65
N GLY A 500 4.38 13.62 -12.25
CA GLY A 500 3.03 13.40 -12.72
C GLY A 500 1.97 13.63 -11.67
N GLY A 501 2.30 13.34 -10.41
CA GLY A 501 1.35 13.52 -9.34
C GLY A 501 1.32 14.98 -8.96
N ALA A 502 2.49 15.54 -8.72
CA ALA A 502 2.60 16.92 -8.33
C ALA A 502 2.02 17.86 -9.37
N ALA A 503 2.30 17.59 -10.64
CA ALA A 503 1.83 18.42 -11.73
C ALA A 503 0.32 18.35 -11.91
N ALA A 504 -0.22 17.14 -11.86
CA ALA A 504 -1.65 16.96 -12.01
C ALA A 504 -2.45 17.75 -10.97
N GLN A 505 -2.10 17.59 -9.70
CA GLN A 505 -2.86 18.31 -8.69
C GLN A 505 -2.78 19.82 -8.87
N GLU A 506 -1.67 20.33 -9.39
CA GLU A 506 -1.57 21.78 -9.61
C GLU A 506 -2.56 22.18 -10.69
N VAL A 507 -2.70 21.33 -11.69
CA VAL A 507 -3.61 21.55 -12.80
C VAL A 507 -5.06 21.50 -12.33
N ILE A 508 -5.34 20.64 -11.35
CA ILE A 508 -6.70 20.53 -10.80
C ILE A 508 -6.98 21.76 -9.94
N LYS A 509 -5.93 22.33 -9.35
CA LYS A 509 -6.11 23.52 -8.54
C LYS A 509 -6.48 24.65 -9.47
N ILE A 510 -5.91 24.61 -10.67
CA ILE A 510 -6.17 25.61 -11.70
C ILE A 510 -7.61 25.53 -12.21
N ILE A 511 -8.05 24.33 -12.59
CA ILE A 511 -9.42 24.15 -13.07
C ILE A 511 -10.47 24.45 -12.02
N THR A 512 -10.46 23.69 -10.93
CA THR A 512 -11.43 23.89 -9.85
C THR A 512 -11.33 25.21 -9.10
N LYS A 513 -10.19 25.88 -9.20
CA LYS A 513 -10.04 27.15 -8.48
C LYS A 513 -10.18 26.96 -6.98
N GLN A 514 -9.82 25.77 -6.51
CA GLN A 514 -9.84 25.41 -5.08
C GLN A 514 -8.37 25.12 -4.65
N PHE A 515 -8.04 25.45 -3.41
CA PHE A 515 -6.69 25.24 -2.88
C PHE A 515 -5.77 26.27 -3.49
N VAL A 516 -4.50 26.24 -3.11
CA VAL A 516 -3.52 27.21 -3.61
C VAL A 516 -2.39 26.61 -4.43
N ILE A 517 -2.03 27.26 -5.53
CA ILE A 517 -0.94 26.79 -6.38
C ILE A 517 0.42 27.34 -5.95
N PHE A 518 1.51 26.70 -6.40
CA PHE A 518 2.85 27.19 -6.05
C PHE A 518 3.14 28.45 -6.85
N ASN A 519 4.01 29.33 -6.35
CA ASN A 519 4.23 30.59 -7.04
C ASN A 519 5.25 30.74 -8.13
N ASN A 520 5.85 29.65 -8.61
CA ASN A 520 6.78 29.82 -9.71
C ASN A 520 7.50 28.59 -10.23
N THR A 521 8.56 28.22 -9.53
CA THR A 521 9.35 27.08 -9.94
C THR A 521 9.48 26.09 -8.79
N TYR A 522 9.22 24.82 -9.08
CA TYR A 522 9.36 23.78 -8.08
C TYR A 522 10.50 22.88 -8.56
N ILE A 523 11.45 22.57 -7.69
CA ILE A 523 12.54 21.73 -8.11
C ILE A 523 12.65 20.53 -7.19
N TYR A 524 12.73 19.34 -7.78
CA TYR A 524 12.80 18.11 -7.03
C TYR A 524 14.07 17.32 -7.29
N SER A 525 14.66 16.77 -6.23
CA SER A 525 15.87 15.97 -6.35
C SER A 525 15.60 14.58 -5.83
N GLY A 526 15.54 13.61 -6.74
CA GLY A 526 15.31 12.23 -6.35
C GLY A 526 16.59 11.66 -5.77
N MET A 527 17.66 12.42 -5.92
CA MET A 527 18.95 12.00 -5.43
C MET A 527 18.94 12.10 -3.90
N SER A 528 18.40 13.20 -3.40
CA SER A 528 18.37 13.43 -1.97
C SER A 528 16.94 13.49 -1.43
N GLN A 529 15.98 13.23 -2.30
CA GLN A 529 14.56 13.28 -1.93
C GLN A 529 14.16 14.57 -1.23
N THR A 530 14.73 15.69 -1.64
CA THR A 530 14.38 16.97 -1.05
C THR A 530 13.71 17.75 -2.16
N SER A 531 13.08 18.87 -1.84
CA SER A 531 12.42 19.64 -2.87
C SER A 531 12.28 21.07 -2.39
N ALA A 532 12.01 22.02 -3.30
CA ALA A 532 11.85 23.42 -2.90
C ALA A 532 11.17 24.28 -3.96
N THR A 533 10.68 25.44 -3.54
CA THR A 533 9.99 26.36 -4.42
C THR A 533 10.71 27.70 -4.48
N PHE A 534 10.68 28.36 -5.65
CA PHE A 534 11.32 29.68 -5.81
C PHE A 534 10.47 30.59 -6.69
N GLN A 535 10.64 31.90 -6.52
CA GLN A 535 9.92 32.91 -7.30
C GLN A 535 10.96 33.39 -8.32
N LEU A 536 10.74 33.16 -9.60
CA LEU A 536 11.85 33.46 -10.52
C LEU A 536 11.82 34.38 -11.70
N LYS B 5 -8.41 -27.15 1.91
CA LYS B 5 -7.67 -27.03 0.65
C LYS B 5 -7.84 -28.30 -0.16
N ILE B 6 -6.77 -28.69 -0.85
CA ILE B 6 -6.81 -29.92 -1.64
C ILE B 6 -6.87 -31.02 -0.58
N GLU B 7 -7.77 -31.97 -0.78
CA GLU B 7 -7.97 -33.06 0.17
C GLU B 7 -6.78 -33.99 0.36
N GLU B 8 -6.29 -34.06 1.60
CA GLU B 8 -5.14 -34.90 1.96
C GLU B 8 -5.47 -36.39 1.95
N GLY B 9 -4.50 -37.18 1.50
CA GLY B 9 -4.72 -38.61 1.43
C GLY B 9 -5.25 -39.08 0.07
N LYS B 10 -6.02 -38.26 -0.64
CA LYS B 10 -6.50 -38.67 -1.96
C LYS B 10 -5.71 -37.88 -3.00
N LEU B 11 -5.70 -38.37 -4.24
CA LEU B 11 -4.98 -37.69 -5.31
C LEU B 11 -5.89 -37.33 -6.48
N VAL B 12 -6.27 -36.05 -6.56
CA VAL B 12 -7.12 -35.57 -7.66
C VAL B 12 -6.18 -35.26 -8.82
N ILE B 13 -6.25 -36.09 -9.87
CA ILE B 13 -5.40 -35.92 -11.05
C ILE B 13 -6.17 -35.21 -12.16
N TRP B 14 -5.51 -34.26 -12.79
CA TRP B 14 -6.09 -33.50 -13.89
C TRP B 14 -5.39 -33.88 -15.19
N ILE B 15 -6.17 -34.04 -16.27
CA ILE B 15 -5.64 -34.39 -17.59
C ILE B 15 -6.66 -33.98 -18.66
N ASN B 16 -6.26 -34.01 -19.94
CA ASN B 16 -7.16 -33.58 -21.00
C ASN B 16 -8.16 -34.60 -21.56
N GLY B 17 -9.26 -34.11 -22.12
CA GLY B 17 -10.26 -35.00 -22.68
C GLY B 17 -9.72 -35.94 -23.75
N ASP B 18 -9.02 -35.38 -24.75
CA ASP B 18 -8.46 -36.16 -25.86
C ASP B 18 -7.23 -37.00 -25.51
N LYS B 19 -7.08 -37.26 -24.21
CA LYS B 19 -5.98 -38.07 -23.72
C LYS B 19 -6.71 -39.20 -23.00
N GLY B 20 -6.42 -40.44 -23.37
CA GLY B 20 -7.06 -41.59 -22.75
C GLY B 20 -7.31 -41.44 -21.25
N TYR B 21 -8.53 -41.03 -20.88
CA TYR B 21 -8.84 -40.85 -19.47
C TYR B 21 -9.38 -42.07 -18.73
N ASN B 22 -9.55 -43.18 -19.46
CA ASN B 22 -10.08 -44.41 -18.90
C ASN B 22 -9.01 -45.48 -18.63
N GLY B 23 -8.00 -45.58 -19.49
CA GLY B 23 -6.95 -46.56 -19.29
C GLY B 23 -5.97 -46.08 -18.23
N LEU B 24 -6.09 -44.82 -17.86
CA LEU B 24 -5.22 -44.24 -16.85
C LEU B 24 -5.87 -44.31 -15.47
N ALA B 25 -7.16 -44.01 -15.41
CA ALA B 25 -7.88 -44.04 -14.12
C ALA B 25 -7.78 -45.45 -13.52
N GLU B 26 -7.68 -46.44 -14.40
CA GLU B 26 -7.57 -47.85 -14.01
C GLU B 26 -6.18 -48.10 -13.39
N VAL B 27 -5.21 -47.24 -13.70
CA VAL B 27 -3.86 -47.34 -13.16
C VAL B 27 -3.90 -46.58 -11.82
N GLY B 28 -5.08 -46.03 -11.51
CA GLY B 28 -5.30 -45.31 -10.28
C GLY B 28 -6.15 -46.15 -9.36
N LYS B 29 -6.88 -47.11 -9.94
CA LYS B 29 -7.73 -48.02 -9.19
C LYS B 29 -6.85 -49.07 -8.50
N LYS B 30 -5.82 -49.54 -9.21
CA LYS B 30 -4.87 -50.53 -8.69
C LYS B 30 -4.06 -49.89 -7.56
N PHE B 31 -4.24 -48.58 -7.40
CA PHE B 31 -3.54 -47.80 -6.40
C PHE B 31 -4.21 -47.84 -5.03
N GLU B 32 -5.48 -47.44 -4.99
CA GLU B 32 -6.24 -47.43 -3.73
C GLU B 32 -6.42 -48.87 -3.25
N LYS B 33 -6.53 -49.77 -4.22
CA LYS B 33 -6.70 -51.20 -3.95
C LYS B 33 -5.46 -51.76 -3.26
N ASP B 34 -4.33 -51.12 -3.53
CA ASP B 34 -3.05 -51.55 -2.99
C ASP B 34 -2.59 -50.76 -1.75
N THR B 35 -3.12 -49.56 -1.56
CA THR B 35 -2.72 -48.69 -0.43
C THR B 35 -3.87 -48.14 0.41
N GLY B 36 -5.08 -48.16 -0.15
CA GLY B 36 -6.23 -47.63 0.56
C GLY B 36 -6.47 -46.19 0.14
N ILE B 37 -5.43 -45.56 -0.42
CA ILE B 37 -5.52 -44.17 -0.87
C ILE B 37 -6.27 -44.06 -2.21
N LYS B 38 -7.36 -43.28 -2.25
CA LYS B 38 -8.15 -43.13 -3.48
C LYS B 38 -7.69 -42.13 -4.55
N VAL B 39 -8.06 -42.46 -5.79
CA VAL B 39 -7.74 -41.66 -6.98
C VAL B 39 -9.00 -41.18 -7.71
N THR B 40 -9.04 -39.88 -7.99
CA THR B 40 -10.15 -39.27 -8.73
C THR B 40 -9.48 -38.54 -9.88
N VAL B 41 -9.78 -38.95 -11.10
CA VAL B 41 -9.20 -38.34 -12.28
C VAL B 41 -10.28 -37.59 -13.03
N GLU B 42 -9.94 -36.38 -13.45
CA GLU B 42 -10.87 -35.57 -14.20
C GLU B 42 -10.18 -35.01 -15.43
N HIS B 43 -10.98 -34.59 -16.40
CA HIS B 43 -10.53 -34.07 -17.68
C HIS B 43 -11.18 -32.70 -17.96
N PRO B 44 -11.21 -31.81 -16.96
CA PRO B 44 -11.83 -30.49 -17.14
C PRO B 44 -11.42 -29.77 -18.41
N ASP B 45 -12.38 -29.05 -18.99
CA ASP B 45 -12.10 -28.28 -20.18
C ASP B 45 -11.21 -27.13 -19.72
N LYS B 46 -10.31 -26.68 -20.60
CA LYS B 46 -9.39 -25.58 -20.30
C LYS B 46 -8.56 -25.76 -19.03
N LEU B 47 -8.27 -26.99 -18.63
CA LEU B 47 -7.50 -27.17 -17.39
C LEU B 47 -6.12 -26.54 -17.41
N GLU B 48 -5.50 -26.44 -18.58
CA GLU B 48 -4.18 -25.83 -18.69
C GLU B 48 -4.31 -24.35 -18.44
N GLU B 49 -5.55 -23.88 -18.54
CA GLU B 49 -5.87 -22.49 -18.33
C GLU B 49 -6.46 -22.32 -16.92
N LYS B 50 -7.14 -23.37 -16.45
CA LYS B 50 -7.76 -23.37 -15.12
C LYS B 50 -6.78 -23.63 -14.00
N PHE B 51 -5.68 -24.32 -14.32
CA PHE B 51 -4.67 -24.64 -13.33
C PHE B 51 -3.99 -23.41 -12.76
N PRO B 52 -3.37 -22.59 -13.61
CA PRO B 52 -2.69 -21.37 -13.13
C PRO B 52 -3.58 -20.58 -12.19
N GLN B 53 -4.86 -20.49 -12.55
CA GLN B 53 -5.84 -19.77 -11.75
C GLN B 53 -5.93 -20.35 -10.34
N VAL B 54 -6.20 -21.65 -10.24
CA VAL B 54 -6.33 -22.31 -8.93
C VAL B 54 -5.01 -22.62 -8.23
N ALA B 55 -3.96 -22.91 -8.99
CA ALA B 55 -2.66 -23.22 -8.40
C ALA B 55 -2.08 -22.00 -7.69
N ALA B 56 -2.62 -20.83 -8.04
CA ALA B 56 -2.17 -19.57 -7.45
C ALA B 56 -2.81 -19.38 -6.08
N THR B 57 -4.11 -19.60 -6.01
CA THR B 57 -4.84 -19.46 -4.76
C THR B 57 -4.72 -20.70 -3.86
N GLY B 58 -3.70 -21.52 -4.10
CA GLY B 58 -3.50 -22.70 -3.29
C GLY B 58 -4.10 -24.02 -3.75
N ASP B 59 -5.44 -24.10 -3.83
CA ASP B 59 -6.11 -25.33 -4.23
C ASP B 59 -5.88 -25.79 -5.67
N GLY B 60 -6.45 -26.95 -6.02
CA GLY B 60 -6.30 -27.49 -7.35
C GLY B 60 -5.96 -28.97 -7.33
N PRO B 61 -5.33 -29.52 -8.38
CA PRO B 61 -4.97 -30.94 -8.42
C PRO B 61 -3.59 -31.20 -7.80
N ASP B 62 -3.39 -32.42 -7.32
CA ASP B 62 -2.12 -32.80 -6.71
C ASP B 62 -1.11 -33.00 -7.83
N ILE B 63 -1.63 -33.46 -8.97
CA ILE B 63 -0.83 -33.71 -10.15
C ILE B 63 -1.66 -33.28 -11.38
N ILE B 64 -0.96 -33.04 -12.49
CA ILE B 64 -1.62 -32.62 -13.72
C ILE B 64 -0.73 -33.02 -14.92
N PHE B 65 -1.35 -33.45 -16.01
CA PHE B 65 -0.61 -33.86 -17.22
C PHE B 65 -0.77 -32.85 -18.36
N TRP B 66 0.36 -32.45 -18.95
CA TRP B 66 0.35 -31.48 -20.04
C TRP B 66 1.75 -31.33 -20.66
N ALA B 67 1.81 -30.71 -21.83
CA ALA B 67 3.08 -30.50 -22.51
C ALA B 67 3.99 -29.60 -21.67
N HIS B 68 5.27 -29.99 -21.56
CA HIS B 68 6.25 -29.24 -20.77
C HIS B 68 6.25 -27.72 -21.02
N ASP B 69 5.98 -27.29 -22.25
CA ASP B 69 5.97 -25.87 -22.60
C ASP B 69 5.06 -24.97 -21.75
N ARG B 70 4.19 -25.58 -20.94
CA ARG B 70 3.28 -24.82 -20.07
C ARG B 70 3.91 -24.67 -18.68
N PHE B 71 4.49 -25.76 -18.21
CA PHE B 71 5.13 -25.82 -16.91
C PHE B 71 6.19 -24.76 -16.71
N GLY B 72 6.66 -24.18 -17.79
CA GLY B 72 7.66 -23.13 -17.68
C GLY B 72 6.96 -21.99 -16.96
N GLY B 73 5.73 -21.74 -17.38
CA GLY B 73 4.92 -20.69 -16.77
C GLY B 73 4.60 -20.99 -15.32
N TYR B 74 4.06 -22.18 -15.04
CA TYR B 74 3.72 -22.54 -13.67
C TYR B 74 4.94 -22.41 -12.76
N ALA B 75 6.04 -23.04 -13.15
CA ALA B 75 7.26 -23.00 -12.35
C ALA B 75 7.59 -21.57 -11.91
N GLN B 76 7.62 -20.66 -12.87
CA GLN B 76 7.93 -19.25 -12.62
C GLN B 76 6.96 -18.59 -11.62
N SER B 77 5.69 -18.95 -11.71
CA SER B 77 4.68 -18.41 -10.80
C SER B 77 4.72 -19.17 -9.48
N GLY B 78 5.64 -20.14 -9.40
CA GLY B 78 5.80 -20.94 -8.21
C GLY B 78 4.66 -21.92 -7.97
N LEU B 79 4.02 -22.37 -9.05
CA LEU B 79 2.89 -23.29 -8.97
C LEU B 79 3.32 -24.76 -8.93
N LEU B 80 4.59 -25.02 -9.20
CA LEU B 80 5.10 -26.40 -9.19
C LEU B 80 6.10 -26.66 -8.07
N ALA B 81 6.27 -27.93 -7.73
CA ALA B 81 7.21 -28.33 -6.70
C ALA B 81 8.34 -29.11 -7.36
N GLU B 82 9.57 -28.87 -6.93
CA GLU B 82 10.72 -29.56 -7.49
C GLU B 82 10.63 -31.04 -7.15
N ILE B 83 10.67 -31.87 -8.18
CA ILE B 83 10.61 -33.32 -8.01
C ILE B 83 12.05 -33.78 -7.72
N THR B 84 12.21 -34.85 -6.95
CA THR B 84 13.55 -35.33 -6.67
C THR B 84 13.73 -36.85 -6.50
N PRO B 85 14.16 -37.53 -7.58
CA PRO B 85 14.39 -38.98 -7.57
C PRO B 85 15.88 -39.27 -7.82
N ASP B 86 16.26 -40.53 -7.64
CA ASP B 86 17.65 -40.97 -7.82
C ASP B 86 18.07 -41.18 -9.27
N LYS B 87 19.37 -41.17 -9.52
CA LYS B 87 19.91 -41.36 -10.86
C LYS B 87 19.57 -42.76 -11.38
N ALA B 88 19.37 -43.72 -10.48
CA ALA B 88 19.06 -45.09 -10.88
C ALA B 88 17.68 -45.18 -11.54
N PHE B 89 16.74 -44.39 -11.04
CA PHE B 89 15.39 -44.36 -11.57
C PHE B 89 15.33 -43.45 -12.80
N GLN B 90 16.25 -42.50 -12.89
CA GLN B 90 16.30 -41.57 -14.01
C GLN B 90 16.84 -42.22 -15.28
N ASP B 91 17.44 -43.40 -15.13
CA ASP B 91 17.98 -44.14 -16.28
C ASP B 91 16.89 -44.95 -16.96
N LYS B 92 15.77 -45.12 -16.25
CA LYS B 92 14.63 -45.86 -16.78
C LYS B 92 14.06 -45.02 -17.91
N LEU B 93 14.18 -43.70 -17.76
CA LEU B 93 13.72 -42.73 -18.77
C LEU B 93 14.94 -42.22 -19.51
N TYR B 94 14.72 -41.54 -20.64
CA TYR B 94 15.81 -41.00 -21.45
C TYR B 94 16.49 -39.78 -20.82
N PRO B 95 17.80 -39.62 -21.07
CA PRO B 95 18.63 -38.53 -20.55
C PRO B 95 18.28 -37.10 -20.98
N PHE B 96 17.60 -36.96 -22.11
CA PHE B 96 17.25 -35.63 -22.62
C PHE B 96 15.88 -35.10 -22.15
N THR B 97 14.89 -35.99 -22.01
CA THR B 97 13.55 -35.59 -21.59
C THR B 97 13.51 -34.72 -20.33
N TRP B 98 14.48 -34.91 -19.44
CA TRP B 98 14.54 -34.14 -18.18
C TRP B 98 14.69 -32.63 -18.31
N ASP B 99 15.34 -32.17 -19.37
CA ASP B 99 15.51 -30.74 -19.57
C ASP B 99 14.19 -30.06 -19.88
N ALA B 100 13.43 -30.66 -20.80
CA ALA B 100 12.12 -30.15 -21.19
C ALA B 100 11.27 -29.97 -19.93
N VAL B 101 11.55 -30.81 -18.94
CA VAL B 101 10.86 -30.78 -17.66
C VAL B 101 11.83 -30.24 -16.60
N ARG B 102 12.25 -28.99 -16.79
CA ARG B 102 13.17 -28.35 -15.87
C ARG B 102 12.98 -26.83 -15.91
N TYR B 103 13.47 -26.17 -14.86
CA TYR B 103 13.36 -24.71 -14.74
C TYR B 103 14.36 -24.29 -13.66
N ASN B 104 15.10 -23.21 -13.89
CA ASN B 104 16.09 -22.74 -12.91
C ASN B 104 17.04 -23.82 -12.38
N GLY B 105 17.37 -24.81 -13.21
CA GLY B 105 18.28 -25.86 -12.76
C GLY B 105 17.56 -26.87 -11.90
N LYS B 106 16.23 -26.83 -11.92
CA LYS B 106 15.41 -27.74 -11.13
C LYS B 106 14.40 -28.53 -11.96
N LEU B 107 14.24 -29.82 -11.64
CA LEU B 107 13.27 -30.66 -12.35
C LEU B 107 11.89 -30.37 -11.76
N ILE B 108 10.92 -30.13 -12.62
CA ILE B 108 9.57 -29.80 -12.16
C ILE B 108 8.45 -30.75 -12.57
N ALA B 109 8.75 -31.70 -13.44
CA ALA B 109 7.72 -32.64 -13.90
C ALA B 109 8.33 -33.98 -14.32
N TYR B 110 7.49 -35.01 -14.34
CA TYR B 110 7.91 -36.35 -14.74
C TYR B 110 7.36 -36.61 -16.15
N PRO B 111 8.26 -36.80 -17.14
CA PRO B 111 7.93 -37.06 -18.54
C PRO B 111 7.00 -38.26 -18.73
N ILE B 112 5.95 -38.09 -19.51
CA ILE B 112 4.98 -39.16 -19.77
C ILE B 112 5.13 -39.61 -21.23
N ALA B 113 4.75 -38.74 -22.17
CA ALA B 113 4.84 -39.04 -23.60
C ALA B 113 5.56 -37.93 -24.39
N VAL B 114 5.97 -38.24 -25.61
CA VAL B 114 6.70 -37.27 -26.45
C VAL B 114 6.13 -37.20 -27.88
N GLU B 115 6.42 -36.10 -28.60
CA GLU B 115 5.96 -35.93 -29.98
C GLU B 115 6.90 -35.11 -30.86
N ALA B 116 6.86 -35.37 -32.17
CA ALA B 116 7.70 -34.67 -33.13
C ALA B 116 7.30 -34.83 -34.59
N LEU B 117 7.68 -33.86 -35.42
CA LEU B 117 7.38 -33.87 -36.85
C LEU B 117 8.32 -34.81 -37.59
N SER B 118 7.78 -35.53 -38.57
CA SER B 118 8.56 -36.45 -39.39
C SER B 118 8.05 -36.35 -40.83
N LEU B 119 8.80 -36.90 -41.75
CA LEU B 119 8.39 -36.86 -43.15
C LEU B 119 7.64 -38.12 -43.55
N ILE B 120 6.45 -37.92 -44.11
CA ILE B 120 5.61 -39.02 -44.55
C ILE B 120 5.59 -39.03 -46.08
N TYR B 121 6.03 -40.14 -46.67
CA TYR B 121 6.05 -40.22 -48.12
C TYR B 121 5.17 -41.32 -48.66
N ASN B 122 4.65 -41.11 -49.86
CA ASN B 122 3.80 -42.09 -50.53
C ASN B 122 4.76 -43.21 -50.95
N LYS B 123 4.69 -44.33 -50.24
CA LYS B 123 5.58 -45.47 -50.48
C LYS B 123 5.78 -45.92 -51.94
N ASP B 124 4.68 -46.18 -52.66
CA ASP B 124 4.76 -46.64 -54.06
C ASP B 124 5.60 -45.76 -54.99
N LEU B 125 5.26 -44.47 -55.05
CA LEU B 125 5.97 -43.56 -55.94
C LEU B 125 7.49 -43.60 -55.74
N LEU B 126 7.94 -43.60 -54.50
CA LEU B 126 9.37 -43.66 -54.19
C LEU B 126 9.57 -44.45 -52.89
N PRO B 127 10.11 -45.68 -52.99
CA PRO B 127 10.35 -46.49 -51.79
C PRO B 127 11.75 -46.22 -51.20
N ASN B 128 12.32 -45.10 -51.64
CA ASN B 128 13.64 -44.60 -51.19
C ASN B 128 13.36 -43.27 -50.50
N PRO B 129 13.55 -43.19 -49.17
CA PRO B 129 13.27 -41.85 -48.62
C PRO B 129 14.54 -41.03 -48.81
N PRO B 130 14.44 -39.76 -49.22
CA PRO B 130 15.64 -38.95 -49.40
C PRO B 130 16.42 -38.76 -48.09
N LYS B 131 17.76 -38.79 -48.15
CA LYS B 131 18.61 -38.62 -46.96
C LYS B 131 18.98 -37.15 -46.69
N THR B 132 18.74 -36.29 -47.67
CA THR B 132 19.01 -34.86 -47.51
C THR B 132 18.04 -34.05 -48.39
N TRP B 133 17.97 -32.74 -48.16
CA TRP B 133 17.06 -31.86 -48.91
C TRP B 133 17.48 -31.49 -50.33
N GLU B 134 18.79 -31.38 -50.54
CA GLU B 134 19.37 -31.01 -51.83
C GLU B 134 18.71 -31.68 -53.05
N GLU B 135 18.39 -32.96 -52.92
CA GLU B 135 17.78 -33.73 -54.00
C GLU B 135 16.27 -33.52 -54.17
N ILE B 136 15.58 -33.15 -53.09
CA ILE B 136 14.12 -32.95 -53.15
C ILE B 136 13.61 -32.20 -54.39
N PRO B 137 14.30 -31.10 -54.80
CA PRO B 137 13.83 -30.37 -55.98
C PRO B 137 13.89 -31.21 -57.27
N ALA B 138 15.02 -31.91 -57.45
CA ALA B 138 15.27 -32.76 -58.62
C ALA B 138 14.04 -33.58 -59.06
N LEU B 139 13.18 -33.92 -58.09
CA LEU B 139 11.99 -34.72 -58.36
C LEU B 139 10.77 -34.00 -58.93
N ASP B 140 10.56 -32.73 -58.57
CA ASP B 140 9.40 -32.00 -59.10
C ASP B 140 9.34 -32.04 -60.63
N LYS B 141 10.51 -31.99 -61.28
CA LYS B 141 10.57 -32.00 -62.74
C LYS B 141 9.99 -33.30 -63.34
N GLU B 142 10.13 -34.39 -62.60
CA GLU B 142 9.62 -35.69 -63.02
C GLU B 142 8.12 -35.78 -62.77
N LEU B 143 7.76 -35.52 -61.51
CA LEU B 143 6.37 -35.55 -61.09
C LEU B 143 5.53 -34.52 -61.83
N LYS B 144 6.07 -33.31 -62.03
CA LYS B 144 5.35 -32.26 -62.77
C LYS B 144 5.16 -32.74 -64.20
N ALA B 145 6.13 -33.52 -64.69
CA ALA B 145 6.07 -34.11 -66.02
C ALA B 145 4.89 -35.09 -66.01
N LYS B 146 4.43 -35.40 -64.80
CA LYS B 146 3.29 -36.30 -64.60
C LYS B 146 2.12 -35.46 -64.10
N GLY B 147 2.41 -34.29 -63.51
CA GLY B 147 1.38 -33.40 -63.01
C GLY B 147 1.39 -33.23 -61.51
N LYS B 148 2.40 -33.80 -60.85
CA LYS B 148 2.55 -33.75 -59.38
C LYS B 148 3.79 -33.01 -58.87
N SER B 149 3.81 -32.76 -57.56
CA SER B 149 4.94 -32.12 -56.89
C SER B 149 5.49 -33.20 -55.97
N ALA B 150 6.81 -33.23 -55.81
CA ALA B 150 7.43 -34.21 -54.94
C ALA B 150 7.04 -33.96 -53.50
N LEU B 151 7.06 -32.69 -53.10
CA LEU B 151 6.73 -32.32 -51.73
C LEU B 151 5.55 -31.34 -51.63
N MET B 152 4.89 -31.35 -50.47
CA MET B 152 3.77 -30.46 -50.25
C MET B 152 3.41 -30.49 -48.76
N PHE B 153 3.57 -29.36 -48.08
CA PHE B 153 3.25 -29.26 -46.67
C PHE B 153 2.93 -27.82 -46.27
N ASN B 154 2.33 -27.66 -45.09
CA ASN B 154 1.96 -26.35 -44.55
C ASN B 154 3.16 -25.44 -44.36
N LEU B 155 3.07 -24.26 -44.97
CA LEU B 155 4.13 -23.25 -44.91
C LEU B 155 3.72 -22.06 -44.06
N GLN B 156 2.41 -21.90 -43.87
CA GLN B 156 1.86 -20.81 -43.09
C GLN B 156 2.25 -20.86 -41.59
N GLU B 157 2.95 -21.92 -41.19
CA GLU B 157 3.35 -22.09 -39.79
C GLU B 157 4.83 -22.44 -39.60
N PRO B 158 5.56 -21.66 -38.79
CA PRO B 158 6.99 -21.84 -38.49
C PRO B 158 7.33 -23.11 -37.72
N TYR B 159 6.32 -23.91 -37.41
CA TYR B 159 6.56 -25.16 -36.69
C TYR B 159 6.99 -26.26 -37.68
N PHE B 160 6.28 -26.33 -38.79
CA PHE B 160 6.54 -27.29 -39.85
C PHE B 160 7.83 -26.98 -40.61
N THR B 161 8.11 -25.69 -40.77
CA THR B 161 9.28 -25.24 -41.51
C THR B 161 10.55 -25.16 -40.68
N TRP B 162 10.39 -25.06 -39.36
CA TRP B 162 11.52 -24.95 -38.46
C TRP B 162 12.56 -26.06 -38.53
N PRO B 163 12.14 -27.31 -38.75
CA PRO B 163 13.12 -28.40 -38.81
C PRO B 163 14.31 -28.21 -39.76
N LEU B 164 14.02 -27.72 -40.96
CA LEU B 164 15.04 -27.48 -41.97
C LEU B 164 15.95 -26.31 -41.60
N ILE B 165 15.33 -25.19 -41.25
CA ILE B 165 16.06 -23.98 -40.87
C ILE B 165 17.08 -24.28 -39.78
N ALA B 166 16.64 -24.95 -38.74
CA ALA B 166 17.48 -25.32 -37.60
C ALA B 166 18.61 -26.28 -37.95
N ALA B 167 18.41 -27.10 -38.97
CA ALA B 167 19.41 -28.08 -39.40
C ALA B 167 20.85 -27.64 -39.19
N ASP B 168 21.26 -26.58 -39.88
CA ASP B 168 22.64 -26.10 -39.78
C ASP B 168 22.98 -25.34 -38.50
N GLY B 169 21.98 -25.06 -37.67
CA GLY B 169 22.29 -24.35 -36.43
C GLY B 169 21.23 -23.40 -35.93
N GLY B 170 19.97 -23.72 -36.20
CA GLY B 170 18.89 -22.87 -35.74
C GLY B 170 18.40 -23.34 -34.39
N TYR B 171 18.43 -22.45 -33.41
CA TYR B 171 17.98 -22.78 -32.06
C TYR B 171 17.05 -21.69 -31.53
N ALA B 172 15.91 -22.09 -30.97
CA ALA B 172 14.94 -21.15 -30.43
C ALA B 172 15.60 -20.19 -29.43
N PHE B 173 15.94 -20.71 -28.25
CA PHE B 173 16.60 -19.91 -27.22
C PHE B 173 17.82 -20.66 -26.70
N LYS B 174 18.93 -19.95 -26.56
CA LYS B 174 20.17 -20.54 -26.09
C LYS B 174 19.99 -21.22 -24.75
N TYR B 175 20.35 -22.50 -24.68
CA TYR B 175 20.23 -23.28 -23.46
C TYR B 175 21.59 -23.49 -22.80
N GLU B 176 21.85 -22.74 -21.73
CA GLU B 176 23.11 -22.87 -20.99
C GLU B 176 22.85 -23.95 -19.92
N ASN B 177 23.92 -24.52 -19.36
CA ASN B 177 23.80 -25.62 -18.39
C ASN B 177 22.46 -25.85 -17.66
N GLY B 178 21.87 -24.81 -17.06
CA GLY B 178 20.62 -25.03 -16.35
C GLY B 178 19.39 -24.23 -16.77
N LYS B 179 19.59 -23.11 -17.47
CA LYS B 179 18.44 -22.30 -17.89
C LYS B 179 18.55 -21.73 -19.30
N TYR B 180 17.40 -21.35 -19.85
CA TYR B 180 17.33 -20.76 -21.19
C TYR B 180 17.65 -19.27 -21.12
N ASP B 181 18.26 -18.74 -22.17
CA ASP B 181 18.59 -17.33 -22.21
C ASP B 181 17.65 -16.65 -23.21
N ILE B 182 16.77 -15.79 -22.71
CA ILE B 182 15.81 -15.09 -23.55
C ILE B 182 16.39 -13.87 -24.28
N LYS B 183 17.69 -13.66 -24.13
CA LYS B 183 18.32 -12.52 -24.79
C LYS B 183 19.10 -12.97 -26.03
N ASP B 184 19.41 -14.27 -26.10
CA ASP B 184 20.17 -14.83 -27.22
C ASP B 184 19.34 -15.82 -28.05
N VAL B 185 18.89 -15.38 -29.22
CA VAL B 185 18.06 -16.20 -30.10
C VAL B 185 18.86 -16.75 -31.29
N GLY B 186 18.63 -18.01 -31.66
CA GLY B 186 19.36 -18.59 -32.78
C GLY B 186 18.58 -18.66 -34.07
N VAL B 187 18.08 -17.52 -34.53
CA VAL B 187 17.32 -17.43 -35.79
C VAL B 187 17.97 -16.40 -36.68
N ASP B 188 19.06 -15.81 -36.18
CA ASP B 188 19.78 -14.78 -36.92
C ASP B 188 21.12 -15.28 -37.46
N ASN B 189 21.54 -16.48 -37.05
CA ASN B 189 22.82 -17.03 -37.50
C ASN B 189 22.81 -17.65 -38.89
N ALA B 190 24.00 -17.87 -39.43
CA ALA B 190 24.18 -18.46 -40.75
C ALA B 190 23.47 -19.80 -40.84
N GLY B 191 23.36 -20.48 -39.70
CA GLY B 191 22.70 -21.78 -39.67
C GLY B 191 21.25 -21.71 -40.09
N ALA B 192 20.61 -20.57 -39.79
CA ALA B 192 19.20 -20.39 -40.14
C ALA B 192 19.05 -19.69 -41.49
N LYS B 193 19.84 -18.64 -41.70
CA LYS B 193 19.79 -17.90 -42.96
C LYS B 193 19.98 -18.85 -44.13
N ALA B 194 20.84 -19.84 -43.96
CA ALA B 194 21.10 -20.82 -45.01
C ALA B 194 19.83 -21.64 -45.22
N GLY B 195 19.34 -22.21 -44.12
CA GLY B 195 18.15 -23.02 -44.19
C GLY B 195 16.92 -22.33 -44.77
N LEU B 196 16.78 -21.03 -44.52
CA LEU B 196 15.62 -20.31 -45.03
C LEU B 196 15.75 -19.98 -46.51
N THR B 197 16.95 -19.59 -46.93
CA THR B 197 17.20 -19.26 -48.33
C THR B 197 16.81 -20.43 -49.22
N PHE B 198 17.12 -21.64 -48.77
CA PHE B 198 16.78 -22.82 -49.54
C PHE B 198 15.27 -22.96 -49.72
N LEU B 199 14.53 -22.96 -48.60
CA LEU B 199 13.09 -23.06 -48.66
C LEU B 199 12.51 -22.04 -49.65
N VAL B 200 13.06 -20.84 -49.61
CA VAL B 200 12.62 -19.76 -50.50
C VAL B 200 12.90 -20.04 -51.97
N ASP B 201 14.09 -20.56 -52.29
CA ASP B 201 14.44 -20.86 -53.68
C ASP B 201 13.40 -21.79 -54.31
N LEU B 202 13.09 -22.86 -53.60
CA LEU B 202 12.10 -23.82 -54.06
C LEU B 202 10.77 -23.10 -54.29
N ILE B 203 10.63 -21.91 -53.70
CA ILE B 203 9.41 -21.12 -53.86
C ILE B 203 9.50 -20.38 -55.19
N LYS B 204 10.71 -19.98 -55.55
CA LYS B 204 10.95 -19.26 -56.79
C LYS B 204 11.11 -20.21 -57.96
N ASN B 205 11.85 -21.29 -57.75
CA ASN B 205 12.05 -22.28 -58.80
C ASN B 205 10.77 -23.06 -59.07
N LYS B 206 9.70 -22.66 -58.39
CA LYS B 206 8.38 -23.27 -58.53
C LYS B 206 8.21 -24.70 -58.02
N HIS B 207 9.25 -25.25 -57.39
CA HIS B 207 9.15 -26.59 -56.85
C HIS B 207 8.06 -26.57 -55.79
N MET B 208 7.72 -25.36 -55.33
CA MET B 208 6.70 -25.16 -54.32
C MET B 208 6.01 -23.80 -54.41
N ASN B 209 5.03 -23.59 -53.54
CA ASN B 209 4.29 -22.34 -53.49
C ASN B 209 4.10 -22.01 -52.00
N ALA B 210 4.44 -20.78 -51.62
CA ALA B 210 4.34 -20.32 -50.24
C ALA B 210 2.93 -20.38 -49.66
N ASP B 211 1.96 -20.67 -50.51
CA ASP B 211 0.57 -20.72 -50.09
C ASP B 211 0.15 -22.10 -49.61
N THR B 212 1.01 -23.09 -49.83
CA THR B 212 0.71 -24.45 -49.42
C THR B 212 0.50 -24.52 -47.90
N ASP B 213 -0.74 -24.31 -47.46
CA ASP B 213 -1.04 -24.37 -46.02
C ASP B 213 -1.39 -25.81 -45.64
N TYR B 214 -1.65 -26.03 -44.36
CA TYR B 214 -1.95 -27.37 -43.88
C TYR B 214 -3.09 -28.10 -44.59
N SER B 215 -4.22 -27.41 -44.75
CA SER B 215 -5.36 -28.04 -45.40
C SER B 215 -5.16 -28.34 -46.89
N ILE B 216 -4.43 -27.47 -47.59
CA ILE B 216 -4.17 -27.66 -49.02
C ILE B 216 -3.30 -28.89 -49.23
N ALA B 217 -2.12 -28.87 -48.61
CA ALA B 217 -1.19 -29.99 -48.67
C ALA B 217 -1.88 -31.27 -48.24
N GLU B 218 -2.78 -31.16 -47.26
CA GLU B 218 -3.51 -32.32 -46.76
C GLU B 218 -4.34 -32.94 -47.87
N ALA B 219 -5.34 -32.20 -48.38
CA ALA B 219 -6.21 -32.69 -49.44
C ALA B 219 -5.47 -33.28 -50.65
N ALA B 220 -4.19 -32.93 -50.82
CA ALA B 220 -3.39 -33.42 -51.94
C ALA B 220 -2.73 -34.78 -51.69
N PHE B 221 -2.10 -34.92 -50.53
CA PHE B 221 -1.46 -36.18 -50.18
C PHE B 221 -2.53 -37.24 -49.95
N ASN B 222 -3.72 -36.79 -49.56
CA ASN B 222 -4.86 -37.67 -49.31
C ASN B 222 -5.31 -38.33 -50.62
N LYS B 223 -4.86 -37.78 -51.75
CA LYS B 223 -5.20 -38.33 -53.06
C LYS B 223 -3.98 -39.06 -53.63
N GLY B 224 -2.83 -38.89 -52.97
CA GLY B 224 -1.60 -39.52 -53.43
C GLY B 224 -1.01 -38.73 -54.58
N GLU B 225 -1.04 -37.41 -54.45
CA GLU B 225 -0.53 -36.51 -55.49
C GLU B 225 0.90 -36.01 -55.27
N THR B 226 1.45 -36.26 -54.08
CA THR B 226 2.82 -35.84 -53.77
C THR B 226 3.61 -37.01 -53.16
N ALA B 227 4.93 -36.94 -53.26
CA ALA B 227 5.78 -37.97 -52.70
C ALA B 227 5.70 -37.88 -51.19
N MET B 228 5.85 -36.67 -50.67
CA MET B 228 5.82 -36.47 -49.23
C MET B 228 5.27 -35.14 -48.68
N THR B 229 4.93 -35.19 -47.39
CA THR B 229 4.40 -34.06 -46.62
C THR B 229 4.95 -34.33 -45.23
N ILE B 230 5.04 -33.30 -44.40
CA ILE B 230 5.55 -33.46 -43.04
C ILE B 230 4.43 -33.41 -42.01
N ASN B 231 4.41 -34.39 -41.11
CA ASN B 231 3.41 -34.45 -40.05
C ASN B 231 3.85 -35.31 -38.88
N GLY B 232 2.91 -35.94 -38.22
CA GLY B 232 3.26 -36.77 -37.08
C GLY B 232 2.17 -37.71 -36.62
N PRO B 233 2.24 -38.19 -35.36
CA PRO B 233 1.29 -39.10 -34.72
C PRO B 233 -0.15 -38.60 -34.60
N TRP B 234 -0.37 -37.33 -34.92
CA TRP B 234 -1.70 -36.73 -34.82
C TRP B 234 -2.43 -36.67 -36.16
N ALA B 235 -1.71 -36.98 -37.24
CA ALA B 235 -2.27 -36.92 -38.59
C ALA B 235 -2.43 -38.25 -39.33
N TRP B 236 -2.02 -39.35 -38.70
CA TRP B 236 -2.12 -40.65 -39.34
C TRP B 236 -3.55 -41.17 -39.61
N SER B 237 -4.56 -40.49 -39.06
CA SER B 237 -5.98 -40.89 -39.19
C SER B 237 -6.71 -40.75 -40.54
N ASN B 238 -6.57 -39.61 -41.22
CA ASN B 238 -7.26 -39.40 -42.50
C ASN B 238 -6.54 -40.02 -43.71
N ILE B 239 -5.31 -40.50 -43.49
CA ILE B 239 -4.55 -41.13 -44.55
C ILE B 239 -4.91 -42.61 -44.57
N ASP B 240 -5.58 -43.03 -43.50
CA ASP B 240 -6.01 -44.42 -43.38
C ASP B 240 -7.43 -44.53 -43.91
N THR B 241 -8.16 -43.41 -43.89
CA THR B 241 -9.53 -43.37 -44.38
C THR B 241 -9.60 -43.22 -45.90
N SER B 242 -8.45 -42.94 -46.51
CA SER B 242 -8.38 -42.78 -47.96
C SER B 242 -7.55 -43.90 -48.58
N LYS B 243 -7.23 -44.91 -47.78
CA LYS B 243 -6.45 -46.06 -48.22
C LYS B 243 -5.16 -45.66 -48.93
N VAL B 244 -4.69 -44.45 -48.68
CA VAL B 244 -3.46 -44.01 -49.31
C VAL B 244 -2.27 -44.53 -48.52
N ASN B 245 -1.42 -45.32 -49.17
CA ASN B 245 -0.24 -45.89 -48.50
C ASN B 245 0.78 -44.79 -48.25
N TYR B 246 1.59 -44.99 -47.20
CA TYR B 246 2.61 -44.03 -46.81
C TYR B 246 3.57 -44.66 -45.81
N GLY B 247 4.41 -43.82 -45.21
CA GLY B 247 5.37 -44.28 -44.22
C GLY B 247 5.81 -43.14 -43.32
N VAL B 248 6.47 -43.49 -42.21
CA VAL B 248 6.96 -42.49 -41.26
C VAL B 248 8.48 -42.49 -41.45
N THR B 249 8.92 -42.04 -42.61
CA THR B 249 10.33 -42.01 -42.95
C THR B 249 11.09 -40.81 -42.35
N VAL B 250 12.42 -40.92 -42.34
CA VAL B 250 13.29 -39.89 -41.79
C VAL B 250 13.18 -38.50 -42.43
N LEU B 251 13.53 -37.50 -41.64
CA LEU B 251 13.52 -36.11 -42.10
C LEU B 251 14.85 -35.84 -42.80
N PRO B 252 14.80 -35.53 -44.10
CA PRO B 252 15.97 -35.24 -44.92
C PRO B 252 16.96 -34.31 -44.22
N THR B 253 18.21 -34.74 -44.10
CA THR B 253 19.20 -33.90 -43.45
C THR B 253 19.37 -32.67 -44.32
N PHE B 254 20.38 -31.86 -44.02
CA PHE B 254 20.61 -30.65 -44.80
C PHE B 254 22.03 -30.16 -44.59
N LYS B 255 22.66 -29.72 -45.69
CA LYS B 255 24.03 -29.21 -45.64
C LYS B 255 24.87 -30.02 -44.65
N GLY B 256 24.81 -31.34 -44.79
CA GLY B 256 25.54 -32.22 -43.89
C GLY B 256 24.76 -32.48 -42.63
N GLN B 257 24.69 -31.48 -41.76
CA GLN B 257 23.96 -31.59 -40.49
C GLN B 257 22.60 -32.27 -40.69
N PRO B 258 22.07 -32.88 -39.62
CA PRO B 258 20.77 -33.56 -39.68
C PRO B 258 19.61 -32.58 -39.51
N SER B 259 18.40 -33.03 -39.79
CA SER B 259 17.21 -32.19 -39.64
C SER B 259 16.89 -32.06 -38.15
N LYS B 260 16.10 -31.07 -37.77
CA LYS B 260 15.75 -30.89 -36.34
C LYS B 260 14.33 -30.43 -36.08
N PRO B 261 13.32 -31.30 -36.25
CA PRO B 261 11.96 -30.81 -35.97
C PRO B 261 11.80 -30.40 -34.51
N PHE B 262 10.65 -29.84 -34.13
CA PHE B 262 10.47 -29.42 -32.74
C PHE B 262 10.02 -30.57 -31.84
N VAL B 263 10.38 -30.49 -30.56
CA VAL B 263 10.09 -31.54 -29.58
C VAL B 263 9.11 -31.26 -28.44
N GLY B 264 8.02 -32.03 -28.39
CA GLY B 264 7.02 -31.85 -27.35
C GLY B 264 7.01 -32.98 -26.32
N VAL B 265 6.89 -32.62 -25.03
CA VAL B 265 6.87 -33.61 -23.95
C VAL B 265 5.61 -33.53 -23.09
N LEU B 266 4.83 -34.62 -23.10
CA LEU B 266 3.63 -34.70 -22.27
C LEU B 266 4.22 -35.03 -20.89
N SER B 267 3.76 -34.37 -19.84
CA SER B 267 4.32 -34.64 -18.52
C SER B 267 3.39 -34.27 -17.38
N ALA B 268 3.67 -34.81 -16.20
CA ALA B 268 2.86 -34.55 -15.01
C ALA B 268 3.59 -33.65 -14.02
N GLY B 269 2.89 -32.61 -13.57
CA GLY B 269 3.48 -31.68 -12.62
C GLY B 269 2.85 -31.77 -11.24
N ILE B 270 3.69 -31.67 -10.21
CA ILE B 270 3.22 -31.74 -8.84
C ILE B 270 2.98 -30.33 -8.29
N ASN B 271 1.71 -30.02 -8.03
CA ASN B 271 1.30 -28.73 -7.49
C ASN B 271 2.16 -28.37 -6.28
N ALA B 272 2.56 -27.10 -6.16
CA ALA B 272 3.40 -26.64 -5.04
C ALA B 272 2.65 -26.53 -3.71
N ALA B 273 1.32 -26.47 -3.75
CA ALA B 273 0.50 -26.37 -2.55
C ALA B 273 0.01 -27.74 -2.07
N SER B 274 -0.25 -28.65 -3.01
CA SER B 274 -0.71 -29.99 -2.66
C SER B 274 0.24 -30.62 -1.65
N PRO B 275 -0.28 -30.88 -0.43
CA PRO B 275 0.49 -31.47 0.67
C PRO B 275 0.75 -32.96 0.43
N ASN B 276 0.06 -33.50 -0.57
CA ASN B 276 0.18 -34.89 -0.94
C ASN B 276 1.35 -35.11 -1.93
N LYS B 277 2.43 -34.36 -1.73
CA LYS B 277 3.63 -34.44 -2.59
C LYS B 277 4.36 -35.79 -2.53
N GLU B 278 4.40 -36.38 -1.33
CA GLU B 278 5.07 -37.67 -1.13
C GLU B 278 4.18 -38.81 -1.61
N LEU B 279 2.92 -38.50 -1.90
CA LEU B 279 1.95 -39.48 -2.40
C LEU B 279 2.05 -39.54 -3.92
N ALA B 280 2.70 -38.52 -4.49
CA ALA B 280 2.87 -38.42 -5.94
C ALA B 280 4.13 -39.17 -6.41
N LYS B 281 5.10 -39.30 -5.51
CA LYS B 281 6.33 -40.01 -5.83
C LYS B 281 5.98 -41.47 -6.08
N GLU B 282 5.01 -41.97 -5.30
CA GLU B 282 4.56 -43.35 -5.40
C GLU B 282 3.76 -43.62 -6.68
N PHE B 283 2.55 -43.05 -6.73
CA PHE B 283 1.68 -43.22 -7.87
C PHE B 283 2.38 -42.99 -9.21
N LEU B 284 3.49 -42.25 -9.17
CA LEU B 284 4.22 -41.98 -10.39
C LEU B 284 5.40 -42.93 -10.57
N GLU B 285 6.47 -42.67 -9.82
CA GLU B 285 7.69 -43.50 -9.88
C GLU B 285 7.43 -45.01 -9.82
N ASN B 286 6.25 -45.39 -9.36
CA ASN B 286 5.88 -46.81 -9.24
C ASN B 286 4.61 -47.18 -10.00
N TYR B 287 3.47 -46.63 -9.58
CA TYR B 287 2.18 -46.93 -10.21
C TYR B 287 1.92 -46.27 -11.57
N LEU B 288 2.98 -46.04 -12.33
CA LEU B 288 2.84 -45.42 -13.64
C LEU B 288 4.11 -45.61 -14.47
N LEU B 289 5.22 -45.14 -13.94
CA LEU B 289 6.51 -45.24 -14.62
C LEU B 289 6.98 -46.69 -14.65
N THR B 290 6.20 -47.51 -15.35
CA THR B 290 6.47 -48.93 -15.51
C THR B 290 5.91 -49.34 -16.85
N ASP B 291 5.79 -50.63 -17.07
CA ASP B 291 5.23 -51.17 -18.30
C ASP B 291 3.78 -51.45 -17.98
N GLU B 292 3.53 -51.82 -16.72
CA GLU B 292 2.20 -52.13 -16.19
C GLU B 292 1.29 -50.92 -16.19
N GLY B 293 1.87 -49.76 -15.92
CA GLY B 293 1.10 -48.52 -15.90
C GLY B 293 0.90 -47.95 -17.28
N LEU B 294 2.00 -47.50 -17.89
CA LEU B 294 1.98 -46.92 -19.24
C LEU B 294 1.21 -47.71 -20.29
N GLU B 295 1.26 -49.03 -20.24
CA GLU B 295 0.55 -49.86 -21.22
C GLU B 295 -0.95 -49.85 -20.96
N ALA B 296 -1.33 -49.87 -19.68
CA ALA B 296 -2.73 -49.85 -19.27
C ALA B 296 -3.30 -48.49 -19.65
N VAL B 297 -2.43 -47.48 -19.60
CA VAL B 297 -2.82 -46.12 -19.95
C VAL B 297 -2.83 -45.98 -21.48
N ASN B 298 -1.87 -46.63 -22.12
CA ASN B 298 -1.72 -46.59 -23.58
C ASN B 298 -2.71 -47.43 -24.37
N LYS B 299 -3.16 -48.55 -23.81
CA LYS B 299 -4.13 -49.41 -24.48
C LYS B 299 -5.43 -48.63 -24.76
N ASP B 300 -5.61 -47.53 -24.02
CA ASP B 300 -6.79 -46.65 -24.16
C ASP B 300 -6.71 -45.90 -25.50
N LYS B 301 -5.71 -45.02 -25.58
CA LYS B 301 -5.42 -44.21 -26.77
C LYS B 301 -3.89 -44.22 -26.89
N VAL B 306 7.22 -43.08 -25.98
CA VAL B 306 7.26 -42.81 -24.55
C VAL B 306 8.67 -42.61 -24.01
N ALA B 307 8.78 -41.92 -22.89
CA ALA B 307 10.06 -41.63 -22.26
C ALA B 307 10.66 -42.82 -21.49
N LEU B 308 9.83 -43.81 -21.20
CA LEU B 308 10.28 -45.01 -20.49
C LEU B 308 10.96 -45.96 -21.48
N LYS B 309 12.26 -46.13 -21.31
CA LYS B 309 13.07 -47.00 -22.17
C LYS B 309 12.50 -48.40 -22.36
N SER B 310 12.22 -49.09 -21.24
CA SER B 310 11.69 -50.44 -21.26
C SER B 310 10.44 -50.63 -22.13
N TYR B 311 9.46 -49.74 -21.98
CA TYR B 311 8.22 -49.84 -22.76
C TYR B 311 8.37 -49.30 -24.19
N GLU B 312 9.25 -48.31 -24.36
CA GLU B 312 9.51 -47.71 -25.67
C GLU B 312 10.11 -48.75 -26.62
N GLU B 313 11.01 -49.55 -26.09
CA GLU B 313 11.65 -50.59 -26.88
C GLU B 313 10.63 -51.57 -27.45
N GLU B 314 9.49 -51.69 -26.77
CA GLU B 314 8.43 -52.59 -27.22
C GLU B 314 7.51 -51.92 -28.23
N ALA B 323 10.59 -44.25 -35.74
CA ALA B 323 11.04 -43.08 -36.48
C ALA B 323 10.75 -41.79 -35.71
N THR B 324 9.58 -41.73 -35.07
CA THR B 324 9.20 -40.56 -34.31
C THR B 324 10.28 -40.22 -33.27
N MET B 325 10.88 -41.24 -32.68
CA MET B 325 11.94 -41.03 -31.67
C MET B 325 13.20 -40.41 -32.25
N GLU B 326 13.67 -40.94 -33.37
CA GLU B 326 14.87 -40.41 -33.99
C GLU B 326 14.82 -38.90 -34.15
N ASN B 327 13.75 -38.40 -34.75
CA ASN B 327 13.59 -36.96 -34.94
C ASN B 327 13.69 -36.22 -33.60
N ALA B 328 12.91 -36.65 -32.63
CA ALA B 328 12.90 -36.04 -31.30
C ALA B 328 14.29 -36.15 -30.66
N GLN B 329 15.03 -37.17 -31.06
CA GLN B 329 16.36 -37.42 -30.54
C GLN B 329 17.36 -36.36 -31.02
N LYS B 330 17.42 -36.19 -32.33
CA LYS B 330 18.32 -35.23 -32.99
C LYS B 330 17.76 -33.82 -33.04
N GLY B 331 16.48 -33.69 -32.68
CA GLY B 331 15.86 -32.38 -32.70
C GLY B 331 15.90 -31.73 -31.33
N GLU B 332 15.93 -30.40 -31.30
CA GLU B 332 15.99 -29.65 -30.05
C GLU B 332 14.65 -29.64 -29.33
N ILE B 333 14.69 -29.78 -28.01
CA ILE B 333 13.49 -29.78 -27.18
C ILE B 333 12.77 -28.44 -27.23
N MET B 334 11.44 -28.48 -27.35
CA MET B 334 10.61 -27.28 -27.42
C MET B 334 10.56 -26.51 -26.10
N PRO B 335 11.11 -25.28 -26.08
CA PRO B 335 11.13 -24.44 -24.88
C PRO B 335 9.84 -24.43 -24.05
N ASN B 336 9.98 -24.11 -22.76
CA ASN B 336 8.85 -24.06 -21.84
C ASN B 336 8.58 -22.63 -21.35
N ILE B 337 9.63 -21.84 -21.28
CA ILE B 337 9.53 -20.45 -20.83
C ILE B 337 8.47 -19.63 -21.56
N PRO B 338 8.08 -18.48 -20.98
CA PRO B 338 7.07 -17.57 -21.52
C PRO B 338 7.45 -16.81 -22.80
N GLN B 339 8.71 -16.40 -22.93
CA GLN B 339 9.17 -15.65 -24.10
C GLN B 339 9.01 -16.44 -25.40
N MET B 340 8.89 -17.75 -25.27
CA MET B 340 8.72 -18.64 -26.41
C MET B 340 7.57 -18.27 -27.35
N SER B 341 6.48 -17.75 -26.79
CA SER B 341 5.32 -17.38 -27.59
C SER B 341 5.60 -16.21 -28.52
N ALA B 342 6.53 -15.34 -28.11
CA ALA B 342 6.89 -14.18 -28.92
C ALA B 342 7.84 -14.64 -30.03
N PHE B 343 8.33 -15.86 -29.87
CA PHE B 343 9.22 -16.46 -30.85
C PHE B 343 8.37 -16.85 -32.06
N TRP B 344 7.35 -17.66 -31.80
CA TRP B 344 6.46 -18.13 -32.86
C TRP B 344 5.99 -16.98 -33.73
N TYR B 345 5.33 -16.00 -33.14
CA TYR B 345 4.84 -14.85 -33.89
C TYR B 345 5.98 -14.19 -34.66
N ALA B 346 7.15 -14.09 -34.04
CA ALA B 346 8.29 -13.44 -34.67
C ALA B 346 8.78 -14.14 -35.92
N VAL B 347 8.99 -15.45 -35.86
CA VAL B 347 9.47 -16.18 -37.03
C VAL B 347 8.37 -16.56 -38.00
N ARG B 348 7.14 -16.68 -37.54
CA ARG B 348 6.07 -17.05 -38.45
C ARG B 348 5.99 -16.06 -39.60
N THR B 349 5.96 -14.77 -39.28
CA THR B 349 5.90 -13.74 -40.30
C THR B 349 7.26 -13.52 -40.92
N ALA B 350 8.29 -14.04 -40.28
CA ALA B 350 9.63 -13.89 -40.79
C ALA B 350 9.87 -14.94 -41.88
N VAL B 351 8.85 -15.75 -42.13
CA VAL B 351 8.91 -16.80 -43.16
C VAL B 351 7.91 -16.39 -44.24
N ILE B 352 6.71 -16.05 -43.80
CA ILE B 352 5.66 -15.59 -44.68
C ILE B 352 6.31 -14.55 -45.59
N ASN B 353 6.82 -13.49 -44.98
CA ASN B 353 7.47 -12.43 -45.74
C ASN B 353 8.55 -12.95 -46.66
N ALA B 354 9.48 -13.72 -46.12
CA ALA B 354 10.57 -14.27 -46.90
C ALA B 354 10.08 -14.93 -48.19
N ALA B 355 9.61 -16.16 -48.09
CA ALA B 355 9.13 -16.91 -49.26
C ALA B 355 8.23 -16.10 -50.20
N SER B 356 7.58 -15.07 -49.66
CA SER B 356 6.68 -14.25 -50.47
C SER B 356 7.40 -13.11 -51.21
N GLY B 357 8.72 -13.06 -51.10
CA GLY B 357 9.46 -12.01 -51.77
C GLY B 357 9.05 -10.62 -51.31
N ARG B 358 8.73 -10.51 -50.02
CA ARG B 358 8.35 -9.25 -49.39
C ARG B 358 9.55 -8.60 -48.72
N GLN B 359 10.59 -9.41 -48.50
CA GLN B 359 11.85 -8.95 -47.93
C GLN B 359 12.86 -10.08 -48.00
N THR B 360 14.14 -9.73 -47.91
CA THR B 360 15.23 -10.72 -47.99
C THR B 360 15.36 -11.55 -46.72
N VAL B 361 15.66 -12.82 -46.89
CA VAL B 361 15.84 -13.71 -45.75
C VAL B 361 16.66 -13.00 -44.68
N ASP B 362 17.74 -12.36 -45.11
CA ASP B 362 18.60 -11.63 -44.20
C ASP B 362 17.82 -10.68 -43.31
N ALA B 363 17.23 -9.66 -43.92
CA ALA B 363 16.45 -8.68 -43.19
C ALA B 363 15.25 -9.31 -42.51
N ALA B 364 14.78 -10.43 -43.07
CA ALA B 364 13.63 -11.12 -42.52
C ALA B 364 13.99 -11.75 -41.18
N LEU B 365 15.12 -12.44 -41.14
CA LEU B 365 15.59 -13.07 -39.93
C LEU B 365 16.15 -12.03 -38.96
N ALA B 366 16.59 -10.90 -39.52
CA ALA B 366 17.12 -9.83 -38.69
C ALA B 366 15.99 -9.44 -37.75
N ALA B 367 14.79 -9.31 -38.32
CA ALA B 367 13.61 -8.93 -37.56
C ALA B 367 13.27 -10.01 -36.52
N ALA B 368 13.06 -11.23 -36.97
CA ALA B 368 12.73 -12.34 -36.09
C ALA B 368 13.69 -12.38 -34.91
N GLN B 369 14.96 -12.11 -35.18
CA GLN B 369 15.97 -12.12 -34.15
C GLN B 369 15.61 -11.18 -33.00
N THR B 370 15.39 -9.93 -33.33
CA THR B 370 15.05 -8.93 -32.32
C THR B 370 13.64 -9.10 -31.73
N ASN B 371 12.64 -9.32 -32.58
CA ASN B 371 11.25 -9.48 -32.14
C ASN B 371 10.98 -10.63 -31.19
N ALA B 372 11.85 -11.64 -31.20
CA ALA B 372 11.69 -12.80 -30.33
C ALA B 372 12.40 -12.57 -29.00
N ALA B 373 13.41 -11.70 -29.03
CA ALA B 373 14.16 -11.35 -27.84
C ALA B 373 13.20 -10.69 -26.86
N ALA B 374 13.60 -10.59 -25.60
CA ALA B 374 12.75 -9.99 -24.58
C ALA B 374 13.01 -8.50 -24.41
N ASP B 375 14.26 -8.09 -24.55
CA ASP B 375 14.55 -6.68 -24.39
C ASP B 375 14.90 -5.96 -25.68
N TRP B 376 13.91 -5.35 -26.30
CA TRP B 376 14.12 -4.60 -27.53
C TRP B 376 15.18 -3.52 -27.33
N GLU B 377 15.77 -3.07 -28.42
CA GLU B 377 16.82 -2.06 -28.35
C GLU B 377 16.39 -0.81 -27.59
N GLY B 378 17.20 -0.46 -26.60
CA GLY B 378 16.95 0.71 -25.80
C GLY B 378 15.98 0.60 -24.64
N ARG B 379 15.29 -0.54 -24.51
CA ARG B 379 14.31 -0.69 -23.43
C ARG B 379 14.74 -0.25 -22.04
N TRP B 380 15.91 -0.66 -21.58
CA TRP B 380 16.32 -0.28 -20.24
C TRP B 380 17.31 0.85 -20.28
N ASN B 381 17.17 1.71 -21.28
CA ASN B 381 18.10 2.82 -21.43
C ASN B 381 18.12 3.81 -20.30
N HIS B 382 16.96 4.12 -19.74
CA HIS B 382 16.90 5.07 -18.65
C HIS B 382 17.47 4.52 -17.36
N VAL B 383 17.44 3.20 -17.21
CA VAL B 383 17.99 2.58 -16.02
C VAL B 383 19.52 2.47 -16.13
N LYS B 384 19.98 1.84 -17.21
CA LYS B 384 21.41 1.63 -17.46
C LYS B 384 22.25 2.84 -17.11
N LYS B 385 21.71 4.01 -17.36
CA LYS B 385 22.42 5.25 -17.07
C LYS B 385 23.07 5.29 -15.68
N PHE B 386 22.31 4.86 -14.68
CA PHE B 386 22.77 4.89 -13.29
C PHE B 386 23.50 3.67 -12.81
N LEU B 387 23.45 2.60 -13.58
CA LEU B 387 24.13 1.39 -13.15
C LEU B 387 25.45 1.12 -13.85
N GLU B 388 25.58 1.58 -15.08
CA GLU B 388 26.81 1.32 -15.84
C GLU B 388 27.87 2.41 -15.73
N ARG B 389 27.45 3.64 -15.49
CA ARG B 389 28.39 4.75 -15.38
C ARG B 389 28.85 5.00 -13.97
N SER B 390 29.37 6.19 -13.72
CA SER B 390 29.85 6.51 -12.39
C SER B 390 29.49 7.94 -12.08
N GLY B 391 29.94 8.42 -10.95
CA GLY B 391 29.62 9.78 -10.59
C GLY B 391 30.08 10.11 -9.20
N PRO B 392 30.00 11.40 -8.83
CA PRO B 392 30.41 11.91 -7.53
C PRO B 392 29.41 11.68 -6.40
N PHE B 393 28.29 11.04 -6.67
CA PHE B 393 27.30 10.86 -5.64
C PHE B 393 26.84 9.43 -5.44
N THR B 394 27.59 8.46 -5.93
CA THR B 394 27.14 7.09 -5.75
C THR B 394 27.47 6.54 -4.36
N HIS B 395 26.69 5.55 -3.95
CA HIS B 395 26.84 4.85 -2.68
C HIS B 395 28.27 4.33 -2.65
N PRO B 396 28.99 4.52 -1.55
CA PRO B 396 30.36 4.04 -1.41
C PRO B 396 30.64 2.60 -1.83
N ASP B 397 29.63 1.75 -1.90
CA ASP B 397 29.85 0.36 -2.31
C ASP B 397 29.47 0.15 -3.76
N PHE B 398 29.10 1.22 -4.44
CA PHE B 398 28.69 1.15 -5.84
C PHE B 398 29.84 0.88 -6.80
N GLU B 399 29.56 0.05 -7.82
CA GLU B 399 30.55 -0.30 -8.84
C GLU B 399 29.85 -0.49 -10.18
N PRO B 400 30.17 0.36 -11.19
CA PRO B 400 29.59 0.33 -12.54
C PRO B 400 29.58 -1.10 -13.09
N SER B 401 28.50 -1.50 -13.75
CA SER B 401 28.42 -2.86 -14.27
C SER B 401 27.16 -3.17 -15.04
N THR B 402 27.20 -4.29 -15.74
CA THR B 402 26.05 -4.71 -16.54
C THR B 402 25.32 -5.81 -15.80
N GLU B 403 25.89 -6.25 -14.69
CA GLU B 403 25.27 -7.31 -13.91
C GLU B 403 24.12 -6.82 -13.03
N SER B 404 24.28 -5.63 -12.46
CA SER B 404 23.26 -5.03 -11.61
C SER B 404 21.89 -5.16 -12.31
N LEU B 405 21.79 -4.66 -13.53
CA LEU B 405 20.53 -4.76 -14.23
C LEU B 405 20.07 -6.21 -14.30
N GLN B 406 20.99 -7.13 -14.55
CA GLN B 406 20.62 -8.53 -14.63
C GLN B 406 20.12 -9.04 -13.28
N PHE B 407 20.67 -8.48 -12.20
CA PHE B 407 20.27 -8.83 -10.85
C PHE B 407 18.80 -8.39 -10.73
N LEU B 408 18.54 -7.12 -11.07
CA LEU B 408 17.18 -6.56 -11.03
C LEU B 408 16.23 -7.38 -11.86
N LEU B 409 16.63 -7.68 -13.07
CA LEU B 409 15.81 -8.45 -13.99
C LEU B 409 15.66 -9.93 -13.67
N ASP B 410 16.70 -10.54 -13.10
CA ASP B 410 16.64 -11.98 -12.85
C ASP B 410 16.43 -12.54 -11.45
N THR B 411 16.93 -11.87 -10.42
CA THR B 411 16.76 -12.47 -9.11
C THR B 411 16.25 -11.65 -7.94
N CYS B 412 16.37 -10.33 -8.01
CA CYS B 412 15.91 -9.49 -6.91
C CYS B 412 14.41 -9.65 -6.55
N LYS B 413 14.12 -10.47 -5.55
CA LYS B 413 12.74 -10.72 -5.09
C LYS B 413 12.23 -9.52 -4.26
N VAL B 414 11.20 -8.85 -4.75
CA VAL B 414 10.63 -7.71 -4.05
C VAL B 414 9.18 -7.99 -3.73
N LEU B 415 8.76 -7.68 -2.52
CA LEU B 415 7.35 -7.91 -2.16
C LEU B 415 6.61 -6.58 -1.99
N VAL B 416 5.40 -6.52 -2.55
CA VAL B 416 4.60 -5.32 -2.44
C VAL B 416 3.39 -5.69 -1.59
N ILE B 417 3.23 -5.01 -0.46
CA ILE B 417 2.12 -5.27 0.43
C ILE B 417 1.04 -4.23 0.20
N GLY B 418 -0.07 -4.68 -0.36
CA GLY B 418 -1.16 -3.78 -0.67
C GLY B 418 -1.26 -3.53 -2.16
N ALA B 419 -2.42 -3.82 -2.71
CA ALA B 419 -2.70 -3.61 -4.11
C ALA B 419 -3.74 -2.51 -4.14
N GLY B 420 -3.47 -1.43 -4.83
CA GLY B 420 -4.44 -0.36 -4.90
C GLY B 420 -4.15 0.95 -4.22
N GLY B 421 -3.78 1.95 -4.99
CA GLY B 421 -3.50 3.24 -4.41
C GLY B 421 -2.01 3.35 -4.56
N LEU B 422 -1.32 2.97 -3.51
CA LEU B 422 0.11 2.98 -3.53
C LEU B 422 0.52 1.68 -4.19
N GLY B 423 -0.17 0.61 -3.83
CA GLY B 423 0.12 -0.69 -4.37
C GLY B 423 0.14 -0.70 -5.88
N CYS B 424 -0.96 -0.33 -6.51
CA CYS B 424 -1.03 -0.30 -7.97
C CYS B 424 0.10 0.54 -8.53
N GLU B 425 0.33 1.67 -7.91
CA GLU B 425 1.35 2.59 -8.35
C GLU B 425 2.76 2.03 -8.22
N LEU B 426 2.98 1.28 -7.16
CA LEU B 426 4.29 0.67 -6.90
C LEU B 426 4.62 -0.39 -7.93
N LEU B 427 3.66 -1.26 -8.24
CA LEU B 427 3.86 -2.31 -9.21
C LEU B 427 4.31 -1.69 -10.52
N LYS B 428 3.54 -0.72 -11.00
CA LYS B 428 3.91 -0.01 -12.21
C LYS B 428 5.36 0.48 -12.06
N ASN B 429 5.61 1.27 -11.02
CA ASN B 429 6.93 1.84 -10.81
C ASN B 429 8.09 0.84 -10.77
N LEU B 430 7.96 -0.24 -10.00
CA LEU B 430 9.02 -1.23 -9.93
C LEU B 430 9.22 -1.93 -11.29
N ALA B 431 8.14 -2.24 -11.98
CA ALA B 431 8.20 -2.90 -13.28
C ALA B 431 8.96 -2.08 -14.34
N LEU B 432 8.82 -0.75 -14.28
CA LEU B 432 9.51 0.09 -15.25
C LEU B 432 10.85 0.54 -14.76
N SER B 433 11.38 -0.19 -13.79
CA SER B 433 12.71 0.14 -13.29
C SER B 433 13.64 -1.07 -13.38
N GLY B 434 13.11 -2.18 -13.88
CA GLY B 434 13.95 -3.34 -14.03
C GLY B 434 13.51 -4.54 -13.22
N PHE B 435 12.74 -4.31 -12.16
CA PHE B 435 12.29 -5.42 -11.35
C PHE B 435 11.32 -6.30 -12.11
N ARG B 436 11.45 -7.62 -11.94
CA ARG B 436 10.58 -8.58 -12.59
C ARG B 436 10.06 -9.60 -11.58
N GLN B 437 10.90 -9.97 -10.61
CA GLN B 437 10.51 -10.93 -9.58
C GLN B 437 9.79 -10.18 -8.45
N ILE B 438 8.48 -10.03 -8.60
CA ILE B 438 7.65 -9.29 -7.66
C ILE B 438 6.47 -10.08 -7.16
N HIS B 439 6.11 -9.88 -5.89
CA HIS B 439 4.95 -10.54 -5.31
C HIS B 439 3.98 -9.47 -4.81
N VAL B 440 2.69 -9.77 -4.77
CA VAL B 440 1.71 -8.80 -4.30
C VAL B 440 0.74 -9.48 -3.35
N ILE B 441 0.64 -8.94 -2.15
CA ILE B 441 -0.29 -9.48 -1.17
C ILE B 441 -1.36 -8.44 -0.94
N ASP B 442 -2.60 -8.86 -0.91
CA ASP B 442 -3.71 -7.98 -0.64
C ASP B 442 -4.86 -8.88 -0.21
N MET B 443 -5.60 -8.44 0.79
CA MET B 443 -6.69 -9.24 1.32
C MET B 443 -8.03 -8.84 0.76
N ASP B 444 -8.05 -7.76 0.00
CA ASP B 444 -9.28 -7.22 -0.53
C ASP B 444 -9.75 -7.60 -1.93
N THR B 445 -11.00 -7.25 -2.16
CA THR B 445 -11.71 -7.47 -3.42
C THR B 445 -11.94 -6.09 -4.05
N ILE B 446 -12.19 -6.01 -5.34
CA ILE B 446 -12.38 -4.70 -5.96
C ILE B 446 -13.75 -4.07 -5.73
N ASP B 447 -13.74 -2.76 -5.48
CA ASP B 447 -14.95 -1.97 -5.21
C ASP B 447 -15.00 -0.81 -6.19
N VAL B 448 -16.20 -0.44 -6.61
CA VAL B 448 -16.31 0.66 -7.55
C VAL B 448 -15.58 1.93 -7.09
N SER B 449 -15.48 2.17 -5.77
CA SER B 449 -14.82 3.39 -5.26
C SER B 449 -13.30 3.41 -5.45
N ASN B 450 -12.74 2.25 -5.74
CA ASN B 450 -11.32 2.11 -5.96
C ASN B 450 -10.96 2.69 -7.32
N LEU B 451 -11.96 2.78 -8.20
CA LEU B 451 -11.69 3.19 -9.56
C LEU B 451 -11.32 4.63 -9.88
N ASN B 452 -11.30 5.49 -8.86
CA ASN B 452 -10.97 6.87 -9.11
C ASN B 452 -9.46 7.09 -9.03
N ARG B 453 -8.72 6.10 -8.54
CA ARG B 453 -7.27 6.20 -8.42
C ARG B 453 -6.51 4.88 -8.65
N GLN B 454 -7.15 3.73 -8.40
CA GLN B 454 -6.48 2.45 -8.59
C GLN B 454 -6.61 1.99 -10.06
N PHE B 455 -5.77 2.62 -10.89
CA PHE B 455 -5.73 2.42 -12.34
C PHE B 455 -5.51 1.05 -12.95
N LEU B 456 -5.30 0.01 -12.15
CA LEU B 456 -5.11 -1.31 -12.71
C LEU B 456 -6.41 -2.07 -12.66
N PHE B 457 -7.48 -1.42 -12.22
CA PHE B 457 -8.77 -2.10 -12.12
C PHE B 457 -9.80 -1.42 -13.01
N ARG B 458 -10.71 -2.20 -13.55
CA ARG B 458 -11.73 -1.64 -14.43
C ARG B 458 -13.10 -2.03 -13.92
N PRO B 459 -14.15 -1.39 -14.43
CA PRO B 459 -15.48 -1.75 -13.95
C PRO B 459 -15.80 -3.23 -14.07
N LYS B 460 -15.34 -3.90 -15.12
CA LYS B 460 -15.64 -5.31 -15.27
C LYS B 460 -14.98 -6.19 -14.21
N ASP B 461 -13.98 -5.65 -13.50
CA ASP B 461 -13.27 -6.39 -12.48
C ASP B 461 -13.91 -6.36 -11.10
N ILE B 462 -14.87 -5.46 -10.90
CA ILE B 462 -15.51 -5.35 -9.59
C ILE B 462 -15.87 -6.71 -8.97
N GLY B 463 -15.37 -6.96 -7.76
CA GLY B 463 -15.69 -8.20 -7.09
C GLY B 463 -14.55 -9.20 -7.04
N ARG B 464 -13.56 -9.00 -7.91
CA ARG B 464 -12.38 -9.87 -8.01
C ARG B 464 -11.26 -9.52 -7.05
N PRO B 465 -10.36 -10.48 -6.75
CA PRO B 465 -9.26 -10.18 -5.83
C PRO B 465 -8.30 -9.17 -6.45
N LYS B 466 -8.07 -8.08 -5.75
CA LYS B 466 -7.19 -7.03 -6.23
C LYS B 466 -5.84 -7.57 -6.68
N ALA B 467 -5.20 -8.36 -5.82
CA ALA B 467 -3.87 -8.89 -6.14
C ALA B 467 -3.86 -9.61 -7.45
N GLU B 468 -4.81 -10.52 -7.61
CA GLU B 468 -4.97 -11.31 -8.83
C GLU B 468 -5.02 -10.43 -10.08
N VAL B 469 -5.98 -9.52 -10.10
CA VAL B 469 -6.15 -8.59 -11.22
C VAL B 469 -4.96 -7.65 -11.39
N ALA B 470 -4.38 -7.18 -10.28
CA ALA B 470 -3.22 -6.29 -10.37
C ALA B 470 -2.07 -7.00 -11.07
N ALA B 471 -1.86 -8.26 -10.72
CA ALA B 471 -0.80 -9.07 -11.30
C ALA B 471 -1.03 -9.32 -12.79
N GLU B 472 -2.26 -9.65 -13.18
CA GLU B 472 -2.50 -9.93 -14.56
C GLU B 472 -2.45 -8.71 -15.47
N PHE B 473 -2.84 -7.54 -14.94
CA PHE B 473 -2.80 -6.32 -15.72
C PHE B 473 -1.33 -5.98 -16.00
N LEU B 474 -0.52 -5.94 -14.95
CA LEU B 474 0.89 -5.59 -15.09
C LEU B 474 1.70 -6.56 -15.94
N ASN B 475 1.53 -7.86 -15.71
CA ASN B 475 2.29 -8.84 -16.49
C ASN B 475 2.03 -8.70 -17.99
N ASP B 476 0.89 -8.15 -18.33
CA ASP B 476 0.53 -7.92 -19.71
C ASP B 476 1.06 -6.56 -20.14
N ARG B 477 0.68 -5.49 -19.48
CA ARG B 477 1.15 -4.18 -19.88
C ARG B 477 2.67 -4.09 -19.96
N VAL B 478 3.37 -4.62 -18.98
CA VAL B 478 4.83 -4.57 -19.00
C VAL B 478 5.38 -5.96 -19.24
N PRO B 479 5.62 -6.32 -20.53
CA PRO B 479 6.13 -7.63 -20.92
C PRO B 479 7.37 -8.12 -20.19
N ASN B 480 7.37 -9.42 -19.89
CA ASN B 480 8.49 -10.06 -19.21
C ASN B 480 8.48 -9.85 -17.71
N CYS B 481 7.38 -9.33 -17.20
CA CYS B 481 7.25 -9.12 -15.77
C CYS B 481 6.61 -10.37 -15.18
N ASN B 482 7.03 -10.74 -13.98
CA ASN B 482 6.53 -11.94 -13.36
C ASN B 482 5.93 -11.69 -11.98
N VAL B 483 4.84 -10.93 -11.96
CA VAL B 483 4.15 -10.62 -10.74
C VAL B 483 3.41 -11.84 -10.27
N VAL B 484 3.56 -12.17 -9.00
CA VAL B 484 2.89 -13.34 -8.41
C VAL B 484 1.94 -12.85 -7.32
N PRO B 485 0.63 -13.01 -7.53
CA PRO B 485 -0.40 -12.59 -6.58
C PRO B 485 -0.60 -13.46 -5.34
N HIS B 486 -1.22 -12.86 -4.32
CA HIS B 486 -1.49 -13.54 -3.07
C HIS B 486 -2.73 -12.91 -2.44
N PHE B 487 -3.88 -13.53 -2.65
CA PHE B 487 -5.13 -13.06 -2.08
C PHE B 487 -5.13 -13.53 -0.59
N ASN B 488 -4.47 -12.76 0.29
CA ASN B 488 -4.37 -13.08 1.71
C ASN B 488 -4.11 -11.87 2.56
N LYS B 489 -4.08 -12.10 3.86
CA LYS B 489 -3.76 -11.07 4.83
C LYS B 489 -2.26 -11.32 5.05
N ILE B 490 -1.46 -10.28 5.12
CA ILE B 490 -0.04 -10.52 5.31
C ILE B 490 0.12 -11.41 6.53
N GLN B 491 -0.82 -11.26 7.44
CA GLN B 491 -0.82 -11.98 8.71
C GLN B 491 -1.03 -13.48 8.62
N ASP B 492 -1.19 -14.03 7.42
CA ASP B 492 -1.33 -15.47 7.41
C ASP B 492 -0.22 -16.19 6.71
N PHE B 493 0.95 -15.55 6.70
CA PHE B 493 2.18 -16.11 6.15
C PHE B 493 3.17 -16.06 7.30
N ASN B 494 4.20 -16.91 7.30
CA ASN B 494 5.16 -16.89 8.39
C ASN B 494 6.52 -16.27 8.08
N ASP B 495 7.41 -16.31 9.08
CA ASP B 495 8.72 -15.72 8.95
C ASP B 495 9.50 -16.27 7.77
N THR B 496 9.27 -17.53 7.44
CA THR B 496 9.98 -18.13 6.32
C THR B 496 9.49 -17.55 4.99
N PHE B 497 8.24 -17.11 4.94
CA PHE B 497 7.70 -16.52 3.73
C PHE B 497 8.31 -15.14 3.43
N TYR B 498 8.53 -14.33 4.46
CA TYR B 498 9.08 -12.99 4.26
C TYR B 498 10.58 -12.90 4.16
N ARG B 499 11.29 -13.97 4.49
CA ARG B 499 12.75 -13.93 4.43
C ARG B 499 13.26 -14.12 3.00
N GLN B 500 12.42 -14.70 2.14
CA GLN B 500 12.82 -14.95 0.78
C GLN B 500 13.00 -13.66 0.01
N PHE B 501 12.46 -12.56 0.53
CA PHE B 501 12.56 -11.32 -0.19
C PHE B 501 13.74 -10.48 0.18
N HIS B 502 14.27 -9.79 -0.82
CA HIS B 502 15.41 -8.92 -0.65
C HIS B 502 14.92 -7.64 -0.07
N ILE B 503 13.77 -7.17 -0.55
CA ILE B 503 13.17 -5.91 -0.11
C ILE B 503 11.65 -6.01 -0.05
N ILE B 504 11.02 -5.24 0.83
CA ILE B 504 9.56 -5.22 0.98
C ILE B 504 9.07 -3.77 1.00
N VAL B 505 7.97 -3.49 0.27
CA VAL B 505 7.43 -2.13 0.20
C VAL B 505 5.98 -2.17 0.61
N CYS B 506 5.52 -1.15 1.33
CA CYS B 506 4.15 -1.14 1.79
C CYS B 506 3.26 -0.01 1.35
N GLY B 507 2.01 -0.40 1.09
CA GLY B 507 0.97 0.52 0.71
C GLY B 507 -0.26 0.07 1.48
N LEU B 508 -0.12 -0.02 2.79
CA LEU B 508 -1.19 -0.45 3.68
C LEU B 508 -2.01 0.71 4.19
N ASP B 509 -3.18 0.41 4.74
CA ASP B 509 -4.05 1.47 5.24
C ASP B 509 -4.52 1.33 6.69
N SER B 510 -3.66 0.75 7.53
CA SER B 510 -3.97 0.59 8.95
C SER B 510 -2.66 0.53 9.73
N ILE B 511 -2.67 1.03 10.96
CA ILE B 511 -1.48 1.01 11.79
C ILE B 511 -1.16 -0.40 12.24
N ILE B 512 -2.18 -1.12 12.67
CA ILE B 512 -2.00 -2.50 13.12
C ILE B 512 -1.14 -3.31 12.12
N ALA B 513 -1.52 -3.31 10.85
CA ALA B 513 -0.77 -4.05 9.83
C ALA B 513 0.69 -3.62 9.72
N ARG B 514 0.95 -2.33 9.90
CA ARG B 514 2.31 -1.83 9.81
C ARG B 514 3.08 -2.26 11.02
N ARG B 515 2.45 -2.21 12.19
CA ARG B 515 3.11 -2.62 13.44
C ARG B 515 3.51 -4.09 13.25
N TRP B 516 2.61 -4.86 12.65
CA TRP B 516 2.79 -6.27 12.41
C TRP B 516 3.94 -6.60 11.45
N ILE B 517 3.89 -6.13 10.21
CA ILE B 517 4.98 -6.45 9.30
C ILE B 517 6.31 -5.96 9.88
N ASN B 518 6.26 -4.80 10.54
CA ASN B 518 7.44 -4.24 11.19
C ASN B 518 8.01 -5.27 12.18
N GLY B 519 7.14 -5.88 12.97
CA GLY B 519 7.58 -6.87 13.92
C GLY B 519 8.09 -8.14 13.25
N MET B 520 7.42 -8.57 12.19
CA MET B 520 7.85 -9.75 11.49
C MET B 520 9.30 -9.59 11.03
N LEU B 521 9.63 -8.47 10.40
CA LEU B 521 10.99 -8.29 9.92
C LEU B 521 12.07 -8.14 10.97
N ILE B 522 11.72 -7.68 12.16
CA ILE B 522 12.73 -7.53 13.19
C ILE B 522 13.03 -8.91 13.79
N SER B 523 12.04 -9.79 13.72
CA SER B 523 12.15 -11.13 14.21
C SER B 523 13.12 -11.98 13.38
N LEU B 524 13.36 -11.56 12.14
CA LEU B 524 14.26 -12.30 11.26
C LEU B 524 15.72 -11.97 11.51
N LEU B 525 15.97 -10.84 12.17
CA LEU B 525 17.33 -10.41 12.46
C LEU B 525 18.14 -11.45 13.24
N ASN B 526 19.40 -11.61 12.85
CA ASN B 526 20.32 -12.52 13.53
C ASN B 526 21.50 -11.73 14.00
N TYR B 527 21.75 -11.72 15.29
CA TYR B 527 22.89 -11.00 15.80
C TYR B 527 23.98 -12.01 16.17
N GLU B 528 24.78 -12.35 15.17
CA GLU B 528 25.87 -13.29 15.32
C GLU B 528 27.07 -12.62 16.02
N ASP B 529 27.56 -13.27 17.07
CA ASP B 529 28.68 -12.79 17.86
C ASP B 529 28.61 -11.35 18.40
N GLY B 530 27.41 -10.82 18.63
CA GLY B 530 27.28 -9.47 19.16
C GLY B 530 26.97 -8.36 18.15
N VAL B 531 27.36 -8.59 16.91
CA VAL B 531 27.15 -7.64 15.82
C VAL B 531 26.02 -8.15 14.91
N LEU B 532 25.11 -7.26 14.54
CA LEU B 532 24.01 -7.63 13.67
C LEU B 532 24.50 -8.13 12.32
N ASP B 533 24.05 -9.30 11.92
CA ASP B 533 24.46 -9.87 10.64
C ASP B 533 23.68 -9.17 9.55
N PRO B 534 24.35 -8.39 8.70
CA PRO B 534 23.68 -7.65 7.62
C PRO B 534 22.80 -8.44 6.67
N SER B 535 23.08 -9.70 6.45
CA SER B 535 22.25 -10.47 5.52
C SER B 535 20.92 -10.92 6.10
N SER B 536 20.71 -10.77 7.41
CA SER B 536 19.44 -11.18 8.02
C SER B 536 18.47 -10.01 8.00
N ILE B 537 18.92 -8.89 7.44
CA ILE B 537 18.13 -7.67 7.33
C ILE B 537 17.33 -7.59 6.03
N VAL B 538 16.02 -7.37 6.13
CA VAL B 538 15.19 -7.22 4.92
C VAL B 538 14.64 -5.82 5.07
N PRO B 539 15.17 -4.86 4.29
CA PRO B 539 14.76 -3.45 4.30
C PRO B 539 13.29 -3.25 4.03
N LEU B 540 12.68 -2.35 4.79
CA LEU B 540 11.26 -2.06 4.66
C LEU B 540 11.03 -0.60 4.24
N ILE B 541 10.27 -0.42 3.14
CA ILE B 541 9.93 0.92 2.63
C ILE B 541 8.44 1.02 2.84
N ASP B 542 8.03 2.06 3.53
CA ASP B 542 6.62 2.27 3.87
C ASP B 542 6.13 3.66 3.49
N GLY B 543 4.91 3.73 2.97
CA GLY B 543 4.34 5.00 2.60
C GLY B 543 2.91 5.10 3.04
N GLY B 544 2.44 6.29 3.35
CA GLY B 544 1.08 6.41 3.79
C GLY B 544 0.52 7.63 3.13
N THR B 545 -0.80 7.68 3.00
CA THR B 545 -1.46 8.76 2.32
C THR B 545 -2.83 9.10 2.95
N GLU B 546 -3.23 10.37 2.87
CA GLU B 546 -4.54 10.83 3.35
C GLU B 546 -4.80 12.16 2.65
N GLY B 547 -5.77 12.23 1.75
CA GLY B 547 -6.01 13.48 1.05
C GLY B 547 -4.81 13.98 0.28
N PHE B 548 -4.34 15.17 0.63
CA PHE B 548 -3.20 15.75 -0.07
C PHE B 548 -1.92 15.72 0.74
N LYS B 549 -1.94 14.93 1.82
CA LYS B 549 -0.77 14.76 2.67
C LYS B 549 -0.35 13.32 2.53
N GLY B 550 0.95 13.07 2.62
CA GLY B 550 1.42 11.71 2.50
C GLY B 550 2.79 11.65 3.10
N ASN B 551 3.29 10.44 3.33
CA ASN B 551 4.64 10.29 3.87
C ASN B 551 5.27 9.01 3.32
N ALA B 552 6.59 8.94 3.41
CA ALA B 552 7.38 7.81 2.93
C ALA B 552 8.54 7.65 3.90
N ARG B 553 9.03 6.43 4.05
CA ARG B 553 10.15 6.23 4.94
C ARG B 553 10.88 4.94 4.65
N VAL B 554 12.21 4.96 4.84
CA VAL B 554 12.99 3.76 4.61
C VAL B 554 13.48 3.25 5.94
N ILE B 555 13.18 1.98 6.22
CA ILE B 555 13.55 1.34 7.47
C ILE B 555 14.47 0.15 7.25
N LEU B 556 15.62 0.17 7.92
CA LEU B 556 16.56 -0.93 7.86
C LEU B 556 16.49 -1.50 9.29
N PRO B 557 15.70 -2.56 9.47
CA PRO B 557 15.47 -3.25 10.75
C PRO B 557 16.72 -3.54 11.57
N GLY B 558 16.79 -2.95 12.77
CA GLY B 558 17.94 -3.19 13.61
C GLY B 558 19.01 -2.14 13.43
N MET B 559 18.80 -1.26 12.45
CA MET B 559 19.77 -0.21 12.19
C MET B 559 19.19 1.19 12.23
N THR B 560 17.91 1.34 11.91
CA THR B 560 17.32 2.68 11.89
C THR B 560 15.92 2.70 12.49
N ALA B 561 15.39 3.88 12.73
CA ALA B 561 14.05 4.02 13.31
C ALA B 561 13.12 3.01 12.68
N CYS B 562 12.33 2.28 13.48
CA CYS B 562 11.41 1.29 12.94
C CYS B 562 9.99 1.86 13.07
N ILE B 563 8.97 1.14 12.63
CA ILE B 563 7.61 1.67 12.72
C ILE B 563 7.24 2.11 14.14
N GLU B 564 7.58 1.29 15.13
CA GLU B 564 7.29 1.54 16.53
C GLU B 564 8.04 2.77 17.07
N CYS B 565 9.22 3.05 16.54
CA CYS B 565 10.01 4.21 16.98
C CYS B 565 9.29 5.53 16.71
N THR B 566 8.66 5.62 15.55
CA THR B 566 7.96 6.82 15.17
C THR B 566 6.47 6.73 15.35
N LEU B 567 6.00 5.65 15.97
CA LEU B 567 4.58 5.42 16.17
C LEU B 567 3.78 6.63 16.62
N GLU B 568 4.42 7.56 17.32
CA GLU B 568 3.73 8.75 17.82
C GLU B 568 3.39 9.78 16.76
N LEU B 569 4.06 9.69 15.60
CA LEU B 569 3.83 10.65 14.53
C LEU B 569 2.43 10.57 13.94
N TYR B 570 1.67 9.53 14.28
CA TYR B 570 0.32 9.45 13.76
C TYR B 570 -0.59 10.43 14.46
N PRO B 571 -1.47 11.09 13.70
CA PRO B 571 -2.38 12.05 14.33
C PRO B 571 -3.27 11.35 15.36
N PRO B 572 -3.89 12.12 16.27
CA PRO B 572 -4.77 11.54 17.28
C PRO B 572 -5.89 10.68 16.69
N GLN B 573 -6.12 9.52 17.30
CA GLN B 573 -7.13 8.58 16.83
C GLN B 573 -8.58 9.07 16.99
N VAL B 574 -9.34 8.99 15.89
CA VAL B 574 -10.75 9.38 15.90
C VAL B 574 -11.49 8.58 17.01
N ASN B 575 -11.95 9.29 18.04
CA ASN B 575 -12.65 8.65 19.15
C ASN B 575 -13.81 9.46 19.70
N PHE B 576 -15.00 8.84 19.75
CA PHE B 576 -16.20 9.49 20.26
C PHE B 576 -16.55 8.95 21.64
N PRO B 577 -16.47 9.81 22.67
CA PRO B 577 -16.78 9.43 24.06
C PRO B 577 -18.23 8.96 24.22
N MET B 578 -18.43 7.93 25.04
CA MET B 578 -19.78 7.40 25.24
C MET B 578 -20.81 8.36 25.80
N CYS B 579 -20.43 9.17 26.77
CA CYS B 579 -21.42 10.08 27.30
C CYS B 579 -21.81 11.04 26.19
N THR B 580 -20.87 11.41 25.33
CA THR B 580 -21.23 12.33 24.24
C THR B 580 -22.24 11.69 23.29
N ILE B 581 -21.88 10.52 22.75
CA ILE B 581 -22.74 9.83 21.82
C ILE B 581 -24.11 9.46 22.36
N ALA B 582 -24.15 8.94 23.58
CA ALA B 582 -25.42 8.51 24.19
C ALA B 582 -26.27 9.59 24.83
N SER B 583 -25.63 10.58 25.44
CA SER B 583 -26.37 11.61 26.15
C SER B 583 -26.16 13.05 25.72
N MET B 584 -25.10 13.36 24.98
CA MET B 584 -24.92 14.75 24.61
C MET B 584 -24.45 14.97 23.20
N PRO B 585 -25.22 14.51 22.23
CA PRO B 585 -24.82 14.70 20.83
C PRO B 585 -24.85 16.17 20.42
N ARG B 586 -23.96 16.59 19.53
CA ARG B 586 -23.95 17.97 19.07
C ARG B 586 -23.46 18.14 17.62
N LEU B 587 -22.79 17.10 17.11
CA LEU B 587 -22.33 17.08 15.73
C LEU B 587 -23.11 15.97 15.01
N PRO B 588 -23.37 16.13 13.70
CA PRO B 588 -24.12 15.09 12.97
C PRO B 588 -23.44 13.71 13.01
N GLU B 589 -22.12 13.72 13.08
CA GLU B 589 -21.36 12.48 13.16
C GLU B 589 -21.76 11.75 14.44
N HIS B 590 -21.98 12.51 15.50
CA HIS B 590 -22.37 11.99 16.81
C HIS B 590 -23.63 11.15 16.70
N CYS B 591 -24.58 11.62 15.91
CA CYS B 591 -25.82 10.88 15.75
C CYS B 591 -25.57 9.62 14.95
N ILE B 592 -24.75 9.72 13.91
CA ILE B 592 -24.48 8.55 13.10
C ILE B 592 -23.82 7.44 13.91
N GLU B 593 -22.91 7.78 14.83
CA GLU B 593 -22.24 6.77 15.66
C GLU B 593 -23.21 6.09 16.56
N TYR B 594 -24.12 6.87 17.16
CA TYR B 594 -25.11 6.29 18.04
C TYR B 594 -25.83 5.16 17.33
N VAL B 595 -26.29 5.44 16.12
CA VAL B 595 -27.00 4.45 15.33
C VAL B 595 -26.10 3.28 14.98
N ARG B 596 -24.88 3.58 14.59
CA ARG B 596 -23.95 2.53 14.20
C ARG B 596 -23.54 1.58 15.33
N MET B 597 -23.23 2.10 16.50
CA MET B 597 -22.79 1.24 17.59
C MET B 597 -23.78 0.96 18.72
N LEU B 598 -24.96 1.57 18.69
CA LEU B 598 -25.95 1.33 19.73
C LEU B 598 -27.27 0.87 19.15
N GLN B 599 -27.94 1.73 18.39
CA GLN B 599 -29.24 1.36 17.82
C GLN B 599 -29.25 0.12 16.94
N TRP B 600 -28.22 -0.07 16.13
CA TRP B 600 -28.19 -1.24 15.25
C TRP B 600 -28.06 -2.50 16.09
N PRO B 601 -26.98 -2.62 16.85
CA PRO B 601 -26.75 -3.81 17.68
C PRO B 601 -27.97 -4.21 18.51
N LYS B 602 -28.80 -3.22 18.84
CA LYS B 602 -29.99 -3.46 19.65
C LYS B 602 -31.23 -3.84 18.87
N GLU B 603 -31.26 -3.52 17.57
CA GLU B 603 -32.43 -3.86 16.77
C GLU B 603 -32.16 -4.93 15.71
N GLN B 604 -30.90 -5.06 15.31
CA GLN B 604 -30.51 -6.03 14.29
C GLN B 604 -31.55 -5.98 13.18
N PRO B 605 -31.75 -4.79 12.60
CA PRO B 605 -32.71 -4.51 11.52
C PRO B 605 -32.78 -5.49 10.37
N PHE B 606 -31.65 -6.05 9.96
CA PHE B 606 -31.67 -6.99 8.85
C PHE B 606 -31.56 -8.44 9.29
N GLY B 607 -32.08 -8.76 10.47
CA GLY B 607 -32.01 -10.12 10.98
C GLY B 607 -31.17 -10.25 12.24
N GLU B 608 -31.60 -11.12 13.14
CA GLU B 608 -30.86 -11.31 14.38
C GLU B 608 -29.52 -11.94 14.02
N GLY B 609 -28.44 -11.38 14.54
CA GLY B 609 -27.12 -11.92 14.27
C GLY B 609 -26.36 -11.25 13.14
N VAL B 610 -27.08 -10.81 12.11
CA VAL B 610 -26.51 -10.14 10.94
C VAL B 610 -25.75 -8.87 11.32
N PRO B 611 -24.43 -8.84 11.10
CA PRO B 611 -23.67 -7.65 11.45
C PRO B 611 -23.86 -6.51 10.46
N LEU B 612 -23.39 -5.33 10.83
CA LEU B 612 -23.50 -4.17 9.96
C LEU B 612 -22.46 -4.23 8.85
N ASP B 613 -22.90 -4.05 7.62
CA ASP B 613 -21.99 -4.07 6.49
C ASP B 613 -21.95 -2.72 5.77
N GLY B 614 -20.89 -1.94 6.05
CA GLY B 614 -20.73 -0.61 5.47
C GLY B 614 -20.83 -0.51 3.97
N ASP B 615 -20.57 -1.61 3.28
CA ASP B 615 -20.63 -1.64 1.83
C ASP B 615 -22.01 -2.00 1.30
N ASP B 616 -22.90 -2.39 2.20
CA ASP B 616 -24.26 -2.75 1.82
C ASP B 616 -25.17 -1.51 1.74
N PRO B 617 -25.48 -1.04 0.53
CA PRO B 617 -26.33 0.14 0.35
C PRO B 617 -27.55 0.20 1.24
N GLU B 618 -28.25 -0.92 1.40
CA GLU B 618 -29.45 -0.96 2.21
C GLU B 618 -29.16 -0.78 3.70
N HIS B 619 -27.97 -1.18 4.12
CA HIS B 619 -27.59 -1.01 5.51
C HIS B 619 -27.36 0.47 5.78
N ILE B 620 -26.62 1.10 4.88
CA ILE B 620 -26.33 2.52 4.99
C ILE B 620 -27.61 3.35 4.98
N GLN B 621 -28.55 3.00 4.11
CA GLN B 621 -29.81 3.74 4.04
C GLN B 621 -30.52 3.71 5.36
N TRP B 622 -30.60 2.51 5.94
CA TRP B 622 -31.27 2.33 7.21
C TRP B 622 -30.59 3.20 8.24
N ILE B 623 -29.26 3.09 8.29
CA ILE B 623 -28.48 3.89 9.21
C ILE B 623 -28.68 5.38 8.97
N PHE B 624 -28.69 5.79 7.72
CA PHE B 624 -28.90 7.19 7.35
C PHE B 624 -30.24 7.69 7.85
N GLN B 625 -31.27 6.90 7.64
CA GLN B 625 -32.62 7.27 8.05
C GLN B 625 -32.70 7.38 9.57
N LYS B 626 -32.28 6.34 10.27
CA LYS B 626 -32.33 6.36 11.73
C LYS B 626 -31.50 7.51 12.27
N SER B 627 -30.45 7.87 11.55
CA SER B 627 -29.58 8.96 11.97
C SER B 627 -30.27 10.29 11.78
N LEU B 628 -31.11 10.40 10.76
CA LEU B 628 -31.81 11.64 10.51
C LEU B 628 -32.76 11.93 11.65
N GLU B 629 -33.30 10.87 12.22
CA GLU B 629 -34.25 10.98 13.32
C GLU B 629 -33.56 11.29 14.63
N ARG B 630 -32.41 10.67 14.87
CA ARG B 630 -31.69 10.93 16.11
C ARG B 630 -31.34 12.40 16.06
N ALA B 631 -30.88 12.85 14.90
CA ALA B 631 -30.50 14.23 14.70
C ALA B 631 -31.68 15.14 14.99
N SER B 632 -32.82 14.73 14.48
CA SER B 632 -34.06 15.47 14.64
C SER B 632 -34.38 15.80 16.09
N GLN B 633 -34.27 14.81 16.96
CA GLN B 633 -34.55 15.00 18.38
C GLN B 633 -33.61 15.99 19.05
N TYR B 634 -32.48 16.29 18.41
CA TYR B 634 -31.53 17.22 19.00
C TYR B 634 -31.26 18.46 18.19
N ASN B 635 -32.10 18.70 17.18
CA ASN B 635 -31.94 19.86 16.33
C ASN B 635 -30.53 20.01 15.82
N ILE B 636 -29.95 18.86 15.47
CA ILE B 636 -28.60 18.81 14.94
C ILE B 636 -28.74 18.69 13.43
N ARG B 637 -28.15 19.61 12.69
CA ARG B 637 -28.26 19.53 11.25
C ARG B 637 -26.98 19.05 10.61
N GLY B 638 -27.08 18.64 9.35
CA GLY B 638 -25.91 18.19 8.64
C GLY B 638 -25.76 16.71 8.38
N VAL B 639 -26.80 15.92 8.64
CA VAL B 639 -26.68 14.49 8.39
C VAL B 639 -27.02 14.17 6.94
N THR B 640 -26.02 13.72 6.21
CA THR B 640 -26.23 13.37 4.81
C THR B 640 -25.80 11.94 4.62
N TYR B 641 -26.23 11.34 3.53
CA TYR B 641 -25.87 9.97 3.17
C TYR B 641 -24.34 9.88 3.03
N ARG B 642 -23.74 10.87 2.37
CA ARG B 642 -22.31 10.87 2.19
C ARG B 642 -21.58 10.86 3.52
N LEU B 643 -22.08 11.62 4.47
CA LEU B 643 -21.44 11.68 5.78
C LEU B 643 -21.70 10.40 6.55
N THR B 644 -22.86 9.78 6.35
CA THR B 644 -23.17 8.54 7.04
C THR B 644 -22.18 7.44 6.64
N GLN B 645 -21.84 7.39 5.34
CA GLN B 645 -20.89 6.38 4.84
C GLN B 645 -19.53 6.70 5.42
N GLY B 646 -19.22 8.00 5.46
CA GLY B 646 -17.95 8.44 6.00
C GLY B 646 -17.73 7.94 7.40
N VAL B 647 -18.66 8.28 8.30
CA VAL B 647 -18.56 7.87 9.67
C VAL B 647 -18.54 6.36 9.82
N VAL B 648 -19.46 5.67 9.16
CA VAL B 648 -19.54 4.22 9.28
C VAL B 648 -18.31 3.49 8.81
N LYS B 649 -17.85 3.83 7.59
CA LYS B 649 -16.68 3.17 7.02
C LYS B 649 -15.37 3.79 7.51
N ARG B 650 -15.47 4.94 8.17
CA ARG B 650 -14.28 5.65 8.68
C ARG B 650 -13.45 5.98 7.46
N ILE B 651 -14.09 6.55 6.46
CA ILE B 651 -13.42 6.85 5.19
C ILE B 651 -12.32 7.91 5.16
N ILE B 652 -11.27 7.59 4.43
CA ILE B 652 -10.16 8.49 4.22
C ILE B 652 -10.23 9.03 2.78
N PRO B 653 -10.34 10.35 2.62
CA PRO B 653 -10.40 11.01 1.31
C PRO B 653 -9.17 10.61 0.52
N ALA B 654 -9.34 10.36 -0.78
CA ALA B 654 -8.21 9.93 -1.59
C ALA B 654 -8.32 10.30 -3.08
N VAL B 655 -7.15 10.45 -3.71
CA VAL B 655 -7.03 10.78 -5.13
C VAL B 655 -5.77 10.15 -5.72
N ALA B 656 -5.73 10.02 -7.04
CA ALA B 656 -4.56 9.43 -7.68
C ALA B 656 -3.25 10.17 -7.48
N SER B 657 -3.25 11.48 -7.63
CA SER B 657 -1.99 12.23 -7.52
C SER B 657 -1.16 12.01 -6.26
N THR B 658 -1.79 12.10 -5.09
CA THR B 658 -1.02 11.90 -3.85
C THR B 658 -0.49 10.47 -3.78
N ASN B 659 -1.27 9.50 -4.23
CA ASN B 659 -0.75 8.14 -4.21
C ASN B 659 0.41 8.00 -5.19
N ALA B 660 0.42 8.84 -6.23
CA ALA B 660 1.52 8.77 -7.20
C ALA B 660 2.80 9.38 -6.62
N VAL B 661 2.71 10.52 -5.96
CA VAL B 661 3.89 11.12 -5.35
C VAL B 661 4.54 10.14 -4.37
N ILE B 662 3.77 9.64 -3.42
CA ILE B 662 4.36 8.72 -2.45
C ILE B 662 4.84 7.40 -3.04
N ALA B 663 4.09 6.78 -3.95
CA ALA B 663 4.60 5.53 -4.54
C ALA B 663 5.87 5.79 -5.37
N ALA B 664 5.97 7.00 -5.92
CA ALA B 664 7.12 7.37 -6.71
C ALA B 664 8.33 7.30 -5.78
N VAL B 665 8.30 8.10 -4.72
CA VAL B 665 9.41 8.13 -3.75
C VAL B 665 9.75 6.74 -3.22
N CYS B 666 8.76 6.03 -2.74
CA CYS B 666 9.00 4.71 -2.24
C CYS B 666 9.73 3.86 -3.27
N ALA B 667 9.27 3.91 -4.52
CA ALA B 667 9.88 3.13 -5.58
C ALA B 667 11.31 3.56 -5.89
N THR B 668 11.55 4.87 -5.98
CA THR B 668 12.89 5.36 -6.26
C THR B 668 13.85 4.79 -5.24
N GLU B 669 13.37 4.65 -4.01
CA GLU B 669 14.19 4.12 -2.93
C GLU B 669 14.38 2.62 -3.00
N VAL B 670 13.38 1.91 -3.48
CA VAL B 670 13.59 0.48 -3.57
C VAL B 670 14.72 0.30 -4.57
N PHE B 671 14.68 1.09 -5.63
CA PHE B 671 15.70 1.02 -6.67
C PHE B 671 17.10 1.28 -6.09
N LYS B 672 17.25 2.39 -5.37
CA LYS B 672 18.54 2.73 -4.78
C LYS B 672 19.06 1.62 -3.87
N ILE B 673 18.19 1.05 -3.03
CA ILE B 673 18.61 -0.01 -2.13
C ILE B 673 18.98 -1.31 -2.89
N ALA B 674 18.21 -1.66 -3.90
CA ALA B 674 18.51 -2.88 -4.63
C ALA B 674 19.80 -2.77 -5.46
N THR B 675 20.17 -1.56 -5.84
CA THR B 675 21.36 -1.35 -6.66
C THR B 675 22.51 -0.58 -6.00
N SER B 676 22.26 0.04 -4.86
CA SER B 676 23.28 0.83 -4.18
C SER B 676 23.69 2.00 -5.08
N ALA B 677 22.85 2.32 -6.06
CA ALA B 677 23.10 3.42 -6.97
C ALA B 677 23.39 4.71 -6.21
N TYR B 678 22.65 4.94 -5.14
CA TYR B 678 22.86 6.11 -4.29
C TYR B 678 22.52 5.65 -2.89
N ILE B 679 22.82 6.46 -1.88
CA ILE B 679 22.46 6.05 -0.53
C ILE B 679 20.97 6.36 -0.49
N PRO B 680 20.19 5.49 0.15
CA PRO B 680 18.74 5.69 0.25
C PRO B 680 18.34 6.87 1.11
N LEU B 681 17.09 7.30 0.97
CA LEU B 681 16.51 8.39 1.74
C LEU B 681 16.87 8.19 3.19
N ASN B 682 17.41 9.21 3.85
CA ASN B 682 17.76 9.00 5.26
C ASN B 682 16.53 9.04 6.12
N ASN B 683 15.79 7.96 5.90
CA ASN B 683 14.55 7.50 6.45
C ASN B 683 13.22 8.22 6.43
N TYR B 684 13.15 9.55 6.38
CA TYR B 684 11.79 10.10 6.42
C TYR B 684 11.42 11.30 5.54
N LEU B 685 10.23 11.24 4.93
CA LEU B 685 9.75 12.31 4.07
C LEU B 685 8.27 12.55 4.28
N VAL B 686 7.86 13.83 4.37
CA VAL B 686 6.46 14.20 4.53
C VAL B 686 6.15 15.04 3.31
N PHE B 687 4.91 14.99 2.84
CA PHE B 687 4.51 15.70 1.64
C PHE B 687 3.14 16.28 1.81
N ASN B 688 2.94 17.51 1.37
CA ASN B 688 1.63 18.09 1.50
C ASN B 688 1.46 19.08 0.38
N ASP B 689 0.28 19.12 -0.23
CA ASP B 689 0.10 20.07 -1.30
C ASP B 689 -1.22 20.82 -1.38
N VAL B 690 -1.76 21.24 -0.23
CA VAL B 690 -2.97 22.05 -0.26
C VAL B 690 -2.57 23.50 -0.50
N ASP B 691 -1.34 23.86 -0.12
CA ASP B 691 -0.83 25.22 -0.30
C ASP B 691 0.50 25.17 -1.03
N GLY B 692 0.48 25.27 -2.36
CA GLY B 692 1.71 25.17 -3.13
C GLY B 692 2.07 23.72 -2.89
N LEU B 693 3.32 23.33 -3.00
CA LEU B 693 3.60 21.96 -2.64
C LEU B 693 4.88 21.94 -1.86
N TYR B 694 4.81 21.24 -0.74
CA TYR B 694 5.89 21.16 0.22
C TYR B 694 6.37 19.76 0.62
N THR B 695 7.67 19.63 0.88
CA THR B 695 8.16 18.36 1.40
C THR B 695 9.19 18.67 2.46
N TYR B 696 9.44 17.71 3.33
CA TYR B 696 10.41 17.86 4.38
C TYR B 696 10.98 16.48 4.55
N THR B 697 12.29 16.40 4.71
CA THR B 697 12.96 15.13 4.81
C THR B 697 13.86 15.14 6.02
N PHE B 698 13.85 14.08 6.82
CA PHE B 698 14.71 14.05 7.98
C PHE B 698 15.01 12.65 8.45
N GLU B 699 16.03 12.54 9.30
CA GLU B 699 16.44 11.26 9.86
C GLU B 699 15.74 11.08 11.19
N ALA B 700 14.73 10.22 11.23
CA ALA B 700 14.04 9.99 12.48
C ALA B 700 15.03 9.30 13.36
N GLU B 701 15.11 9.74 14.62
CA GLU B 701 16.01 9.17 15.60
C GLU B 701 15.44 7.83 16.07
N ARG B 702 16.31 6.86 16.25
CA ARG B 702 15.92 5.54 16.69
C ARG B 702 15.68 5.55 18.19
N LYS B 703 14.45 5.29 18.62
CA LYS B 703 14.12 5.28 20.05
C LYS B 703 15.00 4.36 20.86
N GLU B 704 15.53 4.89 21.95
CA GLU B 704 16.45 4.16 22.82
C GLU B 704 15.81 2.92 23.45
N ASN B 705 14.60 3.08 23.96
CA ASN B 705 13.96 1.92 24.57
C ASN B 705 12.76 1.49 23.78
N CYS B 706 12.93 1.40 22.47
CA CYS B 706 11.82 0.99 21.62
C CYS B 706 11.41 -0.41 21.97
N PRO B 707 10.13 -0.62 22.21
CA PRO B 707 9.72 -1.96 22.55
C PRO B 707 9.93 -3.01 21.48
N ALA B 708 10.08 -2.60 20.22
CA ALA B 708 10.25 -3.55 19.11
C ALA B 708 11.67 -3.81 18.61
N CYS B 709 12.50 -2.80 18.48
CA CYS B 709 13.84 -3.06 17.95
C CYS B 709 15.02 -2.75 18.86
N SER B 710 14.76 -2.44 20.12
CA SER B 710 15.85 -2.10 21.01
C SER B 710 16.29 -3.22 21.92
N GLN B 711 15.71 -4.41 21.76
CA GLN B 711 16.10 -5.50 22.64
C GLN B 711 16.88 -6.55 21.89
N LEU B 712 18.09 -6.84 22.36
CA LEU B 712 18.95 -7.85 21.73
C LEU B 712 18.86 -9.19 22.44
N PRO B 713 19.04 -10.28 21.69
CA PRO B 713 18.96 -11.56 22.38
C PRO B 713 20.11 -11.63 23.40
N GLN B 714 19.86 -12.29 24.51
CA GLN B 714 20.87 -12.45 25.56
C GLN B 714 21.68 -13.70 25.20
N ASN B 715 23.00 -13.61 25.35
CA ASN B 715 23.84 -14.75 25.05
C ASN B 715 24.16 -15.61 26.27
N ILE B 716 23.92 -16.92 26.14
CA ILE B 716 24.22 -17.84 27.21
C ILE B 716 25.07 -18.93 26.61
N GLN B 717 26.00 -19.44 27.39
CA GLN B 717 26.90 -20.48 26.90
C GLN B 717 26.76 -21.72 27.77
N PHE B 718 26.40 -22.83 27.15
CA PHE B 718 26.24 -24.11 27.84
C PHE B 718 26.82 -25.21 26.98
N SER B 719 26.97 -26.39 27.56
CA SER B 719 27.51 -27.52 26.82
C SER B 719 26.33 -28.28 26.25
N PRO B 720 26.47 -28.84 25.05
CA PRO B 720 25.33 -29.58 24.50
C PRO B 720 24.95 -30.73 25.42
N SER B 721 25.88 -31.15 26.26
CA SER B 721 25.63 -32.24 27.19
C SER B 721 24.98 -31.73 28.47
N ALA B 722 24.87 -30.42 28.60
CA ALA B 722 24.25 -29.85 29.80
C ALA B 722 22.79 -30.27 29.93
N LYS B 723 22.26 -30.19 31.15
CA LYS B 723 20.88 -30.57 31.38
C LYS B 723 19.98 -29.33 31.52
N LEU B 724 18.82 -29.37 30.87
CA LEU B 724 17.87 -28.26 30.90
C LEU B 724 17.71 -27.68 32.30
N GLN B 725 17.95 -28.49 33.33
CA GLN B 725 17.82 -27.96 34.68
C GLN B 725 18.84 -26.85 34.90
N GLU B 726 20.06 -27.05 34.42
CA GLU B 726 21.12 -26.05 34.56
C GLU B 726 20.70 -24.72 33.94
N VAL B 727 20.00 -24.78 32.81
CA VAL B 727 19.52 -23.58 32.13
C VAL B 727 18.47 -22.90 33.02
N LEU B 728 17.73 -23.70 33.78
CA LEU B 728 16.71 -23.16 34.67
C LEU B 728 17.39 -22.49 35.88
N ASP B 729 18.43 -23.14 36.41
CA ASP B 729 19.16 -22.60 37.56
C ASP B 729 19.83 -21.27 37.20
N TYR B 730 20.41 -21.23 36.00
CA TYR B 730 21.06 -20.03 35.54
C TYR B 730 20.09 -18.88 35.57
N LEU B 731 18.93 -19.08 34.94
CA LEU B 731 17.91 -18.04 34.88
C LEU B 731 17.45 -17.59 36.25
N THR B 732 17.31 -18.53 37.17
CA THR B 732 16.84 -18.21 38.52
C THR B 732 17.90 -17.73 39.52
N ASN B 733 19.14 -18.18 39.39
CA ASN B 733 20.21 -17.76 40.31
C ASN B 733 21.01 -16.57 39.83
N SER B 734 21.53 -16.65 38.61
CA SER B 734 22.31 -15.58 37.99
C SER B 734 21.93 -14.22 38.57
N ALA B 735 22.91 -13.57 39.20
CA ALA B 735 22.72 -12.28 39.84
C ALA B 735 22.05 -11.21 38.97
N SER B 736 22.39 -11.18 37.68
CA SER B 736 21.82 -10.18 36.78
C SER B 736 20.38 -10.41 36.36
N LEU B 737 19.85 -11.62 36.57
CA LEU B 737 18.47 -11.92 36.17
C LEU B 737 17.64 -12.44 37.33
N GLN B 738 18.04 -13.61 37.83
CA GLN B 738 17.37 -14.31 38.91
C GLN B 738 15.86 -14.13 38.89
N MET B 739 15.21 -14.92 38.04
CA MET B 739 13.78 -14.88 37.87
C MET B 739 13.12 -15.84 38.85
N LYS B 740 11.85 -15.56 39.13
CA LYS B 740 11.07 -16.40 40.03
C LYS B 740 10.88 -17.78 39.46
N SER B 741 9.97 -17.90 38.50
CA SER B 741 9.70 -19.18 37.86
C SER B 741 9.53 -18.89 36.38
N PRO B 742 10.60 -19.08 35.61
CA PRO B 742 10.55 -18.83 34.17
C PRO B 742 9.76 -19.87 33.39
N ALA B 743 9.44 -19.50 32.15
CA ALA B 743 8.72 -20.32 31.19
C ALA B 743 9.68 -20.36 30.01
N ILE B 744 9.97 -21.55 29.51
CA ILE B 744 10.90 -21.66 28.39
C ILE B 744 10.29 -22.40 27.21
N THR B 745 10.34 -21.77 26.04
CA THR B 745 9.82 -22.39 24.83
C THR B 745 10.88 -22.26 23.77
N ALA B 746 10.67 -22.92 22.65
CA ALA B 746 11.61 -22.91 21.53
C ALA B 746 10.96 -23.41 20.25
N THR B 747 11.55 -23.09 19.11
CA THR B 747 10.99 -23.54 17.85
C THR B 747 11.86 -24.64 17.32
N LEU B 748 11.29 -25.83 17.26
CA LEU B 748 11.98 -27.00 16.74
C LEU B 748 11.11 -27.61 15.66
N GLU B 749 11.73 -28.02 14.57
CA GLU B 749 10.97 -28.63 13.49
C GLU B 749 9.77 -27.77 13.07
N GLY B 750 9.96 -26.45 13.05
CA GLY B 750 8.91 -25.55 12.62
C GLY B 750 7.69 -25.37 13.49
N LYS B 751 7.67 -26.02 14.65
CA LYS B 751 6.54 -25.92 15.57
C LYS B 751 6.98 -25.40 16.93
N ASN B 752 6.06 -24.78 17.64
CA ASN B 752 6.37 -24.26 18.98
C ASN B 752 6.50 -25.46 19.91
N ARG B 753 7.47 -25.38 20.83
CA ARG B 753 7.69 -26.45 21.79
C ARG B 753 7.82 -25.84 23.18
N THR B 754 6.99 -26.30 24.11
CA THR B 754 7.08 -25.79 25.47
C THR B 754 8.06 -26.69 26.20
N LEU B 755 9.23 -26.17 26.50
CA LEU B 755 10.25 -26.93 27.20
C LEU B 755 9.90 -27.06 28.67
N TYR B 756 9.54 -25.93 29.30
CA TYR B 756 9.15 -25.94 30.71
C TYR B 756 8.22 -24.79 31.07
N LEU B 757 7.13 -25.10 31.77
CA LEU B 757 6.19 -24.07 32.16
C LEU B 757 5.69 -24.47 33.55
N GLN B 758 5.53 -23.50 34.44
CA GLN B 758 5.12 -23.82 35.80
C GLN B 758 3.96 -23.03 36.40
N SER B 759 3.09 -22.48 35.56
CA SER B 759 1.94 -21.71 36.06
C SER B 759 0.63 -22.42 35.69
N VAL B 760 0.76 -23.64 35.18
CA VAL B 760 -0.38 -24.45 34.80
C VAL B 760 0.02 -25.88 35.06
N THR B 761 -0.44 -26.40 36.19
CA THR B 761 -0.12 -27.74 36.62
C THR B 761 -0.16 -28.82 35.54
N SER B 762 -1.21 -28.84 34.72
CA SER B 762 -1.28 -29.88 33.69
C SER B 762 -0.11 -29.81 32.72
N ILE B 763 0.40 -28.61 32.46
CA ILE B 763 1.52 -28.45 31.56
C ILE B 763 2.83 -28.72 32.29
N GLU B 764 2.99 -28.11 33.46
CA GLU B 764 4.20 -28.30 34.25
C GLU B 764 4.45 -29.79 34.47
N GLU B 765 3.41 -30.53 34.85
CA GLU B 765 3.54 -31.97 35.05
C GLU B 765 4.17 -32.55 33.78
N ARG B 766 3.50 -32.32 32.65
CA ARG B 766 3.99 -32.84 31.37
C ARG B 766 5.30 -32.35 30.77
N THR B 767 5.94 -31.34 31.36
CA THR B 767 7.21 -30.86 30.80
C THR B 767 8.40 -31.05 31.73
N ARG B 768 8.13 -31.36 33.00
CA ARG B 768 9.18 -31.59 33.99
C ARG B 768 10.23 -32.56 33.44
N PRO B 769 9.79 -33.67 32.81
CA PRO B 769 10.71 -34.65 32.25
C PRO B 769 11.80 -33.96 31.43
N ASN B 770 11.43 -32.94 30.67
CA ASN B 770 12.39 -32.23 29.85
C ASN B 770 13.58 -31.73 30.67
N LEU B 771 13.34 -31.41 31.94
CA LEU B 771 14.39 -30.89 32.82
C LEU B 771 15.63 -31.74 33.04
N SER B 772 15.59 -33.01 32.66
CA SER B 772 16.76 -33.87 32.85
C SER B 772 17.15 -34.55 31.55
N LYS B 773 17.02 -33.82 30.46
CA LYS B 773 17.40 -34.32 29.15
C LYS B 773 18.44 -33.32 28.66
N THR B 774 19.40 -33.76 27.87
CA THR B 774 20.42 -32.82 27.42
C THR B 774 19.91 -32.00 26.26
N LEU B 775 20.46 -30.80 26.14
CA LEU B 775 20.08 -29.87 25.08
C LEU B 775 20.33 -30.52 23.71
N LYS B 776 21.16 -31.57 23.69
CA LYS B 776 21.41 -32.28 22.43
C LYS B 776 20.20 -33.21 22.24
N GLU B 777 19.64 -33.69 23.35
CA GLU B 777 18.48 -34.58 23.31
C GLU B 777 17.20 -33.84 22.93
N LEU B 778 17.00 -32.68 23.55
CA LEU B 778 15.83 -31.88 23.28
C LEU B 778 15.79 -31.37 21.84
N GLY B 779 16.90 -31.51 21.12
CA GLY B 779 16.93 -31.06 19.74
C GLY B 779 17.50 -29.68 19.53
N LEU B 780 17.81 -28.97 20.62
CA LEU B 780 18.37 -27.63 20.50
C LEU B 780 19.67 -27.68 19.67
N VAL B 781 20.08 -26.54 19.14
CA VAL B 781 21.31 -26.47 18.33
C VAL B 781 22.04 -25.14 18.55
N ASP B 782 23.30 -25.09 18.13
CA ASP B 782 24.12 -23.90 18.30
C ASP B 782 23.39 -22.69 17.70
N GLY B 783 23.40 -21.57 18.41
CA GLY B 783 22.74 -20.37 17.92
C GLY B 783 21.25 -20.29 18.25
N GLN B 784 20.62 -21.45 18.42
CA GLN B 784 19.20 -21.55 18.75
C GLN B 784 18.67 -20.48 19.70
N GLU B 785 17.45 -20.02 19.46
CA GLU B 785 16.82 -19.02 20.31
C GLU B 785 15.83 -19.62 21.30
N LEU B 786 16.09 -19.43 22.58
CA LEU B 786 15.19 -19.93 23.61
C LEU B 786 14.40 -18.73 24.05
N ALA B 787 13.08 -18.87 24.05
CA ALA B 787 12.22 -17.78 24.46
C ALA B 787 11.79 -18.02 25.89
N VAL B 788 12.12 -17.10 26.78
CA VAL B 788 11.73 -17.29 28.16
C VAL B 788 11.05 -16.06 28.74
N ALA B 789 9.90 -16.27 29.35
CA ALA B 789 9.10 -15.20 29.95
C ALA B 789 8.97 -15.41 31.45
N ASP B 790 8.77 -14.32 32.18
CA ASP B 790 8.64 -14.41 33.62
C ASP B 790 8.17 -13.08 34.17
N VAL B 791 7.64 -13.10 35.39
CA VAL B 791 7.16 -11.89 36.03
C VAL B 791 8.25 -10.83 36.07
N THR B 792 9.49 -11.30 35.96
CA THR B 792 10.68 -10.45 35.99
C THR B 792 10.87 -9.66 34.69
N THR B 793 10.45 -10.29 33.59
CA THR B 793 10.57 -9.71 32.27
C THR B 793 9.27 -9.04 31.89
N PRO B 794 9.30 -7.73 31.60
CA PRO B 794 8.07 -7.03 31.21
C PRO B 794 7.47 -7.71 29.98
N GLN B 795 8.35 -8.26 29.14
CA GLN B 795 7.95 -8.96 27.94
C GLN B 795 8.93 -10.10 27.72
N THR B 796 8.47 -11.18 27.08
CA THR B 796 9.31 -12.33 26.83
C THR B 796 10.64 -11.90 26.23
N VAL B 797 11.74 -12.47 26.69
CA VAL B 797 13.06 -12.14 26.18
C VAL B 797 13.68 -13.35 25.49
N LEU B 798 14.60 -13.09 24.57
CA LEU B 798 15.25 -14.16 23.83
C LEU B 798 16.70 -14.38 24.24
N PHE B 799 17.05 -15.63 24.52
CA PHE B 799 18.41 -15.97 24.89
C PHE B 799 18.93 -16.77 23.72
N LYS B 800 20.14 -16.49 23.27
CA LYS B 800 20.69 -17.24 22.17
C LYS B 800 21.67 -18.25 22.77
N LEU B 801 21.36 -19.53 22.56
CA LEU B 801 22.15 -20.63 23.08
C LEU B 801 23.38 -20.87 22.23
N HIS B 802 24.55 -20.78 22.85
CA HIS B 802 25.81 -21.00 22.16
C HIS B 802 26.51 -22.22 22.79
N PHE B 803 26.72 -23.26 21.99
CA PHE B 803 27.36 -24.48 22.45
C PHE B 803 28.87 -24.35 22.60
N THR B 804 29.35 -24.69 23.78
CA THR B 804 30.78 -24.60 24.11
C THR B 804 31.53 -25.86 23.76
N SER B 805 30.81 -26.91 23.38
CA SER B 805 31.45 -28.17 23.05
C SER B 805 31.07 -28.65 21.65
N LYS C 5 25.80 4.49 9.96
CA LYS C 5 26.49 3.34 9.29
C LYS C 5 25.78 2.98 7.98
N LEU C 6 26.54 2.39 7.06
CA LEU C 6 26.00 2.02 5.77
C LEU C 6 25.56 0.59 5.60
N PHE C 7 24.59 0.43 4.73
CA PHE C 7 24.05 -0.87 4.41
C PHE C 7 24.21 -1.06 2.90
N SER C 8 24.25 -2.30 2.45
CA SER C 8 24.37 -2.56 1.05
C SER C 8 23.75 -3.91 0.80
N LEU C 9 22.77 -3.98 -0.10
CA LEU C 9 22.15 -5.27 -0.39
C LEU C 9 23.09 -6.04 -1.30
N LYS C 10 23.40 -7.27 -0.96
CA LYS C 10 24.27 -8.05 -1.82
C LYS C 10 23.44 -8.59 -2.97
N GLN C 11 23.99 -8.53 -4.17
CA GLN C 11 23.26 -8.98 -5.34
C GLN C 11 23.35 -10.46 -5.67
N GLN C 12 22.88 -11.31 -4.76
CA GLN C 12 22.90 -12.76 -4.97
C GLN C 12 21.55 -13.28 -4.50
N LYS C 13 21.15 -14.44 -5.01
CA LYS C 13 19.88 -15.03 -4.59
C LYS C 13 20.02 -15.39 -3.13
N LYS C 14 18.91 -15.59 -2.43
CA LYS C 14 18.96 -15.94 -1.02
C LYS C 14 18.97 -17.45 -0.84
N GLU C 15 19.62 -17.94 0.20
CA GLU C 15 19.69 -19.37 0.44
C GLU C 15 18.28 -19.83 0.75
N GLU C 16 17.82 -20.87 0.04
CA GLU C 16 16.47 -21.37 0.25
C GLU C 16 16.26 -22.20 1.51
N GLU C 17 14.98 -22.42 1.81
CA GLU C 17 14.56 -23.19 2.97
C GLU C 17 13.10 -23.57 2.74
N LYS C 18 12.63 -24.62 3.42
CA LYS C 18 11.24 -25.02 3.26
C LYS C 18 10.39 -24.18 4.19
N GLY C 19 9.12 -24.02 3.81
CA GLY C 19 8.19 -23.20 4.58
C GLY C 19 8.08 -23.41 6.08
N SER C 20 9.05 -24.10 6.69
CA SER C 20 9.00 -24.34 8.12
C SER C 20 9.55 -23.17 8.95
N SER C 21 8.69 -22.64 9.80
CA SER C 21 9.06 -21.53 10.67
C SER C 21 10.35 -21.78 11.46
N LYS C 22 11.21 -20.78 11.54
CA LYS C 22 12.47 -20.91 12.28
C LYS C 22 12.47 -20.02 13.52
N LYS C 23 11.63 -18.99 13.52
CA LYS C 23 11.58 -18.06 14.64
C LYS C 23 10.17 -17.93 15.22
N ALA C 24 10.11 -17.73 16.53
CA ALA C 24 8.83 -17.61 17.20
C ALA C 24 8.08 -16.37 16.76
N SER C 25 6.79 -16.55 16.50
CA SER C 25 5.96 -15.45 16.07
C SER C 25 5.72 -14.54 17.26
N ALA C 26 5.34 -13.30 16.99
CA ALA C 26 5.08 -12.37 18.06
C ALA C 26 3.94 -12.90 18.90
N ALA C 27 3.02 -13.62 18.26
CA ALA C 27 1.87 -14.16 18.97
C ALA C 27 2.34 -15.21 19.97
N GLN C 28 3.20 -16.09 19.50
CA GLN C 28 3.73 -17.13 20.35
C GLN C 28 4.47 -16.50 21.53
N LEU C 29 5.21 -15.42 21.31
CA LEU C 29 5.95 -14.78 22.39
C LEU C 29 5.04 -14.07 23.37
N ARG C 30 3.95 -13.46 22.90
CA ARG C 30 3.07 -12.77 23.83
C ARG C 30 2.22 -13.72 24.66
N ILE C 31 1.69 -14.75 24.02
CA ILE C 31 0.83 -15.72 24.68
C ILE C 31 1.65 -16.49 25.72
N GLN C 32 2.89 -16.80 25.36
CA GLN C 32 3.73 -17.51 26.30
C GLN C 32 3.79 -16.72 27.57
N LYS C 33 3.87 -15.41 27.43
CA LYS C 33 3.96 -14.52 28.59
C LYS C 33 2.65 -14.42 29.32
N ASP C 34 1.56 -14.31 28.57
CA ASP C 34 0.25 -14.18 29.16
C ASP C 34 -0.16 -15.43 29.91
N ILE C 35 0.09 -16.59 29.32
CA ILE C 35 -0.24 -17.84 29.95
C ILE C 35 0.56 -17.97 31.23
N ASN C 36 1.81 -17.53 31.21
CA ASN C 36 2.64 -17.63 32.40
C ASN C 36 2.36 -16.59 33.49
N GLU C 37 1.55 -15.58 33.19
CA GLU C 37 1.21 -14.55 34.17
C GLU C 37 -0.25 -14.76 34.50
N LEU C 38 -0.72 -15.98 34.27
CA LEU C 38 -2.11 -16.31 34.52
C LEU C 38 -2.51 -16.14 35.97
N ASN C 39 -3.75 -15.71 36.18
CA ASN C 39 -4.26 -15.49 37.52
C ASN C 39 -5.74 -15.88 37.57
N LEU C 40 -6.01 -17.18 37.51
CA LEU C 40 -7.38 -17.70 37.51
C LEU C 40 -8.13 -17.52 38.83
N PRO C 41 -9.37 -17.00 38.76
CA PRO C 41 -10.15 -16.81 39.98
C PRO C 41 -10.52 -18.21 40.48
N LYS C 42 -11.03 -18.31 41.70
CA LYS C 42 -11.41 -19.62 42.26
C LYS C 42 -12.44 -20.36 41.41
N THR C 43 -13.32 -19.59 40.76
CA THR C 43 -14.39 -20.15 39.95
C THR C 43 -14.01 -20.60 38.53
N CYS C 44 -12.81 -20.24 38.09
CA CYS C 44 -12.38 -20.59 36.74
C CYS C 44 -11.30 -21.67 36.69
N ASP C 45 -11.20 -22.32 35.54
CA ASP C 45 -10.20 -23.35 35.35
C ASP C 45 -9.84 -23.46 33.87
N ILE C 46 -8.55 -23.36 33.57
CA ILE C 46 -8.05 -23.40 32.21
C ILE C 46 -7.45 -24.77 31.87
N SER C 47 -7.49 -25.17 30.60
CA SER C 47 -6.91 -26.46 30.21
C SER C 47 -6.36 -26.48 28.79
N PHE C 48 -5.26 -27.21 28.60
CA PHE C 48 -4.59 -27.34 27.31
C PHE C 48 -4.44 -28.79 26.88
N SER C 49 -5.16 -29.19 25.86
CA SER C 49 -5.07 -30.56 25.36
C SER C 49 -3.63 -30.93 25.03
N ASP C 50 -2.90 -30.01 24.40
CA ASP C 50 -1.50 -30.25 24.03
C ASP C 50 -0.64 -29.21 24.73
N PRO C 51 0.32 -29.66 25.58
CA PRO C 51 1.19 -28.73 26.30
C PRO C 51 2.13 -27.88 25.43
N ASP C 52 2.29 -28.23 24.17
CA ASP C 52 3.16 -27.47 23.27
C ASP C 52 2.40 -26.38 22.53
N ASP C 53 1.08 -26.46 22.56
CA ASP C 53 0.26 -25.49 21.86
C ASP C 53 -0.42 -24.53 22.81
N LEU C 54 0.26 -23.44 23.16
CA LEU C 54 -0.34 -22.47 24.08
C LEU C 54 -1.33 -21.55 23.36
N LEU C 55 -1.58 -21.81 22.08
CA LEU C 55 -2.49 -20.97 21.31
C LEU C 55 -3.95 -21.43 21.39
N ASN C 56 -4.13 -22.69 21.78
CA ASN C 56 -5.46 -23.29 21.90
C ASN C 56 -5.69 -23.82 23.29
N PHE C 57 -6.83 -23.50 23.87
CA PHE C 57 -7.11 -24.01 25.20
C PHE C 57 -8.57 -23.79 25.51
N LYS C 58 -9.00 -24.29 26.64
CA LYS C 58 -10.39 -24.10 27.00
C LYS C 58 -10.50 -23.57 28.42
N LEU C 59 -11.52 -22.76 28.66
CA LEU C 59 -11.72 -22.19 29.99
C LEU C 59 -13.06 -22.69 30.53
N VAL C 60 -13.11 -22.92 31.84
CA VAL C 60 -14.33 -23.41 32.45
C VAL C 60 -14.72 -22.48 33.58
N ILE C 61 -15.95 -22.00 33.55
CA ILE C 61 -16.41 -21.12 34.61
C ILE C 61 -17.60 -21.69 35.36
N CYS C 62 -17.39 -21.91 36.65
CA CYS C 62 -18.43 -22.40 37.53
C CYS C 62 -18.70 -21.25 38.47
N PRO C 63 -19.59 -20.34 38.06
CA PRO C 63 -19.89 -19.19 38.92
C PRO C 63 -20.56 -19.58 40.23
N ASP C 64 -20.45 -18.72 41.24
CA ASP C 64 -21.06 -18.97 42.56
C ASP C 64 -21.91 -17.79 43.02
N GLU C 65 -22.42 -17.01 42.06
CA GLU C 65 -23.27 -15.86 42.36
C GLU C 65 -24.10 -15.53 41.15
N GLY C 66 -24.96 -14.52 41.28
CA GLY C 66 -25.80 -14.12 40.17
C GLY C 66 -26.69 -15.23 39.63
N PHE C 67 -27.42 -14.90 38.57
CA PHE C 67 -28.36 -15.82 37.94
C PHE C 67 -27.80 -17.16 37.48
N TYR C 68 -26.50 -17.29 37.31
CA TYR C 68 -25.98 -18.57 36.82
C TYR C 68 -25.27 -19.44 37.85
N LYS C 69 -25.25 -18.97 39.10
CA LYS C 69 -24.62 -19.73 40.17
C LYS C 69 -25.02 -21.22 40.07
N SER C 70 -24.03 -22.09 40.28
CA SER C 70 -24.23 -23.55 40.24
C SER C 70 -24.13 -24.19 38.86
N GLY C 71 -23.75 -23.41 37.86
CA GLY C 71 -23.62 -23.96 36.52
C GLY C 71 -22.18 -24.15 36.08
N LYS C 72 -22.00 -24.75 34.90
CA LYS C 72 -20.66 -24.96 34.34
C LYS C 72 -20.68 -24.52 32.89
N PHE C 73 -19.74 -23.65 32.52
CA PHE C 73 -19.67 -23.16 31.14
C PHE C 73 -18.27 -23.34 30.54
N VAL C 74 -18.24 -23.97 29.38
CA VAL C 74 -17.00 -24.26 28.68
C VAL C 74 -16.71 -23.33 27.49
N PHE C 75 -15.73 -22.45 27.66
CA PHE C 75 -15.33 -21.55 26.58
C PHE C 75 -14.04 -22.01 25.92
N SER C 76 -13.94 -21.89 24.60
CA SER C 76 -12.68 -22.25 23.95
C SER C 76 -12.05 -20.99 23.38
N PHE C 77 -10.72 -20.90 23.49
CA PHE C 77 -9.90 -19.78 23.02
C PHE C 77 -9.01 -20.20 21.87
N LYS C 78 -8.98 -19.38 20.83
CA LYS C 78 -8.11 -19.65 19.70
C LYS C 78 -7.34 -18.34 19.44
N VAL C 79 -6.06 -18.35 19.76
CA VAL C 79 -5.21 -17.18 19.57
C VAL C 79 -4.64 -17.22 18.15
N GLY C 80 -4.88 -16.16 17.40
CA GLY C 80 -4.41 -16.11 16.04
C GLY C 80 -3.02 -15.54 15.89
N GLN C 81 -2.54 -15.46 14.66
CA GLN C 81 -1.21 -14.94 14.41
C GLN C 81 -1.12 -13.44 14.45
N GLY C 82 -2.22 -12.77 14.80
CA GLY C 82 -2.18 -11.31 14.85
C GLY C 82 -2.22 -10.81 16.27
N TYR C 83 -2.15 -11.75 17.21
CA TYR C 83 -2.18 -11.44 18.63
C TYR C 83 -0.86 -10.73 18.94
N PRO C 84 -0.87 -9.69 19.79
CA PRO C 84 -1.99 -9.09 20.53
C PRO C 84 -2.68 -7.93 19.82
N HIS C 85 -2.44 -7.75 18.53
CA HIS C 85 -3.11 -6.66 17.84
C HIS C 85 -4.54 -7.04 17.54
N ASP C 86 -4.75 -8.33 17.29
CA ASP C 86 -6.07 -8.88 17.04
C ASP C 86 -6.41 -9.58 18.35
N PRO C 87 -7.69 -9.62 18.74
CA PRO C 87 -7.96 -10.32 20.00
C PRO C 87 -8.10 -11.82 19.72
N PRO C 88 -8.16 -12.64 20.77
CA PRO C 88 -8.29 -14.09 20.58
C PRO C 88 -9.73 -14.39 20.20
N LYS C 89 -9.92 -15.49 19.49
CA LYS C 89 -11.26 -15.90 19.09
C LYS C 89 -11.78 -16.72 20.28
N VAL C 90 -12.95 -16.36 20.80
CA VAL C 90 -13.50 -17.08 21.92
C VAL C 90 -14.91 -17.55 21.60
N LYS C 91 -15.12 -18.85 21.75
CA LYS C 91 -16.40 -19.47 21.47
C LYS C 91 -16.92 -20.23 22.69
N CYS C 92 -18.23 -20.16 22.90
CA CYS C 92 -18.84 -20.87 24.02
C CYS C 92 -19.33 -22.22 23.49
N GLU C 93 -19.04 -23.28 24.25
CA GLU C 93 -19.41 -24.61 23.83
C GLU C 93 -20.54 -25.19 24.67
N THR C 94 -20.93 -24.46 25.70
CA THR C 94 -21.98 -24.87 26.60
C THR C 94 -23.24 -24.14 26.18
N MET C 95 -24.30 -24.87 25.86
CA MET C 95 -25.54 -24.23 25.46
C MET C 95 -26.09 -23.47 26.66
N VAL C 96 -26.42 -22.21 26.47
CA VAL C 96 -26.95 -21.43 27.58
C VAL C 96 -27.85 -20.28 27.17
N TYR C 97 -28.74 -19.92 28.08
CA TYR C 97 -29.66 -18.82 27.89
C TYR C 97 -28.89 -17.65 28.50
N HIS C 98 -28.41 -16.77 27.64
CA HIS C 98 -27.65 -15.61 28.09
C HIS C 98 -27.82 -14.51 27.06
N PRO C 99 -28.01 -13.27 27.52
CA PRO C 99 -28.19 -12.10 26.65
C PRO C 99 -27.04 -11.85 25.66
N ASN C 100 -25.82 -12.21 26.07
CA ASN C 100 -24.65 -11.98 25.25
C ASN C 100 -24.07 -13.19 24.52
N ILE C 101 -24.75 -14.33 24.60
CA ILE C 101 -24.27 -15.55 23.94
C ILE C 101 -25.33 -16.18 23.05
N ASP C 102 -25.02 -16.38 21.78
CA ASP C 102 -25.99 -16.97 20.87
C ASP C 102 -25.87 -18.49 20.87
N LEU C 103 -26.75 -19.16 20.11
CA LEU C 103 -26.75 -20.61 20.04
C LEU C 103 -25.70 -21.20 19.12
N GLU C 104 -24.86 -20.35 18.55
CA GLU C 104 -23.81 -20.83 17.66
C GLU C 104 -22.53 -20.89 18.50
N GLY C 105 -22.59 -20.26 19.66
CA GLY C 105 -21.44 -20.26 20.55
C GLY C 105 -20.78 -18.89 20.58
N ASN C 106 -21.20 -18.01 19.69
CA ASN C 106 -20.63 -16.67 19.62
C ASN C 106 -20.91 -15.88 20.89
N VAL C 107 -19.88 -15.24 21.43
CA VAL C 107 -20.02 -14.45 22.65
C VAL C 107 -19.87 -12.95 22.31
N ALA C 108 -20.52 -12.10 23.10
CA ALA C 108 -20.43 -10.67 22.84
C ALA C 108 -19.86 -9.91 24.00
N LEU C 109 -18.54 -9.98 24.13
CA LEU C 109 -17.86 -9.25 25.18
C LEU C 109 -17.18 -8.06 24.47
N ASN C 110 -17.37 -6.86 25.01
CA ASN C 110 -16.81 -5.63 24.44
C ASN C 110 -15.32 -5.71 24.08
N ILE C 111 -14.48 -5.92 25.09
CA ILE C 111 -13.05 -6.00 24.88
C ILE C 111 -12.63 -7.09 23.91
N LEU C 112 -13.59 -7.85 23.40
CA LEU C 112 -13.25 -8.92 22.47
C LEU C 112 -13.59 -8.44 21.08
N ARG C 113 -14.22 -7.27 20.98
CA ARG C 113 -14.57 -6.76 19.68
C ARG C 113 -14.00 -5.39 19.36
N GLU C 114 -14.61 -4.34 19.91
CA GLU C 114 -14.15 -2.98 19.63
C GLU C 114 -13.24 -2.35 20.66
N ASP C 115 -13.41 -2.72 21.92
CA ASP C 115 -12.60 -2.18 23.01
C ASP C 115 -11.27 -2.93 23.18
N TRP C 116 -10.98 -3.86 22.27
CA TRP C 116 -9.74 -4.58 22.40
C TRP C 116 -8.55 -3.66 22.22
N LYS C 117 -7.51 -3.93 22.98
CA LYS C 117 -6.25 -3.19 22.97
C LYS C 117 -5.17 -4.21 23.31
N PRO C 118 -4.00 -4.13 22.64
CA PRO C 118 -2.90 -5.06 22.90
C PRO C 118 -2.34 -5.07 24.31
N VAL C 119 -2.72 -4.09 25.14
CA VAL C 119 -2.21 -4.07 26.51
C VAL C 119 -2.98 -5.10 27.34
N LEU C 120 -4.15 -5.47 26.83
CA LEU C 120 -5.01 -6.46 27.47
C LEU C 120 -4.36 -7.82 27.31
N THR C 121 -4.64 -8.71 28.27
CA THR C 121 -4.05 -10.04 28.24
C THR C 121 -5.14 -11.06 28.45
N ILE C 122 -4.76 -12.33 28.43
CA ILE C 122 -5.72 -13.40 28.66
C ILE C 122 -6.47 -13.16 29.97
N ASN C 123 -5.75 -12.77 31.01
CA ASN C 123 -6.40 -12.48 32.30
C ASN C 123 -7.58 -11.54 32.09
N SER C 124 -7.34 -10.44 31.37
CA SER C 124 -8.39 -9.45 31.09
C SER C 124 -9.64 -10.09 30.50
N ILE C 125 -9.45 -11.01 29.56
CA ILE C 125 -10.55 -11.71 28.92
C ILE C 125 -11.29 -12.63 29.88
N ILE C 126 -10.55 -13.37 30.70
CA ILE C 126 -11.17 -14.25 31.67
C ILE C 126 -11.99 -13.45 32.69
N TYR C 127 -11.51 -12.28 33.07
CA TYR C 127 -12.26 -11.49 34.02
C TYR C 127 -13.47 -10.91 33.31
N GLY C 128 -13.23 -10.36 32.13
CA GLY C 128 -14.33 -9.79 31.37
C GLY C 128 -15.45 -10.80 31.17
N LEU C 129 -15.08 -12.06 30.96
CA LEU C 129 -16.05 -13.15 30.76
C LEU C 129 -16.77 -13.50 32.05
N GLN C 130 -16.00 -13.70 33.11
CA GLN C 130 -16.55 -14.01 34.40
C GLN C 130 -17.61 -12.97 34.80
N TYR C 131 -17.27 -11.71 34.64
CA TYR C 131 -18.19 -10.63 34.99
C TYR C 131 -19.47 -10.67 34.15
N LEU C 132 -19.44 -11.36 32.99
CA LEU C 132 -20.62 -11.44 32.14
C LEU C 132 -21.74 -12.25 32.77
N PHE C 133 -21.36 -13.25 33.54
CA PHE C 133 -22.33 -14.10 34.19
C PHE C 133 -22.84 -13.45 35.47
N LEU C 134 -22.13 -12.44 35.95
CA LEU C 134 -22.60 -11.76 37.14
C LEU C 134 -23.68 -10.80 36.65
N GLU C 135 -23.35 -9.98 35.68
CA GLU C 135 -24.33 -9.03 35.17
C GLU C 135 -24.29 -8.92 33.64
N PRO C 136 -25.26 -9.54 32.96
CA PRO C 136 -25.33 -9.51 31.50
C PRO C 136 -25.49 -8.10 30.93
N ASN C 137 -25.02 -7.94 29.70
CA ASN C 137 -25.09 -6.67 29.00
C ASN C 137 -26.20 -6.66 27.94
N PRO C 138 -27.31 -5.95 28.21
CA PRO C 138 -28.42 -5.90 27.25
C PRO C 138 -28.21 -4.90 26.12
N GLU C 139 -27.00 -4.36 26.03
CA GLU C 139 -26.67 -3.37 25.01
C GLU C 139 -25.98 -3.98 23.80
N ASP C 140 -25.47 -5.19 23.95
CA ASP C 140 -24.82 -5.88 22.85
C ASP C 140 -25.36 -7.30 22.94
N PRO C 141 -26.66 -7.47 22.65
CA PRO C 141 -27.33 -8.75 22.71
C PRO C 141 -27.23 -9.63 21.46
N LEU C 142 -26.82 -10.87 21.67
CA LEU C 142 -26.75 -11.84 20.59
C LEU C 142 -28.03 -12.67 20.69
N ASN C 143 -28.71 -12.53 21.83
CA ASN C 143 -29.99 -13.19 22.11
C ASN C 143 -30.96 -12.11 22.55
N LYS C 144 -31.57 -11.44 21.58
CA LYS C 144 -32.49 -10.35 21.82
C LYS C 144 -33.51 -10.58 22.94
N GLU C 145 -34.30 -11.64 22.81
CA GLU C 145 -35.31 -11.96 23.81
C GLU C 145 -34.73 -12.06 25.21
N ALA C 146 -33.60 -12.73 25.31
CA ALA C 146 -32.92 -12.91 26.58
C ALA C 146 -32.60 -11.55 27.19
N ALA C 147 -32.19 -10.61 26.34
CA ALA C 147 -31.83 -9.25 26.77
C ALA C 147 -33.05 -8.45 27.25
N GLU C 148 -34.11 -8.48 26.45
CA GLU C 148 -35.36 -7.81 26.76
C GLU C 148 -35.84 -8.18 28.16
N VAL C 149 -36.01 -9.49 28.39
CA VAL C 149 -36.49 -9.97 29.69
C VAL C 149 -35.63 -9.43 30.82
N LEU C 150 -34.32 -9.46 30.64
CA LEU C 150 -33.41 -8.99 31.66
C LEU C 150 -33.67 -7.55 32.12
N GLN C 151 -34.10 -6.70 31.19
CA GLN C 151 -34.36 -5.29 31.51
C GLN C 151 -35.73 -5.06 32.13
N ASN C 152 -36.74 -5.51 31.42
CA ASN C 152 -38.12 -5.33 31.85
C ASN C 152 -38.50 -6.13 33.08
N ASN C 153 -38.35 -7.45 33.00
CA ASN C 153 -38.68 -8.30 34.13
C ASN C 153 -37.41 -8.97 34.63
N ARG C 154 -36.92 -8.48 35.76
CA ARG C 154 -35.70 -8.99 36.37
C ARG C 154 -35.86 -10.37 37.02
N ARG C 155 -37.04 -10.63 37.57
CA ARG C 155 -37.30 -11.90 38.24
C ARG C 155 -37.56 -13.04 37.25
N LEU C 156 -38.35 -12.75 36.21
CA LEU C 156 -38.67 -13.76 35.21
C LEU C 156 -37.35 -14.23 34.58
N PHE C 157 -36.47 -13.29 34.25
CA PHE C 157 -35.18 -13.61 33.67
C PHE C 157 -34.49 -14.66 34.53
N GLU C 158 -34.34 -14.33 35.81
CA GLU C 158 -33.72 -15.22 36.79
C GLU C 158 -34.36 -16.61 36.79
N GLN C 159 -35.68 -16.64 36.68
CA GLN C 159 -36.44 -17.88 36.64
C GLN C 159 -36.00 -18.64 35.39
N ASN C 160 -36.26 -18.04 34.22
CA ASN C 160 -35.90 -18.65 32.94
C ASN C 160 -34.48 -19.18 32.93
N VAL C 161 -33.60 -18.55 33.70
CA VAL C 161 -32.22 -18.98 33.76
C VAL C 161 -32.09 -20.31 34.50
N GLN C 162 -32.66 -20.37 35.69
CA GLN C 162 -32.59 -21.59 36.49
C GLN C 162 -33.22 -22.79 35.77
N ARG C 163 -34.38 -22.57 35.16
CA ARG C 163 -35.06 -23.63 34.44
C ARG C 163 -34.28 -24.14 33.23
N SER C 164 -33.53 -23.26 32.58
CA SER C 164 -32.76 -23.65 31.42
C SER C 164 -31.49 -24.40 31.82
N MET C 165 -30.94 -24.06 32.99
CA MET C 165 -29.74 -24.74 33.47
C MET C 165 -30.07 -26.16 33.89
N ARG C 166 -31.26 -26.33 34.49
CA ARG C 166 -31.72 -27.63 34.95
C ARG C 166 -32.07 -28.56 33.79
N GLY C 167 -32.31 -27.96 32.63
CA GLY C 167 -32.67 -28.73 31.46
C GLY C 167 -34.13 -28.44 31.26
N GLY C 168 -34.49 -27.93 30.09
CA GLY C 168 -35.89 -27.60 29.87
C GLY C 168 -36.06 -26.57 28.77
N TYR C 169 -37.28 -26.09 28.58
CA TYR C 169 -37.54 -25.12 27.53
C TYR C 169 -37.78 -23.69 28.00
N ILE C 170 -37.52 -22.78 27.06
CA ILE C 170 -37.75 -21.35 27.16
C ILE C 170 -38.40 -21.18 25.79
N GLY C 171 -39.63 -20.67 25.72
CA GLY C 171 -40.27 -20.55 24.44
C GLY C 171 -40.42 -21.91 23.77
N SER C 172 -39.73 -22.13 22.65
CA SER C 172 -39.82 -23.42 21.96
C SER C 172 -38.45 -23.99 21.65
N THR C 173 -37.49 -23.72 22.52
CA THR C 173 -36.13 -24.21 22.31
C THR C 173 -35.66 -24.89 23.58
N TYR C 174 -35.17 -26.12 23.43
CA TYR C 174 -34.71 -26.88 24.56
C TYR C 174 -33.27 -26.55 24.91
N PHE C 175 -33.06 -26.04 26.11
CA PHE C 175 -31.72 -25.74 26.56
C PHE C 175 -31.13 -26.90 27.32
N GLU C 176 -29.97 -27.37 26.86
CA GLU C 176 -29.27 -28.48 27.47
C GLU C 176 -28.89 -28.18 28.90
N ARG C 177 -29.04 -29.18 29.76
CA ARG C 177 -28.70 -29.06 31.18
C ARG C 177 -27.21 -28.75 31.27
N CYS C 178 -26.88 -27.69 32.02
CA CYS C 178 -25.50 -27.25 32.16
C CYS C 178 -25.07 -27.04 33.59
N LEU C 179 -25.72 -27.72 34.54
CA LEU C 179 -25.34 -27.55 35.95
C LEU C 179 -23.96 -28.12 36.23
N LYS C 180 -23.27 -27.50 37.17
CA LYS C 180 -21.94 -27.94 37.56
C LYS C 180 -22.02 -29.38 38.04
N MET D 6 15.06 34.83 22.91
CA MET D 6 15.54 33.91 21.83
C MET D 6 14.46 33.59 20.80
N LEU D 7 14.64 34.06 19.56
CA LEU D 7 13.66 33.78 18.52
C LEU D 7 14.02 32.54 17.71
N ILE D 8 13.04 31.66 17.53
CA ILE D 8 13.22 30.44 16.76
C ILE D 8 12.15 30.35 15.70
N LYS D 9 12.43 29.60 14.65
CA LYS D 9 11.48 29.43 13.57
C LYS D 9 10.93 28.00 13.55
N VAL D 10 9.64 27.87 13.29
CA VAL D 10 9.00 26.56 13.17
C VAL D 10 8.21 26.55 11.87
N LYS D 11 8.45 25.54 11.05
CA LYS D 11 7.73 25.43 9.78
C LYS D 11 6.57 24.46 9.92
N THR D 12 5.40 24.87 9.42
CA THR D 12 4.19 24.07 9.50
C THR D 12 4.14 23.01 8.40
N LEU D 13 3.07 22.21 8.41
CA LEU D 13 2.93 21.17 7.41
C LEU D 13 2.69 21.66 6.00
N THR D 14 2.64 22.97 5.82
CA THR D 14 2.43 23.56 4.50
C THR D 14 3.71 24.26 4.10
N GLY D 15 4.71 24.21 4.95
CA GLY D 15 5.95 24.87 4.61
C GLY D 15 5.99 26.30 5.07
N LYS D 16 4.88 26.79 5.65
CA LYS D 16 4.83 28.15 6.17
C LYS D 16 5.68 28.17 7.41
N GLU D 17 6.57 29.14 7.49
CA GLU D 17 7.48 29.26 8.62
C GLU D 17 7.09 30.46 9.44
N ILE D 18 6.90 30.28 10.74
CA ILE D 18 6.52 31.38 11.61
C ILE D 18 7.60 31.62 12.63
N GLU D 19 7.69 32.84 13.15
CA GLU D 19 8.68 33.18 14.16
C GLU D 19 8.04 33.22 15.53
N ILE D 20 8.70 32.59 16.48
CA ILE D 20 8.24 32.51 17.85
C ILE D 20 9.33 32.90 18.81
N ASP D 21 8.96 33.52 19.91
CA ASP D 21 9.92 33.90 20.94
C ASP D 21 9.81 32.91 22.09
N ILE D 22 10.93 32.27 22.39
CA ILE D 22 10.96 31.26 23.43
C ILE D 22 12.21 31.43 24.32
N GLU D 23 12.15 30.87 25.51
CA GLU D 23 13.27 30.94 26.44
C GLU D 23 13.76 29.52 26.71
N PRO D 24 15.10 29.33 26.77
CA PRO D 24 15.74 28.03 27.02
C PRO D 24 15.08 27.19 28.09
N THR D 25 14.42 27.85 29.03
CA THR D 25 13.77 27.16 30.13
C THR D 25 12.33 26.71 29.83
N ASP D 26 11.74 27.24 28.76
CA ASP D 26 10.36 26.89 28.36
C ASP D 26 10.14 25.41 28.01
N LYS D 27 8.94 24.92 28.31
CA LYS D 27 8.60 23.54 28.01
C LYS D 27 8.16 23.37 26.54
N VAL D 28 8.37 22.18 25.98
CA VAL D 28 8.00 21.90 24.59
C VAL D 28 6.52 22.12 24.29
N GLU D 29 5.63 21.87 25.25
CA GLU D 29 4.22 22.07 24.99
C GLU D 29 3.92 23.55 24.92
N ARG D 30 4.81 24.35 25.48
CA ARG D 30 4.61 25.79 25.46
C ARG D 30 4.93 26.24 24.03
N ILE D 31 5.99 25.67 23.45
CA ILE D 31 6.35 26.03 22.08
C ILE D 31 5.10 25.80 21.22
N LYS D 32 4.47 24.66 21.43
CA LYS D 32 3.26 24.31 20.70
C LYS D 32 2.20 25.38 20.91
N GLU D 33 1.99 25.78 22.16
CA GLU D 33 1.00 26.82 22.43
C GLU D 33 1.35 28.07 21.66
N ARG D 34 2.63 28.45 21.67
CA ARG D 34 3.03 29.64 20.94
C ARG D 34 2.70 29.49 19.47
N VAL D 35 2.87 28.27 18.94
CA VAL D 35 2.54 28.00 17.54
C VAL D 35 1.03 28.17 17.34
N GLU D 36 0.21 27.55 18.19
CA GLU D 36 -1.24 27.66 18.08
C GLU D 36 -1.78 29.08 18.12
N GLU D 37 -1.11 29.93 18.90
CA GLU D 37 -1.49 31.31 19.07
C GLU D 37 -1.50 32.01 17.72
N LYS D 38 -0.48 31.74 16.92
CA LYS D 38 -0.35 32.37 15.61
C LYS D 38 -1.00 31.61 14.44
N GLU D 39 -1.04 30.28 14.51
CA GLU D 39 -1.59 29.51 13.41
C GLU D 39 -2.88 28.76 13.64
N GLY D 40 -3.30 28.64 14.89
CA GLY D 40 -4.54 27.92 15.14
C GLY D 40 -4.41 26.42 15.12
N ILE D 41 -3.18 25.91 15.03
CA ILE D 41 -2.94 24.47 15.01
C ILE D 41 -2.98 23.88 16.43
N PRO D 42 -4.06 23.17 16.77
CA PRO D 42 -4.24 22.55 18.08
C PRO D 42 -3.00 21.82 18.50
N PRO D 43 -2.39 22.24 19.61
CA PRO D 43 -1.17 21.55 20.04
C PRO D 43 -1.33 20.03 20.17
N GLN D 44 -2.56 19.54 20.29
CA GLN D 44 -2.76 18.10 20.40
C GLN D 44 -2.32 17.37 19.14
N GLN D 45 -2.43 18.04 18.00
CA GLN D 45 -2.03 17.40 16.77
C GLN D 45 -0.67 17.83 16.24
N GLN D 46 0.12 18.50 17.09
CA GLN D 46 1.44 18.93 16.68
C GLN D 46 2.48 17.88 17.00
N ARG D 47 3.39 17.66 16.07
CA ARG D 47 4.49 16.72 16.23
C ARG D 47 5.70 17.50 15.75
N LEU D 48 6.58 17.84 16.70
CA LEU D 48 7.75 18.65 16.40
C LEU D 48 9.03 17.88 16.29
N ILE D 49 9.80 18.23 15.27
CA ILE D 49 11.05 17.56 15.06
C ILE D 49 12.13 18.62 15.20
N TYR D 50 13.28 18.20 15.71
CA TYR D 50 14.44 19.07 15.83
C TYR D 50 15.64 18.16 15.80
N SER D 51 16.47 18.35 14.78
CA SER D 51 17.65 17.53 14.59
C SER D 51 17.34 16.04 14.65
N GLY D 52 16.27 15.62 13.98
CA GLY D 52 15.89 14.21 13.94
C GLY D 52 15.15 13.62 15.13
N LYS D 53 15.02 14.39 16.20
CA LYS D 53 14.34 13.92 17.39
C LYS D 53 12.94 14.51 17.49
N GLN D 54 11.98 13.75 17.98
CA GLN D 54 10.67 14.35 18.12
C GLN D 54 10.53 14.75 19.57
N MET D 55 10.33 16.04 19.77
CA MET D 55 10.23 16.67 21.07
C MET D 55 9.12 16.25 22.00
N ASN D 56 9.51 15.80 23.19
CA ASN D 56 8.61 15.36 24.25
C ASN D 56 8.01 16.62 24.88
N ASP D 57 6.73 16.57 25.26
CA ASP D 57 6.09 17.75 25.85
C ASP D 57 6.70 18.19 27.19
N GLU D 58 7.24 17.22 27.93
CA GLU D 58 7.83 17.47 29.23
C GLU D 58 9.20 18.11 29.16
N LYS D 59 10.01 17.69 28.21
CA LYS D 59 11.35 18.25 28.08
C LYS D 59 11.32 19.74 27.75
N THR D 60 12.46 20.38 27.87
CA THR D 60 12.53 21.81 27.65
C THR D 60 13.37 22.19 26.45
N ALA D 61 13.21 23.43 26.00
CA ALA D 61 13.95 23.93 24.84
C ALA D 61 15.42 23.72 25.02
N ALA D 62 15.84 23.65 26.28
CA ALA D 62 17.24 23.47 26.62
C ALA D 62 17.73 22.04 26.36
N ASP D 63 16.98 21.08 26.87
CA ASP D 63 17.31 19.67 26.70
C ASP D 63 17.58 19.30 25.25
N TYR D 64 16.98 20.04 24.32
CA TYR D 64 17.19 19.75 22.91
C TYR D 64 18.21 20.71 22.32
N LYS D 65 18.82 21.52 23.19
CA LYS D 65 19.84 22.46 22.78
C LYS D 65 19.44 23.31 21.57
N ILE D 66 18.27 23.93 21.66
CA ILE D 66 17.75 24.80 20.60
C ILE D 66 18.47 26.14 20.66
N LEU D 67 19.16 26.47 19.59
CA LEU D 67 19.90 27.73 19.50
C LEU D 67 19.06 28.86 18.90
N GLY D 68 19.66 30.04 18.84
CA GLY D 68 18.99 31.21 18.31
C GLY D 68 18.14 30.97 17.08
N GLY D 69 18.74 31.12 15.91
CA GLY D 69 17.99 30.93 14.66
C GLY D 69 17.73 29.49 14.23
N SER D 70 17.43 28.62 15.20
CA SER D 70 17.13 27.22 14.89
C SER D 70 15.76 27.14 14.23
N VAL D 71 15.58 26.07 13.47
CA VAL D 71 14.32 25.87 12.78
C VAL D 71 13.65 24.57 13.22
N LEU D 72 12.41 24.66 13.66
CA LEU D 72 11.68 23.47 14.07
C LEU D 72 10.69 23.14 12.96
N HIS D 73 10.38 21.86 12.78
CA HIS D 73 9.42 21.45 11.76
C HIS D 73 8.30 20.64 12.35
N LEU D 74 7.07 20.95 11.94
CA LEU D 74 5.91 20.19 12.37
C LEU D 74 5.88 19.03 11.37
N VAL D 75 5.51 17.84 11.82
CA VAL D 75 5.50 16.67 10.96
C VAL D 75 4.27 15.79 11.18
N LEU D 76 4.12 14.74 10.36
CA LEU D 76 2.98 13.84 10.47
C LEU D 76 3.21 12.49 9.80
N ALA D 77 2.37 11.51 10.15
CA ALA D 77 2.44 10.18 9.55
C ALA D 77 1.02 9.90 9.13
N LEU D 78 0.85 9.57 7.86
CA LEU D 78 -0.48 9.32 7.34
C LEU D 78 -0.72 7.84 7.26
N ARG D 79 -1.95 7.43 7.51
CA ARG D 79 -2.24 6.01 7.58
C ARG D 79 -2.98 5.39 6.43
N GLY D 80 -3.46 6.24 5.52
CA GLY D 80 -4.17 5.72 4.37
C GLY D 80 -3.20 4.93 3.52
N GLY D 81 -3.70 3.98 2.76
CA GLY D 81 -2.81 3.20 1.92
C GLY D 81 -2.89 3.76 0.52
N MET E 6 4.16 -2.75 53.59
CA MET E 6 2.70 -2.89 53.87
C MET E 6 1.95 -3.47 52.66
N LEU E 7 0.75 -3.98 52.88
CA LEU E 7 0.00 -4.59 51.77
C LEU E 7 -1.44 -4.13 51.58
N ILE E 8 -1.77 -3.77 50.34
CA ILE E 8 -3.10 -3.31 49.98
C ILE E 8 -3.47 -3.75 48.55
N LYS E 9 -4.77 -3.97 48.33
CA LYS E 9 -5.27 -4.38 47.02
C LYS E 9 -6.49 -3.55 46.62
N VAL E 10 -6.63 -3.28 45.32
CA VAL E 10 -7.76 -2.51 44.78
C VAL E 10 -8.56 -3.39 43.81
N LYS E 11 -9.79 -3.71 44.21
CA LYS E 11 -10.65 -4.56 43.41
C LYS E 11 -11.17 -3.89 42.16
N THR E 12 -10.56 -4.24 41.02
CA THR E 12 -11.00 -3.70 39.75
C THR E 12 -12.29 -4.50 39.54
N LEU E 13 -13.30 -3.87 38.96
CA LEU E 13 -14.59 -4.52 38.78
C LEU E 13 -14.73 -5.92 38.23
N THR E 14 -14.24 -6.16 37.03
CA THR E 14 -14.41 -7.49 36.45
C THR E 14 -13.96 -8.59 37.39
N GLY E 15 -13.65 -8.20 38.63
CA GLY E 15 -13.28 -9.16 39.66
C GLY E 15 -11.86 -9.23 40.14
N LYS E 16 -10.99 -8.31 39.75
CA LYS E 16 -9.62 -8.40 40.18
C LYS E 16 -9.13 -7.36 41.19
N GLU E 17 -8.63 -7.86 42.32
CA GLU E 17 -8.09 -7.02 43.38
C GLU E 17 -6.57 -6.93 43.13
N ILE E 18 -6.14 -5.79 42.59
CA ILE E 18 -4.75 -5.55 42.21
C ILE E 18 -3.75 -5.16 43.31
N GLU E 19 -2.80 -6.05 43.56
CA GLU E 19 -1.76 -5.79 44.56
C GLU E 19 -0.72 -4.85 43.97
N ILE E 20 -0.85 -3.59 44.34
CA ILE E 20 0.04 -2.50 43.92
C ILE E 20 0.55 -2.07 45.30
N ASP E 21 1.06 -3.05 46.05
CA ASP E 21 1.57 -2.84 47.39
C ASP E 21 2.03 -1.41 47.62
N ILE E 22 1.57 -0.84 48.73
CA ILE E 22 1.85 0.54 49.06
C ILE E 22 2.29 0.89 50.49
N GLU E 23 2.89 2.08 50.60
CA GLU E 23 3.34 2.65 51.86
C GLU E 23 2.26 3.62 52.34
N PRO E 24 2.33 4.02 53.63
CA PRO E 24 1.35 4.95 54.23
C PRO E 24 1.44 6.38 53.69
N THR E 25 2.62 6.97 53.76
CA THR E 25 2.86 8.34 53.30
C THR E 25 2.63 8.56 51.80
N ASP E 26 2.34 7.48 51.07
CA ASP E 26 2.07 7.57 49.64
C ASP E 26 0.74 8.27 49.43
N LYS E 27 0.69 9.17 48.44
CA LYS E 27 -0.55 9.87 48.13
C LYS E 27 -1.40 8.95 47.26
N VAL E 28 -2.72 9.10 47.35
CA VAL E 28 -3.69 8.29 46.59
C VAL E 28 -3.36 8.29 45.09
N GLU E 29 -2.75 9.39 44.63
CA GLU E 29 -2.37 9.62 43.23
C GLU E 29 -1.31 8.69 42.62
N ARG E 30 -0.52 8.03 43.47
CA ARG E 30 0.54 7.15 42.97
C ARG E 30 0.03 5.76 42.58
N ILE E 31 -1.07 5.35 43.19
CA ILE E 31 -1.66 4.04 42.91
C ILE E 31 -2.14 4.03 41.46
N LYS E 32 -3.08 4.93 41.16
CA LYS E 32 -3.65 5.07 39.84
C LYS E 32 -2.60 4.86 38.73
N GLU E 33 -1.39 5.37 38.96
CA GLU E 33 -0.28 5.24 38.01
C GLU E 33 0.14 3.79 37.75
N ARG E 34 -0.07 2.90 38.72
CA ARG E 34 0.28 1.50 38.55
C ARG E 34 -0.99 0.73 38.18
N VAL E 35 -2.12 1.26 38.63
CA VAL E 35 -3.44 0.72 38.27
C VAL E 35 -3.31 0.98 36.75
N GLU E 36 -2.53 2.03 36.41
CA GLU E 36 -2.29 2.44 35.03
C GLU E 36 -1.17 1.65 34.32
N GLU E 37 -0.29 1.00 35.08
CA GLU E 37 0.75 0.23 34.39
C GLU E 37 0.23 -1.18 34.17
N LYS E 38 0.33 -2.03 35.19
CA LYS E 38 -0.15 -3.41 35.07
C LYS E 38 -1.49 -3.48 34.37
N GLU E 39 -2.28 -2.41 34.48
CA GLU E 39 -3.59 -2.38 33.82
C GLU E 39 -3.71 -1.32 32.73
N GLY E 40 -2.96 -0.24 32.85
CA GLY E 40 -3.00 0.78 31.81
C GLY E 40 -4.10 1.81 31.87
N ILE E 41 -4.76 1.91 33.01
CA ILE E 41 -5.85 2.87 33.16
C ILE E 41 -5.24 4.20 33.63
N PRO E 42 -5.54 5.31 32.93
CA PRO E 42 -4.99 6.61 33.34
C PRO E 42 -5.56 7.00 34.70
N PRO E 43 -4.74 7.59 35.60
CA PRO E 43 -5.18 8.01 36.94
C PRO E 43 -6.40 8.90 36.90
N GLN E 44 -6.44 9.78 35.91
CA GLN E 44 -7.55 10.71 35.75
C GLN E 44 -8.90 9.99 35.61
N GLN E 45 -9.01 9.05 34.67
CA GLN E 45 -10.25 8.31 34.51
C GLN E 45 -10.33 7.25 35.62
N GLN E 46 -10.08 7.67 36.87
CA GLN E 46 -10.11 6.74 38.00
C GLN E 46 -10.54 7.34 39.31
N ARG E 47 -11.73 6.94 39.74
CA ARG E 47 -12.32 7.36 41.00
C ARG E 47 -12.26 6.12 41.88
N LEU E 48 -11.86 6.32 43.14
CA LEU E 48 -11.70 5.25 44.12
C LEU E 48 -12.53 5.51 45.38
N ILE E 49 -13.35 4.53 45.77
CA ILE E 49 -14.20 4.64 46.96
C ILE E 49 -13.79 3.67 48.08
N TYR E 50 -13.35 4.21 49.22
CA TYR E 50 -12.95 3.36 50.33
C TYR E 50 -13.94 3.45 51.51
N SER E 51 -15.10 4.08 51.33
CA SER E 51 -16.03 4.18 52.45
C SER E 51 -17.31 4.99 52.17
N GLY E 52 -17.60 5.22 50.90
CA GLY E 52 -18.75 6.01 50.51
C GLY E 52 -18.09 7.28 50.01
N LYS E 53 -17.09 7.70 50.76
CA LYS E 53 -16.28 8.86 50.43
C LYS E 53 -15.18 8.27 49.55
N GLN E 54 -15.08 8.80 48.33
CA GLN E 54 -14.05 8.33 47.43
C GLN E 54 -12.82 9.17 47.73
N MET E 55 -11.70 8.50 47.94
CA MET E 55 -10.44 9.15 48.28
C MET E 55 -10.01 10.33 47.40
N ASN E 56 -9.44 11.34 48.06
CA ASN E 56 -8.97 12.55 47.40
C ASN E 56 -7.50 12.35 47.02
N ASP E 57 -7.19 12.55 45.72
CA ASP E 57 -5.84 12.41 45.17
C ASP E 57 -4.77 12.87 46.15
N GLU E 58 -4.74 14.19 46.32
CA GLU E 58 -3.81 14.90 47.20
C GLU E 58 -3.56 14.28 48.57
N LYS E 59 -4.53 13.51 49.08
CA LYS E 59 -4.38 12.87 50.39
C LYS E 59 -3.50 11.62 50.35
N THR E 60 -3.11 11.16 51.53
CA THR E 60 -2.25 9.98 51.64
C THR E 60 -3.03 8.75 52.13
N ALA E 61 -2.40 7.59 52.03
CA ALA E 61 -3.02 6.34 52.46
C ALA E 61 -3.34 6.41 53.95
N ALA E 62 -2.46 7.04 54.71
CA ALA E 62 -2.65 7.19 56.15
C ALA E 62 -3.92 7.95 56.54
N ASP E 63 -4.37 8.86 55.67
CA ASP E 63 -5.56 9.69 55.93
C ASP E 63 -6.91 8.96 55.93
N TYR E 64 -6.87 7.63 55.95
CA TYR E 64 -8.10 6.83 55.92
C TYR E 64 -8.05 5.56 56.80
N LYS E 65 -7.46 5.68 57.99
CA LYS E 65 -7.33 4.56 58.92
C LYS E 65 -7.12 3.25 58.17
N ILE E 66 -6.09 3.23 57.34
CA ILE E 66 -5.76 2.08 56.51
C ILE E 66 -4.66 1.22 57.15
N LEU E 67 -5.03 0.03 57.61
CA LEU E 67 -4.09 -0.89 58.24
C LEU E 67 -3.56 -1.90 57.21
N GLY E 68 -2.68 -2.80 57.65
CA GLY E 68 -2.11 -3.81 56.76
C GLY E 68 -3.07 -4.88 56.25
N GLY E 69 -4.29 -4.46 55.92
CA GLY E 69 -5.31 -5.37 55.41
C GLY E 69 -6.43 -4.65 54.66
N SER E 70 -6.06 -3.67 53.84
CA SER E 70 -7.03 -2.87 53.08
C SER E 70 -7.31 -3.28 51.63
N VAL E 71 -8.54 -3.69 51.40
CA VAL E 71 -9.03 -4.08 50.07
C VAL E 71 -9.71 -2.78 49.62
N LEU E 72 -9.66 -2.49 48.33
CA LEU E 72 -10.27 -1.28 47.79
C LEU E 72 -11.12 -1.68 46.60
N HIS E 73 -11.88 -0.73 46.05
CA HIS E 73 -12.72 -0.99 44.89
C HIS E 73 -12.56 0.20 43.96
N LEU E 74 -12.53 -0.07 42.65
CA LEU E 74 -12.34 0.97 41.65
C LEU E 74 -13.51 1.26 40.71
N VAL E 75 -13.79 2.56 40.55
CA VAL E 75 -14.83 3.05 39.66
C VAL E 75 -14.17 4.08 38.74
N LEU E 76 -13.99 3.69 37.49
CA LEU E 76 -13.36 4.53 36.49
C LEU E 76 -14.33 5.65 36.11
N ALA E 77 -13.81 6.86 35.97
CA ALA E 77 -14.61 8.03 35.63
C ALA E 77 -15.15 8.03 34.20
N LEU E 78 -16.48 8.20 34.09
CA LEU E 78 -17.15 8.23 32.78
C LEU E 78 -16.76 9.62 32.21
N ARG E 79 -15.49 9.70 31.80
CA ARG E 79 -14.89 10.90 31.29
C ARG E 79 -15.12 11.19 29.81
N GLY E 80 -14.65 12.36 29.38
CA GLY E 80 -14.88 12.79 28.03
C GLY E 80 -16.35 13.22 28.07
N GLY E 81 -16.68 14.31 27.39
CA GLY E 81 -18.06 14.76 27.37
C GLY E 81 -19.03 13.67 27.70
#